data_6JUE
# 
_entry.id   6JUE 
# 
_audit_conform.dict_name       mmcif_pdbx.dic 
_audit_conform.dict_version    5.380 
_audit_conform.dict_location   http://mmcif.pdb.org/dictionaries/ascii/mmcif_pdbx.dic 
# 
loop_
_database_2.database_id 
_database_2.database_code 
_database_2.pdbx_database_accession 
_database_2.pdbx_DOI 
PDB   6JUE         pdb_00006jue 10.2210/pdb6jue/pdb 
WWPDB D_1300011822 ?            ?                   
# 
_pdbx_database_status.status_code                     REL 
_pdbx_database_status.status_code_sf                  REL 
_pdbx_database_status.status_code_mr                  ? 
_pdbx_database_status.entry_id                        6JUE 
_pdbx_database_status.recvd_initial_deposition_date   2019-04-13 
_pdbx_database_status.SG_entry                        N 
_pdbx_database_status.deposit_site                    PDBJ 
_pdbx_database_status.process_site                    PDBJ 
_pdbx_database_status.status_code_cs                  ? 
_pdbx_database_status.methods_development_category    ? 
_pdbx_database_status.pdb_format_compatible           Y 
_pdbx_database_status.status_code_nmr_data            ? 
# 
_audit_author.name               'Liu, Z.' 
_audit_author.pdbx_ordinal       1 
_audit_author.identifier_ORCID   0000-0002-9236-0382 
# 
_citation.abstract                  ? 
_citation.abstract_id_CAS           ? 
_citation.book_id_ISBN              ? 
_citation.book_publisher            ? 
_citation.book_publisher_city       ? 
_citation.book_title                ? 
_citation.coordinate_linkage        ? 
_citation.country                   UK 
_citation.database_id_Medline       ? 
_citation.details                   ? 
_citation.id                        primary 
_citation.journal_abbrev            'Nat Commun' 
_citation.journal_id_ASTM           ? 
_citation.journal_id_CSD            ? 
_citation.journal_id_ISSN           2041-1723 
_citation.journal_full              ? 
_citation.journal_issue             ? 
_citation.journal_volume            11 
_citation.language                  ? 
_citation.page_first                2266 
_citation.page_last                 2266 
_citation.title                     'Par complex cluster formation mediated by phase separation.' 
_citation.year                      2020 
_citation.database_id_CSD           ? 
_citation.pdbx_database_id_DOI      10.1038/s41467-020-16135-6 
_citation.pdbx_database_id_PubMed   32385244 
_citation.unpublished_flag          ? 
# 
loop_
_citation_author.citation_id 
_citation_author.name 
_citation_author.ordinal 
_citation_author.identifier_ORCID 
primary 'Liu, Z.'   1  ?                   
primary 'Yang, Y.'  2  ?                   
primary 'Gu, A.'    3  ?                   
primary 'Xu, J.'    4  ?                   
primary 'Mao, Y.'   5  ?                   
primary 'Lu, H.'    6  ?                   
primary 'Hu, W.'    7  0000-0002-7397-6800 
primary 'Lei, Q.Y.' 8  0000-0002-8547-8518 
primary 'Li, Z.'    9  0000-0002-7660-8579 
primary 'Zhang, M.' 10 0000-0001-9404-0190 
primary 'Cai, Y.'   11 0000-0003-2044-3290 
primary 'Wen, W.'   12 0000-0002-0798-4730 
# 
_cell.angle_alpha                  90.00 
_cell.angle_alpha_esd              ? 
_cell.angle_beta                   90.00 
_cell.angle_beta_esd               ? 
_cell.angle_gamma                  120.00 
_cell.angle_gamma_esd              ? 
_cell.entry_id                     6JUE 
_cell.details                      ? 
_cell.formula_units_Z              ? 
_cell.length_a                     57.454 
_cell.length_a_esd                 ? 
_cell.length_b                     57.454 
_cell.length_b_esd                 ? 
_cell.length_c                     52.313 
_cell.length_c_esd                 ? 
_cell.volume                       ? 
_cell.volume_esd                   ? 
_cell.Z_PDB                        6 
_cell.reciprocal_angle_alpha       ? 
_cell.reciprocal_angle_beta        ? 
_cell.reciprocal_angle_gamma       ? 
_cell.reciprocal_angle_alpha_esd   ? 
_cell.reciprocal_angle_beta_esd    ? 
_cell.reciprocal_angle_gamma_esd   ? 
_cell.reciprocal_length_a          ? 
_cell.reciprocal_length_b          ? 
_cell.reciprocal_length_c          ? 
_cell.reciprocal_length_a_esd      ? 
_cell.reciprocal_length_b_esd      ? 
_cell.reciprocal_length_c_esd      ? 
_cell.pdbx_unique_axis             ? 
# 
_symmetry.entry_id                         6JUE 
_symmetry.cell_setting                     ? 
_symmetry.Int_Tables_number                173 
_symmetry.space_group_name_Hall            ? 
_symmetry.space_group_name_H-M             'P 63' 
_symmetry.pdbx_full_space_group_name_H-M   ? 
# 
loop_
_entity.id 
_entity.type 
_entity.src_method 
_entity.pdbx_description 
_entity.formula_weight 
_entity.pdbx_number_of_molecules 
_entity.pdbx_ec 
_entity.pdbx_mutation 
_entity.pdbx_fragment 
_entity.details 
1 polymer     man 'Partitioning defective 3 homolog' 11717.232 1  ? ? 'UNP residues 582-685' ? 
2 polymer     syn THR-ILE-ILE-THR-LEU                1103.221  1  ? ? ?                      ? 
3 non-polymer syn 'SULFATE ION'                      96.063    3  ? ? ?                      ? 
4 water       nat water                              18.015    29 ? ? ?                      ? 
# 
loop_
_entity_poly.entity_id 
_entity_poly.type 
_entity_poly.nstd_linkage 
_entity_poly.nstd_monomer 
_entity_poly.pdbx_seq_one_letter_code 
_entity_poly.pdbx_seq_one_letter_code_can 
_entity_poly.pdbx_strand_id 
_entity_poly.pdbx_target_identifier 
1 'polypeptide(L)' no no 
;GPGSEFGTREFLTFEVPLNDSGSAGLGVSVKGNRSKENHADLGIFVKSIINGGAASKDGRLRVNDQLIAVNGESLLGKAN
QEAMETLRRSMSTEGNKRGMIQLIVARRIS
;
;GPGSEFGTREFLTFEVPLNDSGSAGLGVSVKGNRSKENHADLGIFVKSIINGGAASKDGRLRVNDQLIAVNGESLLGKAN
QEAMETLRRSMSTEGNKRGMIQLIVARRIS
;
L ? 
2 'polypeptide(L)' no no LEEDGTIITL LEEDGTIITL A ? 
# 
loop_
_entity_poly_seq.entity_id 
_entity_poly_seq.num 
_entity_poly_seq.mon_id 
_entity_poly_seq.hetero 
1 1   GLY n 
1 2   PRO n 
1 3   GLY n 
1 4   SER n 
1 5   GLU n 
1 6   PHE n 
1 7   GLY n 
1 8   THR n 
1 9   ARG n 
1 10  GLU n 
1 11  PHE n 
1 12  LEU n 
1 13  THR n 
1 14  PHE n 
1 15  GLU n 
1 16  VAL n 
1 17  PRO n 
1 18  LEU n 
1 19  ASN n 
1 20  ASP n 
1 21  SER n 
1 22  GLY n 
1 23  SER n 
1 24  ALA n 
1 25  GLY n 
1 26  LEU n 
1 27  GLY n 
1 28  VAL n 
1 29  SER n 
1 30  VAL n 
1 31  LYS n 
1 32  GLY n 
1 33  ASN n 
1 34  ARG n 
1 35  SER n 
1 36  LYS n 
1 37  GLU n 
1 38  ASN n 
1 39  HIS n 
1 40  ALA n 
1 41  ASP n 
1 42  LEU n 
1 43  GLY n 
1 44  ILE n 
1 45  PHE n 
1 46  VAL n 
1 47  LYS n 
1 48  SER n 
1 49  ILE n 
1 50  ILE n 
1 51  ASN n 
1 52  GLY n 
1 53  GLY n 
1 54  ALA n 
1 55  ALA n 
1 56  SER n 
1 57  LYS n 
1 58  ASP n 
1 59  GLY n 
1 60  ARG n 
1 61  LEU n 
1 62  ARG n 
1 63  VAL n 
1 64  ASN n 
1 65  ASP n 
1 66  GLN n 
1 67  LEU n 
1 68  ILE n 
1 69  ALA n 
1 70  VAL n 
1 71  ASN n 
1 72  GLY n 
1 73  GLU n 
1 74  SER n 
1 75  LEU n 
1 76  LEU n 
1 77  GLY n 
1 78  LYS n 
1 79  ALA n 
1 80  ASN n 
1 81  GLN n 
1 82  GLU n 
1 83  ALA n 
1 84  MET n 
1 85  GLU n 
1 86  THR n 
1 87  LEU n 
1 88  ARG n 
1 89  ARG n 
1 90  SER n 
1 91  MET n 
1 92  SER n 
1 93  THR n 
1 94  GLU n 
1 95  GLY n 
1 96  ASN n 
1 97  LYS n 
1 98  ARG n 
1 99  GLY n 
1 100 MET n 
1 101 ILE n 
1 102 GLN n 
1 103 LEU n 
1 104 ILE n 
1 105 VAL n 
1 106 ALA n 
1 107 ARG n 
1 108 ARG n 
1 109 ILE n 
1 110 SER n 
2 1   LEU n 
2 2   GLU n 
2 3   GLU n 
2 4   ASP n 
2 5   GLY n 
2 6   THR n 
2 7   ILE n 
2 8   ILE n 
2 9   THR n 
2 10  LEU n 
# 
_entity_src_gen.entity_id                          1 
_entity_src_gen.pdbx_src_id                        1 
_entity_src_gen.pdbx_alt_source_flag               sample 
_entity_src_gen.pdbx_seq_type                      'Biological sequence' 
_entity_src_gen.pdbx_beg_seq_num                   1 
_entity_src_gen.pdbx_end_seq_num                   110 
_entity_src_gen.gene_src_common_name               Rat 
_entity_src_gen.gene_src_genus                     ? 
_entity_src_gen.pdbx_gene_src_gene                 ? 
_entity_src_gen.gene_src_species                   ? 
_entity_src_gen.gene_src_strain                    ? 
_entity_src_gen.gene_src_tissue                    ? 
_entity_src_gen.gene_src_tissue_fraction           ? 
_entity_src_gen.gene_src_details                   ? 
_entity_src_gen.pdbx_gene_src_fragment             ? 
_entity_src_gen.pdbx_gene_src_scientific_name      'Rattus norvegicus' 
_entity_src_gen.pdbx_gene_src_ncbi_taxonomy_id     10116 
_entity_src_gen.pdbx_gene_src_variant              ? 
_entity_src_gen.pdbx_gene_src_cell_line            ? 
_entity_src_gen.pdbx_gene_src_atcc                 ? 
_entity_src_gen.pdbx_gene_src_organ                ? 
_entity_src_gen.pdbx_gene_src_organelle            ? 
_entity_src_gen.pdbx_gene_src_cell                 ? 
_entity_src_gen.pdbx_gene_src_cellular_location    ? 
_entity_src_gen.host_org_common_name               ? 
_entity_src_gen.pdbx_host_org_scientific_name      'Escherichia coli' 
_entity_src_gen.pdbx_host_org_ncbi_taxonomy_id     562 
_entity_src_gen.host_org_genus                     ? 
_entity_src_gen.pdbx_host_org_gene                 ? 
_entity_src_gen.pdbx_host_org_organ                ? 
_entity_src_gen.host_org_species                   ? 
_entity_src_gen.pdbx_host_org_tissue               ? 
_entity_src_gen.pdbx_host_org_tissue_fraction      ? 
_entity_src_gen.pdbx_host_org_strain               ? 
_entity_src_gen.pdbx_host_org_variant              ? 
_entity_src_gen.pdbx_host_org_cell_line            ? 
_entity_src_gen.pdbx_host_org_atcc                 ? 
_entity_src_gen.pdbx_host_org_culture_collection   ? 
_entity_src_gen.pdbx_host_org_cell                 ? 
_entity_src_gen.pdbx_host_org_organelle            ? 
_entity_src_gen.pdbx_host_org_cellular_location    ? 
_entity_src_gen.pdbx_host_org_vector_type          ? 
_entity_src_gen.pdbx_host_org_vector               ? 
_entity_src_gen.host_org_details                   ? 
_entity_src_gen.expression_system_id               ? 
_entity_src_gen.plasmid_name                       ? 
_entity_src_gen.plasmid_details                    ? 
_entity_src_gen.pdbx_description                   ? 
# 
_pdbx_entity_src_syn.entity_id              2 
_pdbx_entity_src_syn.pdbx_src_id            1 
_pdbx_entity_src_syn.pdbx_alt_source_flag   sample 
_pdbx_entity_src_syn.pdbx_beg_seq_num       1 
_pdbx_entity_src_syn.pdbx_end_seq_num       10 
_pdbx_entity_src_syn.organism_scientific    'Mus musculus' 
_pdbx_entity_src_syn.organism_common_name   ? 
_pdbx_entity_src_syn.ncbi_taxonomy_id       10090 
_pdbx_entity_src_syn.details                ? 
# 
loop_
_struct_ref.id 
_struct_ref.db_name 
_struct_ref.db_code 
_struct_ref.pdbx_db_accession 
_struct_ref.pdbx_db_isoform 
_struct_ref.entity_id 
_struct_ref.pdbx_seq_one_letter_code 
_struct_ref.pdbx_align_begin 
1 UNP PARD3_RAT Q9Z340 ? 1 
;GTREFLTFEVPLNDSGSAGLGVSVKGNRSKENHADLGIFVKSIINGGAASKDGRLRVNDQLIAVNGESLLGKANQEAMET
LRRSMSTEGNKRGMIQLIVARRIS
;
582 
2 PDB 6JUE      6JUE   ? 2 ? 1   
# 
loop_
_struct_ref_seq.align_id 
_struct_ref_seq.ref_id 
_struct_ref_seq.pdbx_PDB_id_code 
_struct_ref_seq.pdbx_strand_id 
_struct_ref_seq.seq_align_beg 
_struct_ref_seq.pdbx_seq_align_beg_ins_code 
_struct_ref_seq.seq_align_end 
_struct_ref_seq.pdbx_seq_align_end_ins_code 
_struct_ref_seq.pdbx_db_accession 
_struct_ref_seq.db_align_beg 
_struct_ref_seq.pdbx_db_align_beg_ins_code 
_struct_ref_seq.db_align_end 
_struct_ref_seq.pdbx_db_align_end_ins_code 
_struct_ref_seq.pdbx_auth_seq_align_beg 
_struct_ref_seq.pdbx_auth_seq_align_end 
1 1 6JUE L 7 ? 110 ? Q9Z340 582 ? 685 ? 7  110 
2 2 6JUE A 1 ? 10  ? 6JUE   81  ? 90  ? 81 90  
# 
loop_
_struct_ref_seq_dif.align_id 
_struct_ref_seq_dif.pdbx_pdb_id_code 
_struct_ref_seq_dif.mon_id 
_struct_ref_seq_dif.pdbx_pdb_strand_id 
_struct_ref_seq_dif.seq_num 
_struct_ref_seq_dif.pdbx_pdb_ins_code 
_struct_ref_seq_dif.pdbx_seq_db_name 
_struct_ref_seq_dif.pdbx_seq_db_accession_code 
_struct_ref_seq_dif.db_mon_id 
_struct_ref_seq_dif.pdbx_seq_db_seq_num 
_struct_ref_seq_dif.details 
_struct_ref_seq_dif.pdbx_auth_seq_num 
_struct_ref_seq_dif.pdbx_ordinal 
1 6JUE GLY L 1 ? UNP Q9Z340 ? ? 'expression tag' 1 1 
1 6JUE PRO L 2 ? UNP Q9Z340 ? ? 'expression tag' 2 2 
1 6JUE GLY L 3 ? UNP Q9Z340 ? ? 'expression tag' 3 3 
1 6JUE SER L 4 ? UNP Q9Z340 ? ? 'expression tag' 4 4 
1 6JUE GLU L 5 ? UNP Q9Z340 ? ? 'expression tag' 5 5 
1 6JUE PHE L 6 ? UNP Q9Z340 ? ? 'expression tag' 6 6 
# 
loop_
_chem_comp.id 
_chem_comp.type 
_chem_comp.mon_nstd_flag 
_chem_comp.name 
_chem_comp.pdbx_synonyms 
_chem_comp.formula 
_chem_comp.formula_weight 
ALA 'L-peptide linking' y ALANINE         ? 'C3 H7 N O2'     89.093  
ARG 'L-peptide linking' y ARGININE        ? 'C6 H15 N4 O2 1' 175.209 
ASN 'L-peptide linking' y ASPARAGINE      ? 'C4 H8 N2 O3'    132.118 
ASP 'L-peptide linking' y 'ASPARTIC ACID' ? 'C4 H7 N O4'     133.103 
GLN 'L-peptide linking' y GLUTAMINE       ? 'C5 H10 N2 O3'   146.144 
GLU 'L-peptide linking' y 'GLUTAMIC ACID' ? 'C5 H9 N O4'     147.129 
GLY 'peptide linking'   y GLYCINE         ? 'C2 H5 N O2'     75.067  
HIS 'L-peptide linking' y HISTIDINE       ? 'C6 H10 N3 O2 1' 156.162 
HOH non-polymer         . WATER           ? 'H2 O'           18.015  
ILE 'L-peptide linking' y ISOLEUCINE      ? 'C6 H13 N O2'    131.173 
LEU 'L-peptide linking' y LEUCINE         ? 'C6 H13 N O2'    131.173 
LYS 'L-peptide linking' y LYSINE          ? 'C6 H15 N2 O2 1' 147.195 
MET 'L-peptide linking' y METHIONINE      ? 'C5 H11 N O2 S'  149.211 
PHE 'L-peptide linking' y PHENYLALANINE   ? 'C9 H11 N O2'    165.189 
PRO 'L-peptide linking' y PROLINE         ? 'C5 H9 N O2'     115.130 
SER 'L-peptide linking' y SERINE          ? 'C3 H7 N O3'     105.093 
SO4 non-polymer         . 'SULFATE ION'   ? 'O4 S -2'        96.063  
THR 'L-peptide linking' y THREONINE       ? 'C4 H9 N O3'     119.119 
VAL 'L-peptide linking' y VALINE          ? 'C5 H11 N O2'    117.146 
# 
_exptl.absorpt_coefficient_mu     ? 
_exptl.absorpt_correction_T_max   ? 
_exptl.absorpt_correction_T_min   ? 
_exptl.absorpt_correction_type    ? 
_exptl.absorpt_process_details    ? 
_exptl.entry_id                   6JUE 
_exptl.crystals_number            1 
_exptl.details                    ? 
_exptl.method                     'X-RAY DIFFRACTION' 
_exptl.method_details             ? 
# 
_exptl_crystal.colour                      ? 
_exptl_crystal.density_diffrn              ? 
_exptl_crystal.density_Matthews            2.03 
_exptl_crystal.density_method              ? 
_exptl_crystal.density_percent_sol         39.41 
_exptl_crystal.description                 ? 
_exptl_crystal.F_000                       ? 
_exptl_crystal.id                          1 
_exptl_crystal.preparation                 ? 
_exptl_crystal.size_max                    ? 
_exptl_crystal.size_mid                    ? 
_exptl_crystal.size_min                    ? 
_exptl_crystal.size_rad                    ? 
_exptl_crystal.colour_lustre               ? 
_exptl_crystal.colour_modifier             ? 
_exptl_crystal.colour_primary              ? 
_exptl_crystal.density_meas                ? 
_exptl_crystal.density_meas_esd            ? 
_exptl_crystal.density_meas_gt             ? 
_exptl_crystal.density_meas_lt             ? 
_exptl_crystal.density_meas_temp           ? 
_exptl_crystal.density_meas_temp_esd       ? 
_exptl_crystal.density_meas_temp_gt        ? 
_exptl_crystal.density_meas_temp_lt        ? 
_exptl_crystal.pdbx_crystal_image_url      ? 
_exptl_crystal.pdbx_crystal_image_format   ? 
_exptl_crystal.pdbx_mosaicity              ? 
_exptl_crystal.pdbx_mosaicity_esd          ? 
# 
_exptl_crystal_grow.apparatus       ? 
_exptl_crystal_grow.atmosphere      ? 
_exptl_crystal_grow.crystal_id      1 
_exptl_crystal_grow.details         ? 
_exptl_crystal_grow.method          'VAPOR DIFFUSION, HANGING DROP' 
_exptl_crystal_grow.method_ref      ? 
_exptl_crystal_grow.pH              ? 
_exptl_crystal_grow.pressure        ? 
_exptl_crystal_grow.pressure_esd    ? 
_exptl_crystal_grow.seeding         ? 
_exptl_crystal_grow.seeding_ref     ? 
_exptl_crystal_grow.temp            289.15 
_exptl_crystal_grow.temp_details    ? 
_exptl_crystal_grow.temp_esd        ? 
_exptl_crystal_grow.time            ? 
_exptl_crystal_grow.pdbx_details    '2.4M ammonium sulfate and 0.1M citrate (pH 4.0)' 
_exptl_crystal_grow.pdbx_pH_range   ? 
# 
_diffrn.ambient_environment              ? 
_diffrn.ambient_temp                     100 
_diffrn.ambient_temp_details             ? 
_diffrn.ambient_temp_esd                 ? 
_diffrn.crystal_id                       1 
_diffrn.crystal_support                  ? 
_diffrn.crystal_treatment                ? 
_diffrn.details                          ? 
_diffrn.id                               1 
_diffrn.ambient_pressure                 ? 
_diffrn.ambient_pressure_esd             ? 
_diffrn.ambient_pressure_gt              ? 
_diffrn.ambient_pressure_lt              ? 
_diffrn.ambient_temp_gt                  ? 
_diffrn.ambient_temp_lt                  ? 
_diffrn.pdbx_serial_crystal_experiment   N 
# 
_diffrn_detector.details                      ? 
_diffrn_detector.detector                     PIXEL 
_diffrn_detector.diffrn_id                    1 
_diffrn_detector.type                         'DECTRIS EIGER X 16M' 
_diffrn_detector.area_resol_mean              ? 
_diffrn_detector.dtime                        ? 
_diffrn_detector.pdbx_frames_total            ? 
_diffrn_detector.pdbx_collection_time_total   ? 
_diffrn_detector.pdbx_collection_date         2018-04-07 
_diffrn_detector.pdbx_frequency               ? 
# 
_diffrn_radiation.collimation                      ? 
_diffrn_radiation.diffrn_id                        1 
_diffrn_radiation.filter_edge                      ? 
_diffrn_radiation.inhomogeneity                    ? 
_diffrn_radiation.monochromator                    ? 
_diffrn_radiation.polarisn_norm                    ? 
_diffrn_radiation.polarisn_ratio                   ? 
_diffrn_radiation.probe                            ? 
_diffrn_radiation.type                             ? 
_diffrn_radiation.xray_symbol                      ? 
_diffrn_radiation.wavelength_id                    1 
_diffrn_radiation.pdbx_monochromatic_or_laue_m_l   M 
_diffrn_radiation.pdbx_wavelength_list             ? 
_diffrn_radiation.pdbx_wavelength                  ? 
_diffrn_radiation.pdbx_diffrn_protocol             'SINGLE WAVELENGTH' 
_diffrn_radiation.pdbx_analyzer                    ? 
_diffrn_radiation.pdbx_scattering_type             x-ray 
# 
_diffrn_radiation_wavelength.id           1 
_diffrn_radiation_wavelength.wavelength   0.9792 
_diffrn_radiation_wavelength.wt           1.0 
# 
_diffrn_source.current                     ? 
_diffrn_source.details                     ? 
_diffrn_source.diffrn_id                   1 
_diffrn_source.power                       ? 
_diffrn_source.size                        ? 
_diffrn_source.source                      SYNCHROTRON 
_diffrn_source.target                      ? 
_diffrn_source.type                        'SSRF BEAMLINE BL17U' 
_diffrn_source.voltage                     ? 
_diffrn_source.take-off_angle              ? 
_diffrn_source.pdbx_wavelength_list        0.9792 
_diffrn_source.pdbx_wavelength             ? 
_diffrn_source.pdbx_synchrotron_beamline   BL17U 
_diffrn_source.pdbx_synchrotron_site       SSRF 
# 
_reflns.B_iso_Wilson_estimate            ? 
_reflns.entry_id                         6JUE 
_reflns.data_reduction_details           ? 
_reflns.data_reduction_method            ? 
_reflns.d_resolution_high                1.549 
_reflns.d_resolution_low                 49.757 
_reflns.details                          ? 
_reflns.limit_h_max                      ? 
_reflns.limit_h_min                      ? 
_reflns.limit_k_max                      ? 
_reflns.limit_k_min                      ? 
_reflns.limit_l_max                      ? 
_reflns.limit_l_min                      ? 
_reflns.number_all                       ? 
_reflns.number_obs                       14300 
_reflns.observed_criterion               ? 
_reflns.observed_criterion_F_max         ? 
_reflns.observed_criterion_F_min         ? 
_reflns.observed_criterion_I_max         ? 
_reflns.observed_criterion_I_min         ? 
_reflns.observed_criterion_sigma_F       ? 
_reflns.observed_criterion_sigma_I       ? 
_reflns.percent_possible_obs             99.5 
_reflns.R_free_details                   ? 
_reflns.Rmerge_F_all                     ? 
_reflns.Rmerge_F_obs                     ? 
_reflns.Friedel_coverage                 ? 
_reflns.number_gt                        ? 
_reflns.threshold_expression             ? 
_reflns.pdbx_redundancy                  9.0 
_reflns.pdbx_Rmerge_I_obs                0.089 
_reflns.pdbx_Rmerge_I_all                ? 
_reflns.pdbx_Rsym_value                  ? 
_reflns.pdbx_netI_over_av_sigmaI         ? 
_reflns.pdbx_netI_over_sigmaI            14.8 
_reflns.pdbx_res_netI_over_av_sigmaI_2   ? 
_reflns.pdbx_res_netI_over_sigmaI_2      ? 
_reflns.pdbx_chi_squared                 ? 
_reflns.pdbx_scaling_rejects             ? 
_reflns.pdbx_d_res_high_opt              ? 
_reflns.pdbx_d_res_low_opt               ? 
_reflns.pdbx_d_res_opt_method            ? 
_reflns.phase_calculation_details        ? 
_reflns.pdbx_Rrim_I_all                  ? 
_reflns.pdbx_Rpim_I_all                  ? 
_reflns.pdbx_d_opt                       ? 
_reflns.pdbx_number_measured_all         ? 
_reflns.pdbx_diffrn_id                   1 
_reflns.pdbx_ordinal                     1 
_reflns.pdbx_CC_half                     0.997 
_reflns.pdbx_R_split                     ? 
# 
_reflns_shell.d_res_high                  1.55 
_reflns_shell.d_res_low                   1.63 
_reflns_shell.meanI_over_sigI_all         ? 
_reflns_shell.meanI_over_sigI_obs         3.0 
_reflns_shell.number_measured_all         ? 
_reflns_shell.number_measured_obs         ? 
_reflns_shell.number_possible             ? 
_reflns_shell.number_unique_all           ? 
_reflns_shell.number_unique_obs           2038 
_reflns_shell.percent_possible_all        98.0 
_reflns_shell.percent_possible_obs        ? 
_reflns_shell.Rmerge_F_all                ? 
_reflns_shell.Rmerge_F_obs                ? 
_reflns_shell.Rmerge_I_all                ? 
_reflns_shell.Rmerge_I_obs                0.503 
_reflns_shell.meanI_over_sigI_gt          ? 
_reflns_shell.meanI_over_uI_all           ? 
_reflns_shell.meanI_over_uI_gt            ? 
_reflns_shell.number_measured_gt          ? 
_reflns_shell.number_unique_gt            ? 
_reflns_shell.percent_possible_gt         ? 
_reflns_shell.Rmerge_F_gt                 ? 
_reflns_shell.Rmerge_I_gt                 ? 
_reflns_shell.pdbx_redundancy             4.8 
_reflns_shell.pdbx_Rsym_value             ? 
_reflns_shell.pdbx_chi_squared            ? 
_reflns_shell.pdbx_netI_over_sigmaI_all   ? 
_reflns_shell.pdbx_netI_over_sigmaI_obs   ? 
_reflns_shell.pdbx_Rrim_I_all             ? 
_reflns_shell.pdbx_Rpim_I_all             ? 
_reflns_shell.pdbx_rejects                ? 
_reflns_shell.pdbx_ordinal                1 
_reflns_shell.pdbx_diffrn_id              1 
_reflns_shell.pdbx_CC_half                0.783 
_reflns_shell.pdbx_R_split                ? 
# 
_refine.aniso_B[1][1]                            ? 
_refine.aniso_B[1][2]                            ? 
_refine.aniso_B[1][3]                            ? 
_refine.aniso_B[2][2]                            ? 
_refine.aniso_B[2][3]                            ? 
_refine.aniso_B[3][3]                            ? 
_refine.B_iso_max                                ? 
_refine.B_iso_mean                               ? 
_refine.B_iso_min                                ? 
_refine.correlation_coeff_Fo_to_Fc               ? 
_refine.correlation_coeff_Fo_to_Fc_free          ? 
_refine.details                                  ? 
_refine.diff_density_max                         ? 
_refine.diff_density_max_esd                     ? 
_refine.diff_density_min                         ? 
_refine.diff_density_min_esd                     ? 
_refine.diff_density_rms                         ? 
_refine.diff_density_rms_esd                     ? 
_refine.entry_id                                 6JUE 
_refine.pdbx_refine_id                           'X-RAY DIFFRACTION' 
_refine.ls_abs_structure_details                 ? 
_refine.ls_abs_structure_Flack                   ? 
_refine.ls_abs_structure_Flack_esd               ? 
_refine.ls_abs_structure_Rogers                  ? 
_refine.ls_abs_structure_Rogers_esd              ? 
_refine.ls_d_res_high                            1.549 
_refine.ls_d_res_low                             49.757 
_refine.ls_extinction_coef                       ? 
_refine.ls_extinction_coef_esd                   ? 
_refine.ls_extinction_expression                 ? 
_refine.ls_extinction_method                     ? 
_refine.ls_goodness_of_fit_all                   ? 
_refine.ls_goodness_of_fit_all_esd               ? 
_refine.ls_goodness_of_fit_obs                   ? 
_refine.ls_goodness_of_fit_obs_esd               ? 
_refine.ls_hydrogen_treatment                    ? 
_refine.ls_matrix_type                           ? 
_refine.ls_number_constraints                    ? 
_refine.ls_number_parameters                     ? 
_refine.ls_number_reflns_all                     ? 
_refine.ls_number_reflns_obs                     14250 
_refine.ls_number_reflns_R_free                  648 
_refine.ls_number_reflns_R_work                  ? 
_refine.ls_number_restraints                     ? 
_refine.ls_percent_reflns_obs                    99.18 
_refine.ls_percent_reflns_R_free                 4.55 
_refine.ls_R_factor_all                          ? 
_refine.ls_R_factor_obs                          0.2115 
_refine.ls_R_factor_R_free                       0.2226 
_refine.ls_R_factor_R_free_error                 ? 
_refine.ls_R_factor_R_free_error_details         ? 
_refine.ls_R_factor_R_work                       0.2109 
_refine.ls_R_Fsqd_factor_obs                     ? 
_refine.ls_R_I_factor_obs                        ? 
_refine.ls_redundancy_reflns_all                 ? 
_refine.ls_redundancy_reflns_obs                 ? 
_refine.ls_restrained_S_all                      ? 
_refine.ls_restrained_S_obs                      ? 
_refine.ls_shift_over_esd_max                    ? 
_refine.ls_shift_over_esd_mean                   ? 
_refine.ls_structure_factor_coef                 ? 
_refine.ls_weighting_details                     ? 
_refine.ls_weighting_scheme                      ? 
_refine.ls_wR_factor_all                         ? 
_refine.ls_wR_factor_obs                         ? 
_refine.ls_wR_factor_R_free                      ? 
_refine.ls_wR_factor_R_work                      ? 
_refine.occupancy_max                            ? 
_refine.occupancy_min                            ? 
_refine.solvent_model_details                    ? 
_refine.solvent_model_param_bsol                 ? 
_refine.solvent_model_param_ksol                 ? 
_refine.ls_R_factor_gt                           ? 
_refine.ls_goodness_of_fit_gt                    ? 
_refine.ls_goodness_of_fit_ref                   ? 
_refine.ls_shift_over_su_max                     ? 
_refine.ls_shift_over_su_max_lt                  ? 
_refine.ls_shift_over_su_mean                    ? 
_refine.ls_shift_over_su_mean_lt                 ? 
_refine.pdbx_ls_sigma_I                          ? 
_refine.pdbx_ls_sigma_F                          1.39 
_refine.pdbx_ls_sigma_Fsqd                       ? 
_refine.pdbx_data_cutoff_high_absF               ? 
_refine.pdbx_data_cutoff_high_rms_absF           ? 
_refine.pdbx_data_cutoff_low_absF                ? 
_refine.pdbx_isotropic_thermal_model             ? 
_refine.pdbx_ls_cross_valid_method               'FREE R-VALUE' 
_refine.pdbx_method_to_determine_struct          'MOLECULAR REPLACEMENT' 
_refine.pdbx_starting_model                      2K1Z 
_refine.pdbx_stereochemistry_target_values       ? 
_refine.pdbx_R_Free_selection_details            'Random selection' 
_refine.pdbx_stereochem_target_val_spec_case     ? 
_refine.pdbx_overall_ESU_R                       ? 
_refine.pdbx_overall_ESU_R_Free                  ? 
_refine.pdbx_solvent_vdw_probe_radii             1.11 
_refine.pdbx_solvent_ion_probe_radii             ? 
_refine.pdbx_solvent_shrinkage_radii             0.90 
_refine.pdbx_real_space_R                        ? 
_refine.pdbx_density_correlation                 ? 
_refine.pdbx_pd_number_of_powder_patterns        ? 
_refine.pdbx_pd_number_of_points                 ? 
_refine.pdbx_pd_meas_number_of_points            ? 
_refine.pdbx_pd_proc_ls_prof_R_factor            ? 
_refine.pdbx_pd_proc_ls_prof_wR_factor           ? 
_refine.pdbx_pd_Marquardt_correlation_coeff      ? 
_refine.pdbx_pd_Fsqrd_R_factor                   ? 
_refine.pdbx_pd_ls_matrix_band_width             ? 
_refine.pdbx_overall_phase_error                 26.74 
_refine.pdbx_overall_SU_R_free_Cruickshank_DPI   ? 
_refine.pdbx_overall_SU_R_free_Blow_DPI          ? 
_refine.pdbx_overall_SU_R_Blow_DPI               ? 
_refine.pdbx_TLS_residual_ADP_flag               ? 
_refine.pdbx_diffrn_id                           1 
_refine.overall_SU_B                             ? 
_refine.overall_SU_ML                            0.20 
_refine.overall_SU_R_Cruickshank_DPI             ? 
_refine.overall_SU_R_free                        ? 
_refine.overall_FOM_free_R_set                   ? 
_refine.overall_FOM_work_R_set                   ? 
_refine.pdbx_average_fsc_overall                 ? 
_refine.pdbx_average_fsc_work                    ? 
_refine.pdbx_average_fsc_free                    ? 
# 
_refine_hist.pdbx_refine_id                   'X-RAY DIFFRACTION' 
_refine_hist.cycle_id                         LAST 
_refine_hist.pdbx_number_atoms_protein        708 
_refine_hist.pdbx_number_atoms_nucleic_acid   0 
_refine_hist.pdbx_number_atoms_ligand         15 
_refine_hist.number_atoms_solvent             29 
_refine_hist.number_atoms_total               752 
_refine_hist.d_res_high                       1.549 
_refine_hist.d_res_low                        49.757 
# 
loop_
_refine_ls_restr.pdbx_refine_id 
_refine_ls_restr.criterion 
_refine_ls_restr.dev_ideal 
_refine_ls_restr.dev_ideal_target 
_refine_ls_restr.number 
_refine_ls_restr.rejects 
_refine_ls_restr.type 
_refine_ls_restr.weight 
_refine_ls_restr.pdbx_restraint_function 
'X-RAY DIFFRACTION' ? 0.005  ? 730 ? f_bond_d           ? ? 
'X-RAY DIFFRACTION' ? 0.729  ? 980 ? f_angle_d          ? ? 
'X-RAY DIFFRACTION' ? 15.310 ? 430 ? f_dihedral_angle_d ? ? 
'X-RAY DIFFRACTION' ? 0.051  ? 120 ? f_chiral_restr     ? ? 
'X-RAY DIFFRACTION' ? 0.003  ? 123 ? f_plane_restr      ? ? 
# 
loop_
_refine_ls_shell.pdbx_refine_id 
_refine_ls_shell.d_res_high 
_refine_ls_shell.d_res_low 
_refine_ls_shell.number_reflns_all 
_refine_ls_shell.number_reflns_obs 
_refine_ls_shell.number_reflns_R_free 
_refine_ls_shell.number_reflns_R_work 
_refine_ls_shell.percent_reflns_obs 
_refine_ls_shell.percent_reflns_R_free 
_refine_ls_shell.R_factor_all 
_refine_ls_shell.R_factor_obs 
_refine_ls_shell.R_factor_R_free 
_refine_ls_shell.R_factor_R_free_error 
_refine_ls_shell.R_factor_R_work 
_refine_ls_shell.redundancy_reflns_all 
_refine_ls_shell.redundancy_reflns_obs 
_refine_ls_shell.wR_factor_all 
_refine_ls_shell.wR_factor_obs 
_refine_ls_shell.wR_factor_R_free 
_refine_ls_shell.wR_factor_R_work 
_refine_ls_shell.pdbx_total_number_of_bins_used 
_refine_ls_shell.pdbx_phase_error 
_refine_ls_shell.pdbx_fsc_work 
_refine_ls_shell.pdbx_fsc_free 
'X-RAY DIFFRACTION' 1.5486 1.6682  . . 133 2625 97.00  . . . 0.3014 . 0.2569 . . . . . . . . . . 
'X-RAY DIFFRACTION' 1.6682 1.8361  . . 116 2742 100.00 . . . 0.2736 . 0.2215 . . . . . . . . . . 
'X-RAY DIFFRACTION' 1.8361 2.1018  . . 126 2741 100.00 . . . 0.2567 . 0.2113 . . . . . . . . . . 
'X-RAY DIFFRACTION' 2.1018 2.6480  . . 131 2735 100.00 . . . 0.2266 . 0.2151 . . . . . . . . . . 
'X-RAY DIFFRACTION' 2.6480 49.7823 . . 142 2759 99.00  . . . 0.2000 . 0.2022 . . . . . . . . . . 
# 
_struct.entry_id                     6JUE 
_struct.title                        'The complex of PDZ and PBM' 
_struct.pdbx_model_details           ? 
_struct.pdbx_formula_weight          ? 
_struct.pdbx_formula_weight_method   ? 
_struct.pdbx_model_type_details      ? 
_struct.pdbx_CASP_flag               N 
# 
_struct_keywords.entry_id        6JUE 
_struct_keywords.text            'PDZ-binding motif peptide, complex, PEPTIDE BINDING PROTEIN' 
_struct_keywords.pdbx_keywords   'PEPTIDE BINDING PROTEIN' 
# 
loop_
_struct_asym.id 
_struct_asym.pdbx_blank_PDB_chainid_flag 
_struct_asym.pdbx_modified 
_struct_asym.entity_id 
_struct_asym.details 
A N N 1 ? 
B N N 2 ? 
C N N 3 ? 
D N N 3 ? 
E N N 3 ? 
F N N 4 ? 
# 
loop_
_struct_conf.conf_type_id 
_struct_conf.id 
_struct_conf.pdbx_PDB_helix_id 
_struct_conf.beg_label_comp_id 
_struct_conf.beg_label_asym_id 
_struct_conf.beg_label_seq_id 
_struct_conf.pdbx_beg_PDB_ins_code 
_struct_conf.end_label_comp_id 
_struct_conf.end_label_asym_id 
_struct_conf.end_label_seq_id 
_struct_conf.pdbx_end_PDB_ins_code 
_struct_conf.beg_auth_comp_id 
_struct_conf.beg_auth_asym_id 
_struct_conf.beg_auth_seq_id 
_struct_conf.end_auth_comp_id 
_struct_conf.end_auth_asym_id 
_struct_conf.end_auth_seq_id 
_struct_conf.pdbx_PDB_helix_class 
_struct_conf.details 
_struct_conf.pdbx_PDB_helix_length 
HELX_P HELX_P1 AA1 GLY A 53 ? GLY A 59 ? GLY L 53 GLY L 59 1 ? 7  
HELX_P HELX_P2 AA2 ALA A 79 ? SER A 92 ? ALA L 79 SER L 92 1 ? 14 
# 
_struct_conf_type.id          HELX_P 
_struct_conf_type.criteria    ? 
_struct_conf_type.reference   ? 
# 
loop_
_struct_sheet.id 
_struct_sheet.type 
_struct_sheet.number_strands 
_struct_sheet.details 
AA1 ? 4 ? 
AA2 ? 3 ? 
# 
loop_
_struct_sheet_order.sheet_id 
_struct_sheet_order.range_id_1 
_struct_sheet_order.range_id_2 
_struct_sheet_order.offset 
_struct_sheet_order.sense 
AA1 1 2 ? anti-parallel 
AA1 2 3 ? anti-parallel 
AA1 3 4 ? anti-parallel 
AA2 1 2 ? anti-parallel 
AA2 2 3 ? anti-parallel 
# 
loop_
_struct_sheet_range.sheet_id 
_struct_sheet_range.id 
_struct_sheet_range.beg_label_comp_id 
_struct_sheet_range.beg_label_asym_id 
_struct_sheet_range.beg_label_seq_id 
_struct_sheet_range.pdbx_beg_PDB_ins_code 
_struct_sheet_range.end_label_comp_id 
_struct_sheet_range.end_label_asym_id 
_struct_sheet_range.end_label_seq_id 
_struct_sheet_range.pdbx_end_PDB_ins_code 
_struct_sheet_range.beg_auth_comp_id 
_struct_sheet_range.beg_auth_asym_id 
_struct_sheet_range.beg_auth_seq_id 
_struct_sheet_range.end_auth_comp_id 
_struct_sheet_range.end_auth_asym_id 
_struct_sheet_range.end_auth_seq_id 
AA1 1 GLU A 10 ? LEU A 18  ? GLU L 10 LEU L 18  
AA1 2 GLY A 99 ? ARG A 107 ? GLY L 99 ARG L 107 
AA1 3 GLN A 66 ? VAL A 70  ? GLN L 66 VAL L 70  
AA1 4 GLU A 73 ? SER A 74  ? GLU L 73 SER L 74  
AA2 1 ALA A 40 ? ILE A 49  ? ALA L 40 ILE L 49  
AA2 2 VAL A 28 ? SER A 35  ? VAL L 28 SER L 35  
AA2 3 ILE B 7  ? THR B 9   ? ILE A 87 THR A 89  
# 
loop_
_pdbx_struct_sheet_hbond.sheet_id 
_pdbx_struct_sheet_hbond.range_id_1 
_pdbx_struct_sheet_hbond.range_id_2 
_pdbx_struct_sheet_hbond.range_1_label_atom_id 
_pdbx_struct_sheet_hbond.range_1_label_comp_id 
_pdbx_struct_sheet_hbond.range_1_label_asym_id 
_pdbx_struct_sheet_hbond.range_1_label_seq_id 
_pdbx_struct_sheet_hbond.range_1_PDB_ins_code 
_pdbx_struct_sheet_hbond.range_1_auth_atom_id 
_pdbx_struct_sheet_hbond.range_1_auth_comp_id 
_pdbx_struct_sheet_hbond.range_1_auth_asym_id 
_pdbx_struct_sheet_hbond.range_1_auth_seq_id 
_pdbx_struct_sheet_hbond.range_2_label_atom_id 
_pdbx_struct_sheet_hbond.range_2_label_comp_id 
_pdbx_struct_sheet_hbond.range_2_label_asym_id 
_pdbx_struct_sheet_hbond.range_2_label_seq_id 
_pdbx_struct_sheet_hbond.range_2_PDB_ins_code 
_pdbx_struct_sheet_hbond.range_2_auth_atom_id 
_pdbx_struct_sheet_hbond.range_2_auth_comp_id 
_pdbx_struct_sheet_hbond.range_2_auth_asym_id 
_pdbx_struct_sheet_hbond.range_2_auth_seq_id 
AA1 1 2 N VAL A 16  ? N VAL L 16  O ILE A 101 ? O ILE L 101 
AA1 2 3 O ILE A 104 ? O ILE L 104 N ILE A 68  ? N ILE L 68  
AA1 3 4 N VAL A 70  ? N VAL L 70  O GLU A 73  ? O GLU L 73  
AA2 1 2 O LEU A 42  ? O LEU L 42  N ASN A 33  ? N ASN L 33  
AA2 2 3 N VAL A 30  ? N VAL L 30  O ILE B 8   ? O ILE A 88  
# 
loop_
_struct_site.id 
_struct_site.pdbx_evidence_code 
_struct_site.pdbx_auth_asym_id 
_struct_site.pdbx_auth_comp_id 
_struct_site.pdbx_auth_seq_id 
_struct_site.pdbx_auth_ins_code 
_struct_site.pdbx_num_residues 
_struct_site.details 
AC1 Software L SO4 201 ? 7 'binding site for residue SO4 L 201' 
AC2 Software L SO4 202 ? 6 'binding site for residue SO4 L 202' 
AC3 Software L SO4 203 ? 3 'binding site for residue SO4 L 203' 
# 
loop_
_struct_site_gen.id 
_struct_site_gen.site_id 
_struct_site_gen.pdbx_num_res 
_struct_site_gen.label_comp_id 
_struct_site_gen.label_asym_id 
_struct_site_gen.label_seq_id 
_struct_site_gen.pdbx_auth_ins_code 
_struct_site_gen.auth_comp_id 
_struct_site_gen.auth_asym_id 
_struct_site_gen.auth_seq_id 
_struct_site_gen.label_atom_id 
_struct_site_gen.label_alt_id 
_struct_site_gen.symmetry 
_struct_site_gen.details 
1  AC1 7 GLU A 5   ? GLU L 5   . ? 1_555 ? 
2  AC1 7 PHE A 6   ? PHE L 6   . ? 1_555 ? 
3  AC1 7 GLY A 7   ? GLY L 7   . ? 1_555 ? 
4  AC1 7 ARG A 60  ? ARG L 60  . ? 3_665 ? 
5  AC1 7 ARG A 89  ? ARG L 89  . ? 6_555 ? 
6  AC1 7 HOH F .   ? HOH L 301 . ? 3_665 ? 
7  AC1 7 HOH F .   ? HOH L 310 . ? 1_555 ? 
8  AC2 6 GLY A 7   ? GLY L 7   . ? 2_655 ? 
9  AC2 6 THR A 8   ? THR L 8   . ? 2_655 ? 
10 AC2 6 ARG A 60  ? ARG L 60  . ? 1_555 ? 
11 AC2 6 ARG A 88  ? ARG L 88  . ? 4_655 ? 
12 AC2 6 ARG A 108 ? ARG L 108 . ? 2_655 ? 
13 AC2 6 HOH F .   ? HOH L 304 . ? 1_555 ? 
14 AC3 3 SER A 35  ? SER L 35  . ? 1_555 ? 
15 AC3 3 LYS A 36  ? LYS L 36  . ? 1_555 ? 
16 AC3 3 GLU A 37  ? GLU L 37  . ? 1_555 ? 
# 
_atom_sites.entry_id                    6JUE 
_atom_sites.fract_transf_matrix[1][1]   -0.00838433 
_atom_sites.fract_transf_matrix[1][2]   -0.00615279 
_atom_sites.fract_transf_matrix[1][3]   -0.01719775 
_atom_sites.fract_transf_matrix[2][1]   0.00294390 
_atom_sites.fract_transf_matrix[2][2]   -0.01880556 
_atom_sites.fract_transf_matrix[2][3]   -0.00645088 
_atom_sites.fract_transf_matrix[3][1]   -0.01550472 
_atom_sites.fract_transf_matrix[3][2]   -0.00572240 
_atom_sites.fract_transf_matrix[3][3]   0.00960622 
_atom_sites.fract_transf_vector[1]      0.417012 
_atom_sites.fract_transf_vector[2]      0.067198 
_atom_sites.fract_transf_vector[3]      -0.231595 
# 
loop_
_atom_type.symbol 
C 
N 
O 
S 
# 
loop_
_atom_site.group_PDB 
_atom_site.id 
_atom_site.type_symbol 
_atom_site.label_atom_id 
_atom_site.label_alt_id 
_atom_site.label_comp_id 
_atom_site.label_asym_id 
_atom_site.label_entity_id 
_atom_site.label_seq_id 
_atom_site.pdbx_PDB_ins_code 
_atom_site.Cartn_x 
_atom_site.Cartn_y 
_atom_site.Cartn_z 
_atom_site.occupancy 
_atom_site.B_iso_or_equiv 
_atom_site.pdbx_formal_charge 
_atom_site.auth_seq_id 
_atom_site.auth_comp_id 
_atom_site.auth_asym_id 
_atom_site.auth_atom_id 
_atom_site.pdbx_PDB_model_num 
ATOM   1   N N   . GLU A 1 5   ? 2.109   -13.739 10.503  1.00 30.51 ? 5   GLU L N   1 
ATOM   2   C CA  . GLU A 1 5   ? 0.845   -13.106 10.874  1.00 39.02 ? 5   GLU L CA  1 
ATOM   3   C C   . GLU A 1 5   ? 0.229   -12.526 9.617   1.00 39.09 ? 5   GLU L C   1 
ATOM   4   O O   . GLU A 1 5   ? -0.528  -11.557 9.636   1.00 39.30 ? 5   GLU L O   1 
ATOM   5   C CB  . GLU A 1 5   ? 1.056   -12.024 11.933  1.00 45.16 ? 5   GLU L CB  1 
ATOM   6   N N   . PHE A 1 6   ? 0.589   -13.152 8.509   1.00 28.63 ? 6   PHE L N   1 
ATOM   7   C CA  . PHE A 1 6   ? 0.146   -12.750 7.192   1.00 23.29 ? 6   PHE L CA  1 
ATOM   8   C C   . PHE A 1 6   ? -1.117  -13.482 6.763   1.00 20.34 ? 6   PHE L C   1 
ATOM   9   O O   . PHE A 1 6   ? -1.950  -12.902 6.052   1.00 21.13 ? 6   PHE L O   1 
ATOM   10  C CB  . PHE A 1 6   ? 1.279   -13.012 6.201   1.00 24.50 ? 6   PHE L CB  1 
ATOM   11  C CG  . PHE A 1 6   ? 0.998   -12.511 4.830   1.00 23.00 ? 6   PHE L CG  1 
ATOM   12  C CD1 . PHE A 1 6   ? 1.141   -11.172 4.535   1.00 23.53 ? 6   PHE L CD1 1 
ATOM   13  C CD2 . PHE A 1 6   ? 0.587   -13.377 3.830   1.00 24.76 ? 6   PHE L CD2 1 
ATOM   14  C CE1 . PHE A 1 6   ? 0.890   -10.698 3.273   1.00 23.82 ? 6   PHE L CE1 1 
ATOM   15  C CE2 . PHE A 1 6   ? 0.328   -12.914 2.566   1.00 23.42 ? 6   PHE L CE2 1 
ATOM   16  C CZ  . PHE A 1 6   ? 0.474   -11.559 2.284   1.00 24.42 ? 6   PHE L CZ  1 
ATOM   17  N N   . GLY A 1 7   ? -1.276  -14.744 7.183   1.00 20.84 ? 7   GLY L N   1 
ATOM   18  C CA  . GLY A 1 7   ? -2.442  -15.534 6.838   1.00 20.83 ? 7   GLY L CA  1 
ATOM   19  C C   . GLY A 1 7   ? -2.428  -16.006 5.388   1.00 19.19 ? 7   GLY L C   1 
ATOM   20  O O   . GLY A 1 7   ? -1.403  -15.998 4.705   1.00 21.39 ? 7   GLY L O   1 
ATOM   21  N N   . THR A 1 8   ? -3.600  -16.441 4.925   1.00 19.26 ? 8   THR L N   1 
ATOM   22  C CA  . THR A 1 8   ? -3.812  -16.725 3.506   1.00 18.15 ? 8   THR L CA  1 
ATOM   23  C C   . THR A 1 8   ? -4.596  -15.565 2.909   1.00 18.75 ? 8   THR L C   1 
ATOM   24  O O   . THR A 1 8   ? -5.713  -15.274 3.351   1.00 24.58 ? 8   THR L O   1 
ATOM   25  C CB  . THR A 1 8   ? -4.549  -18.044 3.297   1.00 20.26 ? 8   THR L CB  1 
ATOM   26  O OG1 . THR A 1 8   ? -3.702  -19.116 3.718   1.00 22.09 ? 8   THR L OG1 1 
ATOM   27  C CG2 . THR A 1 8   ? -4.864  -18.244 1.817   1.00 22.38 ? 8   THR L CG2 1 
ATOM   28  N N   . ARG A 1 9   ? -4.003  -14.884 1.935   1.00 14.93 ? 9   ARG L N   1 
ATOM   29  C CA  . ARG A 1 9   ? -4.594  -13.653 1.430   1.00 14.94 ? 9   ARG L CA  1 
ATOM   30  C C   . ARG A 1 9   ? -5.023  -13.785 -0.016  1.00 18.30 ? 9   ARG L C   1 
ATOM   31  O O   . ARG A 1 9   ? -4.400  -14.495 -0.811  1.00 17.17 ? 9   ARG L O   1 
ATOM   32  C CB  . ARG A 1 9   ? -3.643  -12.491 1.550   1.00 14.75 ? 9   ARG L CB  1 
ATOM   33  C CG  . ARG A 1 9   ? -3.317  -12.209 2.971   1.00 16.86 ? 9   ARG L CG  1 
ATOM   34  C CD  . ARG A 1 9   ? -2.752  -10.842 3.147   1.00 17.73 ? 9   ARG L CD  1 
ATOM   35  N NE  . ARG A 1 9   ? -2.467  -10.614 4.555   1.00 19.16 ? 9   ARG L NE  1 
ATOM   36  C CZ  . ARG A 1 9   ? -2.438  -9.413  5.087   1.00 19.10 ? 9   ARG L CZ  1 
ATOM   37  N NH1 . ARG A 1 9   ? -2.173  -9.262  6.374   1.00 20.14 ? 9   ARG L NH1 1 
ATOM   38  N NH2 . ARG A 1 9   ? -2.682  -8.366  4.308   1.00 18.40 ? 9   ARG L NH2 1 
ATOM   39  N N   . GLU A 1 10  ? -6.100  -13.084 -0.347  1.00 16.98 ? 10  GLU L N   1 
ATOM   40  C CA  . GLU A 1 10  ? -6.574  -13.022 -1.720  1.00 14.20 ? 10  GLU L CA  1 
ATOM   41  C C   . GLU A 1 10  ? -6.146  -11.695 -2.325  1.00 14.91 ? 10  GLU L C   1 
ATOM   42  O O   . GLU A 1 10  ? -6.032  -10.691 -1.623  1.00 15.56 ? 10  GLU L O   1 
ATOM   43  C CB  . GLU A 1 10  ? -8.098  -13.149 -1.787  1.00 21.66 ? 10  GLU L CB  1 
ATOM   44  N N   . PHE A 1 11  ? -5.904  -11.697 -3.627  1.00 15.18 ? 11  PHE L N   1 
ATOM   45  C CA  . PHE A 1 11  ? -5.602  -10.467 -4.355  1.00 14.33 ? 11  PHE L CA  1 
ATOM   46  C C   . PHE A 1 11  ? -6.882  -9.771  -4.795  1.00 16.42 ? 11  PHE L C   1 
ATOM   47  O O   . PHE A 1 11  ? -7.751  -10.382 -5.421  1.00 18.73 ? 11  PHE L O   1 
ATOM   48  C CB  . PHE A 1 11  ? -4.712  -10.756 -5.560  1.00 14.29 ? 11  PHE L CB  1 
ATOM   49  C CG  . PHE A 1 11  ? -3.332  -11.164 -5.180  1.00 15.39 ? 11  PHE L CG  1 
ATOM   50  C CD1 . PHE A 1 11  ? -2.338  -10.215 -5.027  1.00 20.91 ? 11  PHE L CD1 1 
ATOM   51  C CD2 . PHE A 1 11  ? -3.034  -12.489 -4.916  1.00 18.46 ? 11  PHE L CD2 1 
ATOM   52  C CE1 . PHE A 1 11  ? -1.054  -10.585 -4.661  1.00 22.94 ? 11  PHE L CE1 1 
ATOM   53  C CE2 . PHE A 1 11  ? -1.754  -12.862 -4.545  1.00 21.06 ? 11  PHE L CE2 1 
ATOM   54  C CZ  . PHE A 1 11  ? -0.767  -11.907 -4.419  1.00 21.67 ? 11  PHE L CZ  1 
ATOM   55  N N   . LEU A 1 12  ? -6.980  -8.489  -4.462  1.00 13.85 ? 12  LEU L N   1 
ATOM   56  C CA  . LEU A 1 12  ? -8.126  -7.650  -4.779  1.00 13.94 ? 12  LEU L CA  1 
ATOM   57  C C   . LEU A 1 12  ? -7.647  -6.408  -5.507  1.00 16.40 ? 12  LEU L C   1 
ATOM   58  O O   . LEU A 1 12  ? -6.506  -5.971  -5.336  1.00 16.09 ? 12  LEU L O   1 
ATOM   59  C CB  . LEU A 1 12  ? -8.877  -7.211  -3.503  1.00 13.35 ? 12  LEU L CB  1 
ATOM   60  C CG  . LEU A 1 12  ? -9.380  -8.327  -2.598  1.00 13.75 ? 12  LEU L CG  1 
ATOM   61  C CD1 . LEU A 1 12  ? -10.012 -7.758  -1.327  1.00 22.15 ? 12  LEU L CD1 1 
ATOM   62  C CD2 . LEU A 1 12  ? -10.388 -9.196  -3.345  1.00 18.68 ? 12  LEU L CD2 1 
ATOM   63  N N   . THR A 1 13  ? -8.527  -5.831  -6.323  1.00 14.27 ? 13  THR L N   1 
ATOM   64  C CA  . THR A 1 13  ? -8.187  -4.570  -6.967  1.00 14.02 ? 13  THR L CA  1 
ATOM   65  C C   . THR A 1 13  ? -9.394  -3.645  -6.946  1.00 14.17 ? 13  THR L C   1 
ATOM   66  O O   . THR A 1 13  ? -10.554 -4.083  -6.948  1.00 14.83 ? 13  THR L O   1 
ATOM   67  C CB  . THR A 1 13  ? -7.662  -4.763  -8.406  1.00 17.90 ? 13  THR L CB  1 
ATOM   68  O OG1 . THR A 1 13  ? -7.273  -3.496  -8.967  1.00 20.48 ? 13  THR L OG1 1 
ATOM   69  C CG2 . THR A 1 13  ? -8.717  -5.414  -9.313  1.00 17.15 ? 13  THR L CG2 1 
ATOM   70  N N   . PHE A 1 14  ? -9.096  -2.350  -6.887  1.00 15.14 ? 14  PHE L N   1 
ATOM   71  C CA  . PHE A 1 14  ? -10.128 -1.325  -6.906  1.00 14.84 ? 14  PHE L CA  1 
ATOM   72  C C   . PHE A 1 14  ? -9.494  -0.030  -7.387  1.00 15.42 ? 14  PHE L C   1 
ATOM   73  O O   . PHE A 1 14  ? -8.268  0.107   -7.443  1.00 16.38 ? 14  PHE L O   1 
ATOM   74  C CB  . PHE A 1 14  ? -10.812 -1.130  -5.537  1.00 16.73 ? 14  PHE L CB  1 
ATOM   75  C CG  . PHE A 1 14  ? -9.897  -1.294  -4.357  1.00 16.11 ? 14  PHE L CG  1 
ATOM   76  C CD1 . PHE A 1 14  ? -9.152  -0.226  -3.882  1.00 22.33 ? 14  PHE L CD1 1 
ATOM   77  C CD2 . PHE A 1 14  ? -9.798  -2.515  -3.716  1.00 19.20 ? 14  PHE L CD2 1 
ATOM   78  C CE1 . PHE A 1 14  ? -8.314  -0.385  -2.787  1.00 23.51 ? 14  PHE L CE1 1 
ATOM   79  C CE2 . PHE A 1 14  ? -8.959  -2.674  -2.630  1.00 23.07 ? 14  PHE L CE2 1 
ATOM   80  C CZ  . PHE A 1 14  ? -8.221  -1.615  -2.168  1.00 25.09 ? 14  PHE L CZ  1 
ATOM   81  N N   . GLU A 1 15  ? -10.357 0.912   -7.767  1.00 17.08 ? 15  GLU L N   1 
ATOM   82  C CA  . GLU A 1 15  ? -9.940  2.204   -8.290  1.00 23.61 ? 15  GLU L CA  1 
ATOM   83  C C   . GLU A 1 15  ? -10.294 3.279   -7.276  1.00 27.04 ? 15  GLU L C   1 
ATOM   84  O O   . GLU A 1 15  ? -11.459 3.396   -6.882  1.00 30.32 ? 15  GLU L O   1 
ATOM   85  C CB  . GLU A 1 15  ? -10.626 2.499   -9.630  1.00 23.45 ? 15  GLU L CB  1 
ATOM   86  C CG  . GLU A 1 15  ? -10.301 1.508   -10.737 1.00 38.16 ? 15  GLU L CG  1 
ATOM   87  C CD  . GLU A 1 15  ? -9.034  1.866   -11.486 1.00 52.47 ? 15  GLU L CD  1 
ATOM   88  O OE1 . GLU A 1 15  ? -8.658  1.116   -12.413 1.00 56.86 ? 15  GLU L OE1 1 
ATOM   89  O OE2 . GLU A 1 15  ? -8.414  2.894   -11.145 1.00 52.77 ? 15  GLU L OE2 1 
ATOM   90  N N   . VAL A 1 16  ? -9.303  4.032   -6.875  1.00 21.89 ? 16  VAL L N   1 
ATOM   91  C CA  . VAL A 1 16  ? -9.445  5.121   -5.940  1.00 25.53 ? 16  VAL L CA  1 
ATOM   92  C C   . VAL A 1 16  ? -9.354  6.529   -6.558  1.00 27.68 ? 16  VAL L C   1 
ATOM   93  O O   . VAL A 1 16  ? -8.342  6.979   -6.926  1.00 26.91 ? 16  VAL L O   1 
ATOM   94  C CB  . VAL A 1 16  ? -8.433  5.056   -4.782  1.00 23.54 ? 16  VAL L CB  1 
ATOM   95  C CG1 . VAL A 1 16  ? -8.752  6.066   -3.726  1.00 28.17 ? 16  VAL L CG1 1 
ATOM   96  C CG2 . VAL A 1 16  ? -8.449  3.708   -4.137  1.00 26.44 ? 16  VAL L CG2 1 
ATOM   97  N N   . PRO A 1 17  ? -10.556 7.193   -6.584  1.00 25.59 ? 17  PRO L N   1 
ATOM   98  C CA  . PRO A 1 17  ? -10.492 8.553   -7.113  1.00 27.26 ? 17  PRO L CA  1 
ATOM   99  C C   . PRO A 1 17  ? -9.821  9.503   -6.191  1.00 34.51 ? 17  PRO L C   1 
ATOM   100 O O   . PRO A 1 17  ? -9.952  9.419   -5.028  1.00 33.20 ? 17  PRO L O   1 
ATOM   101 C CB  . PRO A 1 17  ? -11.961 8.952   -7.282  1.00 28.93 ? 17  PRO L CB  1 
ATOM   102 C CG  . PRO A 1 17  ? -12.764 7.773   -7.091  1.00 29.69 ? 17  PRO L CG  1 
ATOM   103 C CD  . PRO A 1 17  ? -12.004 6.921   -6.185  1.00 25.44 ? 17  PRO L CD  1 
ATOM   104 N N   . LEU A 1 18  ? -9.111  10.459  -6.757  1.00 34.90 ? 18  LEU L N   1 
ATOM   105 C CA  . LEU A 1 18  ? -8.518  11.508  -5.959  1.00 38.98 ? 18  LEU L CA  1 
ATOM   106 C C   . LEU A 1 18  ? -9.368  12.766  -6.221  1.00 45.99 ? 18  LEU L C   1 
ATOM   107 O O   . LEU A 1 18  ? -9.488  13.169  -7.378  1.00 51.31 ? 18  LEU L O   1 
ATOM   108 C CB  . LEU A 1 18  ? -7.077  11.818  -6.294  1.00 44.77 ? 18  LEU L CB  1 
ATOM   109 N N   . ALA A 1 24  ? -3.851  15.937  1.012   1.00 50.32 ? 24  ALA L N   1 
ATOM   110 C CA  . ALA A 1 24  ? -3.417  15.619  -0.342  1.00 50.76 ? 24  ALA L CA  1 
ATOM   111 C C   . ALA A 1 24  ? -3.047  14.144  -0.449  1.00 49.67 ? 24  ALA L C   1 
ATOM   112 O O   . ALA A 1 24  ? -2.819  13.472  0.560   1.00 51.65 ? 24  ALA L O   1 
ATOM   113 C CB  . ALA A 1 24  ? -2.241  16.501  -0.750  1.00 46.04 ? 24  ALA L CB  1 
ATOM   114 N N   . GLY A 1 25  ? -2.995  13.640  -1.681  1.00 48.76 ? 25  GLY L N   1 
ATOM   115 C CA  . GLY A 1 25  ? -2.681  12.243  -1.888  1.00 41.96 ? 25  GLY L CA  1 
ATOM   116 C C   . GLY A 1 25  ? -3.815  11.325  -1.452  1.00 36.60 ? 25  GLY L C   1 
ATOM   117 O O   . GLY A 1 25  ? -4.969  11.732  -1.284  1.00 33.04 ? 25  GLY L O   1 
ATOM   118 N N   . LEU A 1 26  ? -3.455  10.051  -1.275  1.00 31.52 ? 26  LEU L N   1 
ATOM   119 C CA  . LEU A 1 26  ? -4.416  9.055   -0.811  1.00 27.15 ? 26  LEU L CA  1 
ATOM   120 C C   . LEU A 1 26  ? -4.835  9.303   0.629   1.00 25.26 ? 26  LEU L C   1 
ATOM   121 O O   . LEU A 1 26  ? -5.956  8.962   1.015   1.00 29.68 ? 26  LEU L O   1 
ATOM   122 C CB  . LEU A 1 26  ? -3.819  7.653   -0.920  1.00 29.70 ? 26  LEU L CB  1 
ATOM   123 C CG  . LEU A 1 26  ? -3.787  6.958   -2.273  1.00 32.04 ? 26  LEU L CG  1 
ATOM   124 C CD1 . LEU A 1 26  ? -3.062  5.632   -2.146  1.00 33.07 ? 26  LEU L CD1 1 
ATOM   125 C CD2 . LEU A 1 26  ? -5.201  6.766   -2.791  1.00 33.55 ? 26  LEU L CD2 1 
ATOM   126 N N   . GLY A 1 27  ? -3.949  9.877   1.433   1.00 23.23 ? 27  GLY L N   1 
ATOM   127 C CA  . GLY A 1 27  ? -4.180  9.998   2.857   1.00 24.97 ? 27  GLY L CA  1 
ATOM   128 C C   . GLY A 1 27  ? -4.022  8.660   3.543   1.00 21.26 ? 27  GLY L C   1 
ATOM   129 O O   . GLY A 1 27  ? -4.895  8.233   4.300   1.00 22.89 ? 27  GLY L O   1 
ATOM   130 N N   . VAL A 1 28  ? -2.920  7.972   3.255   1.00 18.55 ? 28  VAL L N   1 
ATOM   131 C CA  . VAL A 1 28  ? -2.685  6.625   3.759   1.00 20.15 ? 28  VAL L CA  1 
ATOM   132 C C   . VAL A 1 28  ? -1.255  6.550   4.272   1.00 23.11 ? 28  VAL L C   1 
ATOM   133 O O   . VAL A 1 28  ? -0.325  6.987   3.587   1.00 24.83 ? 28  VAL L O   1 
ATOM   134 C CB  . VAL A 1 28  ? -2.919  5.565   2.660   1.00 20.86 ? 28  VAL L CB  1 
ATOM   135 C CG1 . VAL A 1 28  ? -2.448  4.190   3.115   1.00 28.23 ? 28  VAL L CG1 1 
ATOM   136 C CG2 . VAL A 1 28  ? -4.375  5.540   2.265   1.00 25.36 ? 28  VAL L CG2 1 
ATOM   137 N N   . SER A 1 29  ? -1.072  5.996   5.470   1.00 19.46 ? 29  SER L N   1 
ATOM   138 C CA  . SER A 1 29  ? 0.253   5.712   5.999   1.00 15.62 ? 29  SER L CA  1 
ATOM   139 C C   . SER A 1 29  ? 0.538   4.234   5.857   1.00 15.44 ? 29  SER L C   1 
ATOM   140 O O   . SER A 1 29  ? -0.341  3.401   6.107   1.00 18.71 ? 29  SER L O   1 
ATOM   141 C CB  . SER A 1 29  ? 0.352   6.118   7.468   1.00 18.70 ? 29  SER L CB  1 
ATOM   142 O OG  . SER A 1 29  ? 0.265   7.529   7.591   1.00 28.62 ? 29  SER L OG  1 
ATOM   143 N N   . VAL A 1 30  ? 1.750   3.916   5.407   1.00 14.53 ? 30  VAL L N   1 
ATOM   144 C CA  . VAL A 1 30  ? 2.150   2.534   5.175   1.00 14.62 ? 30  VAL L CA  1 
ATOM   145 C C   . VAL A 1 30  ? 3.490   2.288   5.840   1.00 18.54 ? 30  VAL L C   1 
ATOM   146 O O   . VAL A 1 30  ? 4.251   3.213   6.136   1.00 17.98 ? 30  VAL L O   1 
ATOM   147 C CB  . VAL A 1 30  ? 2.225   2.181   3.679   1.00 19.17 ? 30  VAL L CB  1 
ATOM   148 C CG1 . VAL A 1 30  ? 0.868   2.415   3.013   1.00 20.32 ? 30  VAL L CG1 1 
ATOM   149 C CG2 . VAL A 1 30  ? 3.295   2.998   3.004   1.00 20.60 ? 30  VAL L CG2 1 
ATOM   150 N N   . LYS A 1 31  ? 3.768   1.007   6.079   1.00 15.78 ? 31  LYS L N   1 
ATOM   151 C CA  . LYS A 1 31  ? 4.958   0.605   6.815   1.00 16.02 ? 31  LYS L CA  1 
ATOM   152 C C   . LYS A 1 31  ? 5.411   -0.747  6.302   1.00 18.28 ? 31  LYS L C   1 
ATOM   153 O O   . LYS A 1 31  ? 4.581   -1.586  5.949   1.00 17.72 ? 31  LYS L O   1 
ATOM   154 C CB  . LYS A 1 31  ? 4.683   0.522   8.317   1.00 19.52 ? 31  LYS L CB  1 
ATOM   155 C CG  . LYS A 1 31  ? 5.915   0.175   9.150   1.00 25.57 ? 31  LYS L CG  1 
ATOM   156 C CD  . LYS A 1 31  ? 5.550   -0.019  10.609  1.00 33.96 ? 31  LYS L CD  1 
ATOM   157 N N   . GLY A 1 32  ? 6.728   -0.955  6.275   1.00 17.56 ? 32  GLY L N   1 
ATOM   158 C CA  . GLY A 1 32  ? 7.261   -2.269  5.957   1.00 15.88 ? 32  GLY L CA  1 
ATOM   159 C C   . GLY A 1 32  ? 7.167   -3.198  7.153   1.00 21.83 ? 32  GLY L C   1 
ATOM   160 O O   . GLY A 1 32  ? 7.354   -2.795  8.301   1.00 30.65 ? 32  GLY L O   1 
ATOM   161 N N   . ASN A 1 33  ? 6.847   -4.454  6.874   1.00 18.33 ? 33  ASN L N   1 
ATOM   162 C CA  . ASN A 1 33  ? 6.799   -5.484  7.898   1.00 22.62 ? 33  ASN L CA  1 
ATOM   163 C C   . ASN A 1 33  ? 7.990   -6.405  7.706   1.00 23.49 ? 33  ASN L C   1 
ATOM   164 O O   . ASN A 1 33  ? 8.393   -6.683  6.571   1.00 21.17 ? 33  ASN L O   1 
ATOM   165 C CB  . ASN A 1 33  ? 5.494   -6.278  7.834   1.00 30.29 ? 33  ASN L CB  1 
ATOM   166 C CG  . ASN A 1 33  ? 4.387   -5.652  8.667   1.00 42.86 ? 33  ASN L CG  1 
ATOM   167 N ND2 . ASN A 1 33  ? 4.447   -4.335  8.840   1.00 47.08 ? 33  ASN L ND2 1 
ATOM   168 N N   . ARG A 1 34  ? 8.561   -6.867  8.816   1.00 20.72 ? 34  ARG L N   1 
ATOM   169 C CA  . ARG A 1 34  ? 9.731   -7.723  8.742   1.00 22.34 ? 34  ARG L CA  1 
ATOM   170 C C   . ARG A 1 34  ? 9.673   -8.737  9.871   1.00 25.96 ? 34  ARG L C   1 
ATOM   171 O O   . ARG A 1 34  ? 9.296   -8.407  10.999  1.00 27.77 ? 34  ARG L O   1 
ATOM   172 C CB  . ARG A 1 34  ? 11.027  -6.907  8.816   1.00 24.85 ? 34  ARG L CB  1 
ATOM   173 N N   . SER A 1 35  ? 10.046  -9.969  9.558   1.00 27.17 ? 35  SER L N   1 
ATOM   174 C CA  . SER A 1 35  ? 10.244  -10.980 10.583  1.00 23.44 ? 35  SER L CA  1 
ATOM   175 C C   . SER A 1 35  ? 11.713  -10.968 10.988  1.00 22.32 ? 35  SER L C   1 
ATOM   176 O O   . SER A 1 35  ? 12.593  -11.217 10.158  1.00 22.73 ? 35  SER L O   1 
ATOM   177 C CB  . SER A 1 35  ? 9.836   -12.361 10.079  1.00 24.97 ? 35  SER L CB  1 
ATOM   178 O OG  . SER A 1 35  ? 10.450  -13.367 10.859  1.00 27.97 ? 35  SER L OG  1 
ATOM   179 N N   . LYS A 1 36  ? 11.980  -10.665 12.254  1.00 24.10 ? 36  LYS L N   1 
ATOM   180 C CA  . LYS A 1 36  ? 13.364  -10.658 12.698  1.00 27.61 ? 36  LYS L CA  1 
ATOM   181 C C   . LYS A 1 36  ? 13.899  -12.066 12.915  1.00 25.52 ? 36  LYS L C   1 
ATOM   182 O O   . LYS A 1 36  ? 15.076  -12.318 12.644  1.00 31.86 ? 36  LYS L O   1 
ATOM   183 C CB  . LYS A 1 36  ? 13.499  -9.824  13.969  1.00 31.11 ? 36  LYS L CB  1 
ATOM   184 C CG  . LYS A 1 36  ? 13.263  -8.340  13.730  1.00 33.91 ? 36  LYS L CG  1 
ATOM   185 N N   . GLU A 1 37  ? 13.054  -12.995 13.376  1.00 26.52 ? 37  GLU L N   1 
ATOM   186 C CA  . GLU A 1 37  ? 13.492  -14.375 13.542  1.00 30.01 ? 37  GLU L CA  1 
ATOM   187 C C   . GLU A 1 37  ? 13.882  -15.008 12.214  1.00 27.74 ? 37  GLU L C   1 
ATOM   188 O O   . GLU A 1 37  ? 14.806  -15.829 12.168  1.00 29.58 ? 37  GLU L O   1 
ATOM   189 C CB  . GLU A 1 37  ? 12.399  -15.198 14.224  1.00 38.32 ? 37  GLU L CB  1 
ATOM   190 N N   . ASN A 1 38  ? 13.206  -14.643 11.126  1.00 25.49 ? 38  ASN L N   1 
ATOM   191 C CA  . ASN A 1 38  ? 13.511  -15.200 9.816   1.00 33.10 ? 38  ASN L CA  1 
ATOM   192 C C   . ASN A 1 38  ? 14.300  -14.242 8.931   1.00 29.83 ? 38  ASN L C   1 
ATOM   193 O O   . ASN A 1 38  ? 14.543  -14.568 7.764   1.00 28.90 ? 38  ASN L O   1 
ATOM   194 C CB  . ASN A 1 38  ? 12.222  -15.621 9.104   1.00 31.88 ? 38  ASN L CB  1 
ATOM   195 C CG  . ASN A 1 38  ? 11.544  -16.796 9.777   1.00 38.33 ? 38  ASN L CG  1 
ATOM   196 O OD1 . ASN A 1 38  ? 12.054  -17.917 9.759   1.00 41.15 ? 38  ASN L OD1 1 
ATOM   197 N ND2 . ASN A 1 38  ? 10.386  -16.545 10.375  1.00 44.39 ? 38  ASN L ND2 1 
ATOM   198 N N   . HIS A 1 39  ? 14.708  -13.087 9.462   1.00 25.74 ? 39  HIS L N   1 
ATOM   199 C CA  . HIS A 1 39  ? 15.447  -12.054 8.728   1.00 27.30 ? 39  HIS L CA  1 
ATOM   200 C C   . HIS A 1 39  ? 14.879  -11.849 7.328   1.00 29.28 ? 39  HIS L C   1 
ATOM   201 O O   . HIS A 1 39  ? 15.585  -11.898 6.319   1.00 32.77 ? 39  HIS L O   1 
ATOM   202 C CB  . HIS A 1 39  ? 16.937  -12.382 8.671   1.00 31.74 ? 39  HIS L CB  1 
ATOM   203 C CG  . HIS A 1 39  ? 17.506  -12.809 9.985   1.00 37.25 ? 39  HIS L CG  1 
ATOM   204 N ND1 . HIS A 1 39  ? 17.708  -14.132 10.308  1.00 43.15 ? 39  HIS L ND1 1 
ATOM   205 C CD2 . HIS A 1 39  ? 17.896  -12.092 11.064  1.00 41.71 ? 39  HIS L CD2 1 
ATOM   206 C CE1 . HIS A 1 39  ? 18.213  -14.213 11.525  1.00 44.39 ? 39  HIS L CE1 1 
ATOM   207 N NE2 . HIS A 1 39  ? 18.335  -12.988 12.008  1.00 43.32 ? 39  HIS L NE2 1 
ATOM   208 N N   . ALA A 1 40  ? 13.574  -11.601 7.272   1.00 20.84 ? 40  ALA L N   1 
ATOM   209 C CA  . ALA A 1 40  ? 12.887  -11.498 5.994   1.00 21.23 ? 40  ALA L CA  1 
ATOM   210 C C   . ALA A 1 40  ? 11.951  -10.306 6.001   1.00 20.92 ? 40  ALA L C   1 
ATOM   211 O O   . ALA A 1 40  ? 11.187  -10.124 6.951   1.00 21.04 ? 40  ALA L O   1 
ATOM   212 C CB  . ALA A 1 40  ? 12.094  -12.770 5.701   1.00 23.91 ? 40  ALA L CB  1 
ATOM   213 N N   . ASP A 1 41  ? 12.016  -9.504  4.935   1.00 19.94 ? 41  ASP L N   1 
ATOM   214 C CA  . ASP A 1 41  ? 10.981  -8.515  4.672   1.00 20.21 ? 41  ASP L CA  1 
ATOM   215 C C   . ASP A 1 41  ? 9.714   -9.201  4.177   1.00 18.41 ? 41  ASP L C   1 
ATOM   216 O O   . ASP A 1 41  ? 9.765   -10.149 3.390   1.00 23.26 ? 41  ASP L O   1 
ATOM   217 C CB  . ASP A 1 41  ? 11.453  -7.489  3.638   1.00 16.85 ? 41  ASP L CB  1 
ATOM   218 C CG  . ASP A 1 41  ? 12.498  -6.521  4.184   1.00 23.31 ? 41  ASP L CG  1 
ATOM   219 O OD1 . ASP A 1 41  ? 13.031  -5.704  3.387   1.00 26.23 ? 41  ASP L OD1 1 
ATOM   220 O OD2 . ASP A 1 41  ? 12.771  -6.558  5.403   1.00 25.50 ? 41  ASP L OD2 1 
ATOM   221 N N   . LEU A 1 42  ? 8.568   -8.698  4.631   1.00 20.25 ? 42  LEU L N   1 
ATOM   222 C CA  . LEU A 1 42  ? 7.280   -9.309  4.332   1.00 19.97 ? 42  LEU L CA  1 
ATOM   223 C C   . LEU A 1 42  ? 6.388   -8.458  3.440   1.00 21.07 ? 42  LEU L C   1 
ATOM   224 O O   . LEU A 1 42  ? 5.330   -8.937  3.021   1.00 22.07 ? 42  LEU L O   1 
ATOM   225 C CB  . LEU A 1 42  ? 6.536   -9.625  5.641   1.00 20.93 ? 42  LEU L CB  1 
ATOM   226 C CG  . LEU A 1 42  ? 7.337   -10.451 6.660   1.00 22.60 ? 42  LEU L CG  1 
ATOM   227 C CD1 . LEU A 1 42  ? 6.546   -10.609 7.942   1.00 27.28 ? 42  LEU L CD1 1 
ATOM   228 C CD2 . LEU A 1 42  ? 7.706   -11.806 6.075   1.00 30.01 ? 42  LEU L CD2 1 
ATOM   229 N N   . GLY A 1 43  ? 6.774   -7.226  3.132   1.00 16.14 ? 43  GLY L N   1 
ATOM   230 C CA  . GLY A 1 43  ? 5.991   -6.370  2.262   1.00 14.25 ? 43  GLY L CA  1 
ATOM   231 C C   . GLY A 1 43  ? 5.608   -5.066  2.946   1.00 16.09 ? 43  GLY L C   1 
ATOM   232 O O   . GLY A 1 43  ? 5.975   -4.796  4.087   1.00 16.12 ? 43  GLY L O   1 
ATOM   233 N N   . ILE A 1 44  ? 4.869   -4.248  2.184   1.00 14.73 ? 44  ILE L N   1 
ATOM   234 C CA  . ILE A 1 44  ? 4.391   -2.939  2.624   1.00 15.46 ? 44  ILE L CA  1 
ATOM   235 C C   . ILE A 1 44  ? 2.908   -3.044  2.950   1.00 18.21 ? 44  ILE L C   1 
ATOM   236 O O   . ILE A 1 44  ? 2.118   -3.545  2.137   1.00 15.72 ? 44  ILE L O   1 
ATOM   237 C CB  . ILE A 1 44  ? 4.619   -1.865  1.550   1.00 16.83 ? 44  ILE L CB  1 
ATOM   238 C CG1 . ILE A 1 44  ? 6.066   -1.857  1.045   1.00 19.95 ? 44  ILE L CG1 1 
ATOM   239 C CG2 . ILE A 1 44  ? 4.205   -0.483  2.098   1.00 18.29 ? 44  ILE L CG2 1 
ATOM   240 C CD1 . ILE A 1 44  ? 7.108   -1.800  2.155   1.00 23.41 ? 44  ILE L CD1 1 
ATOM   241 N N   . PHE A 1 45  ? 2.521   -2.555  4.126   1.00 13.14 ? 45  PHE L N   1 
ATOM   242 C CA  . PHE A 1 45  ? 1.171   -2.762  4.639   1.00 14.11 ? 45  PHE L CA  1 
ATOM   243 C C   . PHE A 1 45  ? 0.544   -1.431  5.035   1.00 15.04 ? 45  PHE L C   1 
ATOM   244 O O   . PHE A 1 45  ? 1.237   -0.503  5.456   1.00 17.58 ? 45  PHE L O   1 
ATOM   245 C CB  . PHE A 1 45  ? 1.180   -3.726  5.837   1.00 15.62 ? 45  PHE L CB  1 
ATOM   246 C CG  . PHE A 1 45  ? 1.585   -5.125  5.469   1.00 15.42 ? 45  PHE L CG  1 
ATOM   247 C CD1 . PHE A 1 45  ? 0.630   -6.105  5.286   1.00 15.31 ? 45  PHE L CD1 1 
ATOM   248 C CD2 . PHE A 1 45  ? 2.930   -5.455  5.305   1.00 18.01 ? 45  PHE L CD2 1 
ATOM   249 C CE1 . PHE A 1 45  ? 1.004   -7.390  4.947   1.00 18.95 ? 45  PHE L CE1 1 
ATOM   250 C CE2 . PHE A 1 45  ? 3.303   -6.732  4.957   1.00 19.10 ? 45  PHE L CE2 1 
ATOM   251 C CZ  . PHE A 1 45  ? 2.346   -7.691  4.774   1.00 17.14 ? 45  PHE L CZ  1 
ATOM   252 N N   . VAL A 1 46  ? -0.778  -1.344  4.877   1.00 13.66 ? 46  VAL L N   1 
ATOM   253 C CA  . VAL A 1 46  ? -1.507  -0.132  5.242   1.00 14.86 ? 46  VAL L CA  1 
ATOM   254 C C   . VAL A 1 46  ? -1.595  -0.067  6.760   1.00 16.61 ? 46  VAL L C   1 
ATOM   255 O O   . VAL A 1 46  ? -2.178  -0.948  7.402   1.00 17.58 ? 46  VAL L O   1 
ATOM   256 C CB  . VAL A 1 46  ? -2.906  -0.121  4.607   1.00 13.88 ? 46  VAL L CB  1 
ATOM   257 C CG1 . VAL A 1 46  ? -3.711  1.112   5.071   1.00 15.86 ? 46  VAL L CG1 1 
ATOM   258 C CG2 . VAL A 1 46  ? -2.791  -0.145  3.092   1.00 16.50 ? 46  VAL L CG2 1 
ATOM   259 N N   . LYS A 1 47  ? -1.027  0.992   7.339   1.00 15.85 ? 47  LYS L N   1 
ATOM   260 C CA  . LYS A 1 47  ? -1.012  1.162   8.783   1.00 19.36 ? 47  LYS L CA  1 
ATOM   261 C C   . LYS A 1 47  ? -2.180  2.011   9.255   1.00 21.97 ? 47  LYS L C   1 
ATOM   262 O O   . LYS A 1 47  ? -2.786  1.715   10.290  1.00 24.80 ? 47  LYS L O   1 
ATOM   263 C CB  . LYS A 1 47  ? 0.312   1.789   9.213   1.00 18.43 ? 47  LYS L CB  1 
ATOM   264 N N   . SER A 1 48  ? -2.532  3.050   8.502   1.00 20.44 ? 48  SER L N   1 
ATOM   265 C CA  . SER A 1 48  ? -3.678  3.863   8.889   1.00 20.98 ? 48  SER L CA  1 
ATOM   266 C C   . SER A 1 48  ? -4.235  4.562   7.661   1.00 20.85 ? 48  SER L C   1 
ATOM   267 O O   . SER A 1 48  ? -3.531  4.783   6.669   1.00 22.45 ? 48  SER L O   1 
ATOM   268 C CB  . SER A 1 48  ? -3.313  4.882   9.975   1.00 34.72 ? 48  SER L CB  1 
ATOM   269 O OG  . SER A 1 48  ? -2.369  5.817   9.494   1.00 39.31 ? 48  SER L OG  1 
ATOM   270 N N   . ILE A 1 49  ? -5.505  4.891   7.722   1.00 21.38 ? 49  ILE L N   1 
ATOM   271 C CA  . ILE A 1 49  ? -6.240  5.586   6.680   1.00 18.04 ? 49  ILE L CA  1 
ATOM   272 C C   . ILE A 1 49  ? -6.724  6.904   7.319   1.00 23.06 ? 49  ILE L C   1 
ATOM   273 O O   . ILE A 1 49  ? -7.456  6.874   8.209   1.00 28.93 ? 49  ILE L O   1 
ATOM   274 C CB  . ILE A 1 49  ? -7.390  4.718   6.120   1.00 18.76 ? 49  ILE L CB  1 
ATOM   275 C CG1 . ILE A 1 49  ? -6.769  3.520   5.430   1.00 20.79 ? 49  ILE L CG1 1 
ATOM   276 C CG2 . ILE A 1 49  ? -8.253  5.517   5.200   1.00 25.08 ? 49  ILE L CG2 1 
ATOM   277 C CD1 . ILE A 1 49  ? -7.753  2.496   5.062   1.00 21.05 ? 49  ILE L CD1 1 
ATOM   278 N N   . ILE A 1 50  ? -6.216  7.989   6.826   1.00 21.59 ? 50  ILE L N   1 
ATOM   279 C CA  . ILE A 1 50  ? -6.532  9.283   7.429   1.00 24.90 ? 50  ILE L CA  1 
ATOM   280 C C   . ILE A 1 50  ? -7.958  9.670   7.242   1.00 29.92 ? 50  ILE L C   1 
ATOM   281 O O   . ILE A 1 50  ? -8.378  9.802   6.145   1.00 29.22 ? 50  ILE L O   1 
ATOM   282 C CB  . ILE A 1 50  ? -5.585  10.316  6.920   1.00 36.79 ? 50  ILE L CB  1 
ATOM   283 C CG1 . ILE A 1 50  ? -4.190  9.953   7.375   1.00 38.09 ? 50  ILE L CG1 1 
ATOM   284 C CD1 . ILE A 1 50  ? -3.101  10.837  6.830   1.00 37.35 ? 50  ILE L CD1 1 
ATOM   285 N N   . ASN A 1 51  ? -8.678  9.805   8.347   1.00 32.36 ? 51  ASN L N   1 
ATOM   286 C CA  . ASN A 1 51  ? -10.084 10.131  8.344   1.00 34.96 ? 51  ASN L CA  1 
ATOM   287 C C   . ASN A 1 51  ? -10.317 11.322  7.462   1.00 36.83 ? 51  ASN L C   1 
ATOM   288 O O   . ASN A 1 51  ? -9.703  12.325  7.577   1.00 37.86 ? 51  ASN L O   1 
ATOM   289 C CB  . ASN A 1 51  ? -10.640 10.299  9.771   1.00 39.27 ? 51  ASN L CB  1 
ATOM   290 C CG  . ASN A 1 51  ? -12.146 10.143  9.821   1.00 55.54 ? 51  ASN L CG  1 
ATOM   291 O OD1 . ASN A 1 51  ? -12.825 10.421  8.858   1.00 60.23 ? 51  ASN L OD1 1 
ATOM   292 N ND2 . ASN A 1 51  ? -12.649 9.673   10.904  1.00 58.39 ? 51  ASN L ND2 1 
ATOM   293 N N   . GLY A 1 52  ? -11.190 11.192  6.516   1.00 40.14 ? 52  GLY L N   1 
ATOM   294 C CA  . GLY A 1 52  ? -11.405 12.287  5.606   1.00 40.69 ? 52  GLY L CA  1 
ATOM   295 C C   . GLY A 1 52  ? -10.479 12.535  4.443   1.00 38.82 ? 52  GLY L C   1 
ATOM   296 O O   . GLY A 1 52  ? -10.627 13.487  3.799   1.00 48.52 ? 52  GLY L O   1 
ATOM   297 N N   . GLY A 1 53  ? -9.542  11.648  4.152   1.00 29.54 ? 53  GLY L N   1 
ATOM   298 C CA  . GLY A 1 53  ? -8.706  11.729  2.999   1.00 33.06 ? 53  GLY L CA  1 
ATOM   299 C C   . GLY A 1 53  ? -9.305  10.952  1.806   1.00 33.08 ? 53  GLY L C   1 
ATOM   300 O O   . GLY A 1 53  ? -10.332 10.394  1.945   1.00 28.13 ? 53  GLY L O   1 
ATOM   301 N N   . ALA A 1 54  ? -8.628  10.907  0.682   1.00 29.90 ? 54  ALA L N   1 
ATOM   302 C CA  . ALA A 1 54  ? -9.182  10.306  -0.532  1.00 28.09 ? 54  ALA L CA  1 
ATOM   303 C C   . ALA A 1 54  ? -9.504  8.828   -0.337  1.00 25.04 ? 54  ALA L C   1 
ATOM   304 O O   . ALA A 1 54  ? -10.576 8.359   -0.737  1.00 25.68 ? 54  ALA L O   1 
ATOM   305 C CB  . ALA A 1 54  ? -8.215  10.489  -1.699  1.00 28.96 ? 54  ALA L CB  1 
ATOM   306 N N   . ALA A 1 55  ? -8.580  8.069   0.262   1.00 22.85 ? 55  ALA L N   1 
ATOM   307 C CA  . ALA A 1 55  ? -8.847  6.655   0.511   1.00 19.22 ? 55  ALA L CA  1 
ATOM   308 C C   . ALA A 1 55  ? -9.965  6.476   1.529   1.00 23.02 ? 55  ALA L C   1 
ATOM   309 O O   . ALA A 1 55  ? -10.753 5.526   1.439   1.00 22.48 ? 55  ALA L O   1 
ATOM   310 C CB  . ALA A 1 55  ? -7.575  5.960   0.994   1.00 17.81 ? 55  ALA L CB  1 
ATOM   311 N N   . SER A 1 56  ? -10.033 7.366   2.520   1.00 22.75 ? 56  SER L N   1 
ATOM   312 C CA  . SER A 1 56  ? -11.107 7.329   3.503   1.00 21.53 ? 56  SER L CA  1 
ATOM   313 C C   . SER A 1 56  ? -12.454 7.586   2.857   1.00 28.10 ? 56  SER L C   1 
ATOM   314 O O   . SER A 1 56  ? -13.432 6.876   3.127   1.00 32.34 ? 56  SER L O   1 
ATOM   315 C CB  . SER A 1 56  ? -10.844 8.362   4.601   1.00 33.76 ? 56  SER L CB  1 
ATOM   316 O OG  . SER A 1 56  ? -11.885 8.357   5.563   1.00 39.12 ? 56  SER L OG  1 
ATOM   317 N N   . LYS A 1 57  ? -12.528 8.620   2.016   1.00 24.87 ? 57  LYS L N   1 
ATOM   318 C CA  . LYS A 1 57  ? -13.784 8.929   1.344   1.00 29.04 ? 57  LYS L CA  1 
ATOM   319 C C   . LYS A 1 57  ? -14.202 7.800   0.418   1.00 31.10 ? 57  LYS L C   1 
ATOM   320 O O   . LYS A 1 57  ? -15.402 7.553   0.239   1.00 35.00 ? 57  LYS L O   1 
ATOM   321 C CB  . LYS A 1 57  ? -13.654 10.234  0.561   1.00 31.60 ? 57  LYS L CB  1 
ATOM   322 N N   . ASP A 1 58  ? -13.233 7.096   -0.163  1.00 25.28 ? 58  ASP L N   1 
ATOM   323 C CA  . ASP A 1 58  ? -13.552 6.026   -1.097  1.00 24.39 ? 58  ASP L CA  1 
ATOM   324 C C   . ASP A 1 58  ? -13.959 4.740   -0.386  1.00 27.70 ? 58  ASP L C   1 
ATOM   325 O O   . ASP A 1 58  ? -14.848 4.028   -0.860  1.00 36.19 ? 58  ASP L O   1 
ATOM   326 C CB  . ASP A 1 58  ? -12.370 5.769   -2.023  1.00 21.62 ? 58  ASP L CB  1 
ATOM   327 C CG  . ASP A 1 58  ? -12.606 4.591   -2.923  1.00 26.11 ? 58  ASP L CG  1 
ATOM   328 O OD1 . ASP A 1 58  ? -12.046 3.522   -2.625  1.00 26.30 ? 58  ASP L OD1 1 
ATOM   329 O OD2 . ASP A 1 58  ? -13.355 4.723   -3.917  1.00 27.15 ? 58  ASP L OD2 1 
ATOM   330 N N   . GLY A 1 59  ? -13.311 4.403   0.728   1.00 21.54 ? 59  GLY L N   1 
ATOM   331 C CA  . GLY A 1 59  ? -13.771 3.327   1.579   1.00 19.02 ? 59  GLY L CA  1 
ATOM   332 C C   . GLY A 1 59  ? -13.314 1.918   1.235   1.00 22.34 ? 59  GLY L C   1 
ATOM   333 O O   . GLY A 1 59  ? -13.537 1.007   2.045   1.00 22.10 ? 59  GLY L O   1 
ATOM   334 N N   . ARG A 1 60  ? -12.692 1.690   0.079   1.00 16.74 ? 60  ARG L N   1 
ATOM   335 C CA  . ARG A 1 60  ? -12.417 0.307   -0.324  1.00 14.26 ? 60  ARG L CA  1 
ATOM   336 C C   . ARG A 1 60  ? -11.082 -0.228  0.180   1.00 16.64 ? 60  ARG L C   1 
ATOM   337 O O   . ARG A 1 60  ? -10.897 -1.452  0.214   1.00 17.83 ? 60  ARG L O   1 
ATOM   338 C CB  . ARG A 1 60  ? -12.486 0.168   -1.850  1.00 14.85 ? 60  ARG L CB  1 
ATOM   339 C CG  . ARG A 1 60  ? -13.885 0.387   -2.387  1.00 16.46 ? 60  ARG L CG  1 
ATOM   340 C CD  . ARG A 1 60  ? -13.980 -0.074  -3.816  1.00 17.57 ? 60  ARG L CD  1 
ATOM   341 N NE  . ARG A 1 60  ? -15.337 0.139   -4.335  1.00 18.89 ? 60  ARG L NE  1 
ATOM   342 C CZ  . ARG A 1 60  ? -16.353 -0.690  -4.129  1.00 19.87 ? 60  ARG L CZ  1 
ATOM   343 N NH1 . ARG A 1 60  ? -16.165 -1.799  -3.418  1.00 19.51 ? 60  ARG L NH1 1 
ATOM   344 N NH2 . ARG A 1 60  ? -17.551 -0.414  -4.624  1.00 22.11 ? 60  ARG L NH2 1 
ATOM   345 N N   . LEU A 1 61  ? -10.153 0.645   0.550   1.00 16.15 ? 61  LEU L N   1 
ATOM   346 C CA  . LEU A 1 61  ? -8.893  0.200   1.130   1.00 13.87 ? 61  LEU L CA  1 
ATOM   347 C C   . LEU A 1 61  ? -9.099  -0.131  2.605   1.00 15.95 ? 61  LEU L C   1 
ATOM   348 O O   . LEU A 1 61  ? -9.923  0.482   3.292   1.00 19.09 ? 61  LEU L O   1 
ATOM   349 C CB  . LEU A 1 61  ? -7.830  1.285   0.960   1.00 16.15 ? 61  LEU L CB  1 
ATOM   350 C CG  . LEU A 1 61  ? -6.373  0.974   1.321   1.00 15.79 ? 61  LEU L CG  1 
ATOM   351 C CD1 . LEU A 1 61  ? -5.809  -0.071  0.390   1.00 15.74 ? 61  LEU L CD1 1 
ATOM   352 C CD2 . LEU A 1 61  ? -5.566  2.258   1.250   1.00 17.90 ? 61  LEU L CD2 1 
ATOM   353 N N   . ARG A 1 62  ? -8.360  -1.134  3.086   1.00 15.76 ? 62  ARG L N   1 
ATOM   354 C CA  . ARG A 1 62  ? -8.535  -1.611  4.458   1.00 17.91 ? 62  ARG L CA  1 
ATOM   355 C C   . ARG A 1 62  ? -7.212  -1.618  5.208   1.00 16.00 ? 62  ARG L C   1 
ATOM   356 O O   . ARG A 1 62  ? -6.174  -1.977  4.650   1.00 16.22 ? 62  ARG L O   1 
ATOM   357 C CB  . ARG A 1 62  ? -9.143  -3.019  4.467   1.00 16.03 ? 62  ARG L CB  1 
ATOM   358 C CG  . ARG A 1 62  ? -9.670  -3.491  5.807   1.00 20.09 ? 62  ARG L CG  1 
ATOM   359 C CD  . ARG A 1 62  ? -10.221 -4.914  5.667   1.00 25.51 ? 62  ARG L CD  1 
ATOM   360 N NE  . ARG A 1 62  ? -10.739 -5.436  6.926   1.00 30.82 ? 62  ARG L NE  1 
ATOM   361 C CZ  . ARG A 1 62  ? -10.002 -6.052  7.844   1.00 33.50 ? 62  ARG L CZ  1 
ATOM   362 N NH1 . ARG A 1 62  ? -10.563 -6.484  8.965   1.00 42.04 ? 62  ARG L NH1 1 
ATOM   363 N NH2 . ARG A 1 62  ? -8.706  -6.241  7.639   1.00 34.31 ? 62  ARG L NH2 1 
ATOM   364 N N   . VAL A 1 63  ? -7.245  -1.192  6.475   1.00 18.15 ? 63  VAL L N   1 
ATOM   365 C CA  . VAL A 1 63  ? -6.043  -1.289  7.294   1.00 18.04 ? 63  VAL L CA  1 
ATOM   366 C C   . VAL A 1 63  ? -5.551  -2.728  7.288   1.00 21.88 ? 63  VAL L C   1 
ATOM   367 O O   . VAL A 1 63  ? -6.345  -3.674  7.336   1.00 18.18 ? 63  VAL L O   1 
ATOM   368 C CB  . VAL A 1 63  ? -6.311  -0.782  8.722   1.00 23.51 ? 63  VAL L CB  1 
ATOM   369 C CG1 . VAL A 1 63  ? -5.166  -1.161  9.655   1.00 24.48 ? 63  VAL L CG1 1 
ATOM   370 C CG2 . VAL A 1 63  ? -6.506  0.736   8.725   1.00 26.73 ? 63  VAL L CG2 1 
ATOM   371 N N   . ASN A 1 64  ? -4.226  -2.893  7.229   1.00 17.58 ? 64  ASN L N   1 
ATOM   372 C CA  . ASN A 1 64  ? -3.480  -4.160  7.169   1.00 17.66 ? 64  ASN L CA  1 
ATOM   373 C C   . ASN A 1 64  ? -3.490  -4.796  5.779   1.00 16.75 ? 64  ASN L C   1 
ATOM   374 O O   . ASN A 1 64  ? -2.904  -5.859  5.628   1.00 16.13 ? 64  ASN L O   1 
ATOM   375 C CB  . ASN A 1 64  ? -3.966  -5.203  8.192   1.00 20.20 ? 64  ASN L CB  1 
ATOM   376 C CG  . ASN A 1 64  ? -3.811  -4.737  9.622   1.00 28.16 ? 64  ASN L CG  1 
ATOM   377 O OD1 . ASN A 1 64  ? -2.802  -4.136  9.979   1.00 29.04 ? 64  ASN L OD1 1 
ATOM   378 N ND2 . ASN A 1 64  ? -4.814  -5.019  10.455  1.00 32.53 ? 64  ASN L ND2 1 
ATOM   379 N N   . ASP A 1 65  ? -4.128  -4.200  4.778   1.00 13.67 ? 65  ASP L N   1 
ATOM   380 C CA  . ASP A 1 65  ? -3.914  -4.644  3.404   1.00 13.17 ? 65  ASP L CA  1 
ATOM   381 C C   . ASP A 1 65  ? -2.427  -4.604  3.057   1.00 15.23 ? 65  ASP L C   1 
ATOM   382 O O   . ASP A 1 65  ? -1.715  -3.662  3.421   1.00 15.93 ? 65  ASP L O   1 
ATOM   383 C CB  . ASP A 1 65  ? -4.658  -3.731  2.422   1.00 14.47 ? 65  ASP L CB  1 
ATOM   384 C CG  . ASP A 1 65  ? -6.140  -4.038  2.303   1.00 17.21 ? 65  ASP L CG  1 
ATOM   385 O OD1 . ASP A 1 65  ? -6.625  -5.037  2.873   1.00 16.64 ? 65  ASP L OD1 1 
ATOM   386 O OD2 . ASP A 1 65  ? -6.831  -3.251  1.607   1.00 17.18 ? 65  ASP L OD2 1 
ATOM   387 N N   . GLN A 1 66  ? -1.951  -5.618  2.322   1.00 13.79 ? 66  GLN L N   1 
ATOM   388 C CA  . GLN A 1 66  ? -0.613  -5.565  1.756   1.00 12.05 ? 66  GLN L CA  1 
ATOM   389 C C   . GLN A 1 66  ? -0.707  -4.898  0.391   1.00 14.65 ? 66  GLN L C   1 
ATOM   390 O O   . GLN A 1 66  ? -1.557  -5.272  -0.420  1.00 14.53 ? 66  GLN L O   1 
ATOM   391 C CB  . GLN A 1 66  ? 0.027   -6.953  1.617   1.00 16.14 ? 66  GLN L CB  1 
ATOM   392 C CG  . GLN A 1 66  ? 1.446   -6.869  1.027   1.00 16.75 ? 66  GLN L CG  1 
ATOM   393 C CD  . GLN A 1 66  ? 1.996   -8.199  0.554   1.00 20.40 ? 66  GLN L CD  1 
ATOM   394 O OE1 . GLN A 1 66  ? 1.295   -9.200  0.534   1.00 22.56 ? 66  GLN L OE1 1 
ATOM   395 N NE2 . GLN A 1 66  ? 3.262   -8.197  0.131   1.00 21.90 ? 66  GLN L NE2 1 
ATOM   396 N N   . LEU A 1 67  ? 0.131   -3.893  0.160   1.00 13.19 ? 67  LEU L N   1 
ATOM   397 C CA  . LEU A 1 67  ? 0.156   -3.215  -1.132  1.00 14.57 ? 67  LEU L CA  1 
ATOM   398 C C   . LEU A 1 67  ? 0.962   -4.030  -2.137  1.00 17.33 ? 67  LEU L C   1 
ATOM   399 O O   . LEU A 1 67  ? 2.107   -4.409  -1.876  1.00 18.28 ? 67  LEU L O   1 
ATOM   400 C CB  . LEU A 1 67  ? 0.731   -1.811  -0.981  1.00 17.50 ? 67  LEU L CB  1 
ATOM   401 C CG  . LEU A 1 67  ? -0.115  -0.870  -0.122  1.00 16.96 ? 67  LEU L CG  1 
ATOM   402 C CD1 . LEU A 1 67  ? 0.488   0.512   -0.164  1.00 19.76 ? 67  LEU L CD1 1 
ATOM   403 C CD2 . LEU A 1 67  ? -1.566  -0.842  -0.602  1.00 20.48 ? 67  LEU L CD2 1 
ATOM   404 N N   . ILE A 1 68  ? 0.358   -4.307  -3.287  1.00 13.05 ? 68  ILE L N   1 
ATOM   405 C CA  . ILE A 1 68  ? 0.940   -5.172  -4.306  1.00 15.01 ? 68  ILE L CA  1 
ATOM   406 C C   . ILE A 1 68  ? 1.349   -4.377  -5.535  1.00 15.97 ? 68  ILE L C   1 
ATOM   407 O O   . ILE A 1 68  ? 2.428   -4.589  -6.092  1.00 18.17 ? 68  ILE L O   1 
ATOM   408 C CB  . ILE A 1 68  ? -0.041  -6.296  -4.692  1.00 13.90 ? 68  ILE L CB  1 
ATOM   409 C CG1 . ILE A 1 68  ? -0.396  -7.160  -3.480  1.00 14.40 ? 68  ILE L CG1 1 
ATOM   410 C CG2 . ILE A 1 68  ? 0.532   -7.148  -5.849  1.00 17.93 ? 68  ILE L CG2 1 
ATOM   411 C CD1 . ILE A 1 68  ? 0.820   -7.847  -2.865  1.00 16.96 ? 68  ILE L CD1 1 
ATOM   412 N N   . ALA A 1 69  ? 0.481   -3.477  -5.994  1.00 17.58 ? 69  ALA L N   1 
ATOM   413 C CA  . ALA A 1 69  ? 0.772   -2.705  -7.189  1.00 14.88 ? 69  ALA L CA  1 
ATOM   414 C C   . ALA A 1 69  ? 0.043   -1.374  -7.125  1.00 16.68 ? 69  ALA L C   1 
ATOM   415 O O   . ALA A 1 69  ? -1.037  -1.269  -6.537  1.00 16.86 ? 69  ALA L O   1 
ATOM   416 C CB  . ALA A 1 69  ? 0.365   -3.451  -8.468  1.00 15.50 ? 69  ALA L CB  1 
ATOM   417 N N   . VAL A 1 70  ? 0.657   -0.353  -7.717  1.00 18.48 ? 70  VAL L N   1 
ATOM   418 C CA  . VAL A 1 70  ? 0.036   0.957   -7.888  1.00 21.04 ? 70  VAL L CA  1 
ATOM   419 C C   . VAL A 1 70  ? 0.086   1.305   -9.364  1.00 22.99 ? 70  VAL L C   1 
ATOM   420 O O   . VAL A 1 70  ? 1.174   1.422   -9.942  1.00 26.13 ? 70  VAL L O   1 
ATOM   421 C CB  . VAL A 1 70  ? 0.731   2.042   -7.049  1.00 27.24 ? 70  VAL L CB  1 
ATOM   422 C CG1 . VAL A 1 70  ? 0.114   3.403   -7.321  1.00 27.00 ? 70  VAL L CG1 1 
ATOM   423 C CG2 . VAL A 1 70  ? 0.607   1.705   -5.592  1.00 31.04 ? 70  VAL L CG2 1 
ATOM   424 N N   . ASN A 1 71  ? -1.089  1.478   -9.967  1.00 22.31 ? 71  ASN L N   1 
ATOM   425 C CA  . ASN A 1 71  ? -1.209  1.768   -11.395 1.00 27.60 ? 71  ASN L CA  1 
ATOM   426 C C   . ASN A 1 71  ? -0.361  0.813   -12.233 1.00 25.49 ? 71  ASN L C   1 
ATOM   427 O O   . ASN A 1 71  ? 0.279   1.205   -13.211 1.00 30.52 ? 71  ASN L O   1 
ATOM   428 C CB  . ASN A 1 71  ? -0.851  3.225   -11.687 1.00 34.40 ? 71  ASN L CB  1 
ATOM   429 C CG  . ASN A 1 71  ? -1.892  4.193   -11.154 1.00 39.54 ? 71  ASN L CG  1 
ATOM   430 O OD1 . ASN A 1 71  ? -3.067  3.849   -11.033 1.00 36.71 ? 71  ASN L OD1 1 
ATOM   431 N ND2 . ASN A 1 71  ? -1.463  5.407   -10.829 1.00 42.83 ? 71  ASN L ND2 1 
ATOM   432 N N   . GLY A 1 72  ? -0.372  -0.466  -11.850 1.00 26.48 ? 72  GLY L N   1 
ATOM   433 C CA  . GLY A 1 72  ? 0.347   -1.479  -12.592 1.00 30.37 ? 72  GLY L CA  1 
ATOM   434 C C   . GLY A 1 72  ? 1.811   -1.627  -12.246 1.00 29.73 ? 72  GLY L C   1 
ATOM   435 O O   . GLY A 1 72  ? 2.458   -2.548  -12.761 1.00 34.27 ? 72  GLY L O   1 
ATOM   436 N N   . GLU A 1 73  ? 2.364   -0.753  -11.407 1.00 25.71 ? 73  GLU L N   1 
ATOM   437 C CA  . GLU A 1 73  ? 3.746   -0.881  -10.957 1.00 26.43 ? 73  GLU L CA  1 
ATOM   438 C C   . GLU A 1 73  ? 3.779   -1.816  -9.755  1.00 23.62 ? 73  GLU L C   1 
ATOM   439 O O   . GLU A 1 73  ? 3.181   -1.516  -8.714  1.00 21.55 ? 73  GLU L O   1 
ATOM   440 C CB  . GLU A 1 73  ? 4.339   0.481   -10.600 1.00 26.98 ? 73  GLU L CB  1 
ATOM   441 N N   . SER A 1 74  ? 4.467   -2.947  -9.906  1.00 24.06 ? 74  SER L N   1 
ATOM   442 C CA  . SER A 1 74  ? 4.471   -3.986  -8.881  1.00 19.71 ? 74  SER L CA  1 
ATOM   443 C C   . SER A 1 74  ? 5.490   -3.690  -7.788  1.00 22.29 ? 74  SER L C   1 
ATOM   444 O O   . SER A 1 74  ? 6.586   -3.183  -8.052  1.00 21.66 ? 74  SER L O   1 
ATOM   445 C CB  . SER A 1 74  ? 4.774   -5.345  -9.513  1.00 30.07 ? 74  SER L CB  1 
ATOM   446 O OG  . SER A 1 74  ? 5.016   -6.339  -8.526  1.00 30.04 ? 74  SER L OG  1 
ATOM   447 N N   . LEU A 1 75  ? 5.121   -4.035  -6.554  1.00 19.31 ? 75  LEU L N   1 
ATOM   448 C CA  . LEU A 1 75  ? 6.007   -3.949  -5.403  1.00 18.64 ? 75  LEU L CA  1 
ATOM   449 C C   . LEU A 1 75  ? 6.617   -5.293  -5.039  1.00 25.54 ? 75  LEU L C   1 
ATOM   450 O O   . LEU A 1 75  ? 7.406   -5.365  -4.096  1.00 25.62 ? 75  LEU L O   1 
ATOM   451 C CB  . LEU A 1 75  ? 5.243   -3.390  -4.202  1.00 19.00 ? 75  LEU L CB  1 
ATOM   452 C CG  . LEU A 1 75  ? 4.515   -2.065  -4.444  1.00 22.45 ? 75  LEU L CG  1 
ATOM   453 C CD1 . LEU A 1 75  ? 3.869   -1.584  -3.156  1.00 32.55 ? 75  LEU L CD1 1 
ATOM   454 C CD2 . LEU A 1 75  ? 5.449   -1.003  -5.008  1.00 28.19 ? 75  LEU L CD2 1 
ATOM   455 N N   . LEU A 1 76  ? 6.272   -6.349  -5.764  1.00 24.33 ? 76  LEU L N   1 
ATOM   456 C CA  . LEU A 1 76  ? 6.755   -7.675  -5.424  1.00 25.44 ? 76  LEU L CA  1 
ATOM   457 C C   . LEU A 1 76  ? 8.174   -7.887  -5.939  1.00 27.86 ? 76  LEU L C   1 
ATOM   458 O O   . LEU A 1 76  ? 8.633   -7.244  -6.891  1.00 28.22 ? 76  LEU L O   1 
ATOM   459 C CB  . LEU A 1 76  ? 5.819   -8.738  -5.985  1.00 29.27 ? 76  LEU L CB  1 
ATOM   460 C CG  . LEU A 1 76  ? 4.509   -8.806  -5.201  1.00 27.89 ? 76  LEU L CG  1 
ATOM   461 C CD2 . LEU A 1 76  ? 3.598   -9.826  -5.828  1.00 31.63 ? 76  LEU L CD2 1 
ATOM   462 N N   . GLY A 1 77  ? 8.874   -8.808  -5.287  1.00 25.99 ? 77  GLY L N   1 
ATOM   463 C CA  . GLY A 1 77  ? 10.251  -9.062  -5.643  1.00 24.73 ? 77  GLY L CA  1 
ATOM   464 C C   . GLY A 1 77  ? 11.193  -7.955  -5.242  1.00 28.60 ? 77  GLY L C   1 
ATOM   465 O O   . GLY A 1 77  ? 12.292  -7.855  -5.792  1.00 34.90 ? 77  GLY L O   1 
ATOM   466 N N   . LYS A 1 78  ? 10.782  -7.115  -4.292  1.00 27.63 ? 78  LYS L N   1 
ATOM   467 C CA  . LYS A 1 78  ? 11.543  -5.963  -3.837  1.00 27.65 ? 78  LYS L CA  1 
ATOM   468 C C   . LYS A 1 78  ? 11.619  -5.975  -2.319  1.00 25.59 ? 78  LYS L C   1 
ATOM   469 O O   . LYS A 1 78  ? 10.615  -6.234  -1.651  1.00 24.89 ? 78  LYS L O   1 
ATOM   470 C CB  . LYS A 1 78  ? 10.883  -4.650  -4.293  1.00 27.55 ? 78  LYS L CB  1 
ATOM   471 C CG  . LYS A 1 78  ? 10.857  -4.414  -5.794  1.00 34.48 ? 78  LYS L CG  1 
ATOM   472 C CD  . LYS A 1 78  ? 9.990   -3.195  -6.105  1.00 32.44 ? 78  LYS L CD  1 
ATOM   473 C CE  . LYS A 1 78  ? 10.015  -2.827  -7.580  1.00 36.43 ? 78  LYS L CE  1 
ATOM   474 N NZ  . LYS A 1 78  ? 9.378   -3.858  -8.446  1.00 42.88 ? 78  LYS L NZ  1 
ATOM   475 N N   . ALA A 1 79  ? 12.800  -5.681  -1.777  1.00 28.96 ? 79  ALA L N   1 
ATOM   476 C CA  . ALA A 1 79  ? 12.923  -5.439  -0.345  1.00 29.58 ? 79  ALA L CA  1 
ATOM   477 C C   . ALA A 1 79  ? 12.064  -4.242  0.048   1.00 29.28 ? 79  ALA L C   1 
ATOM   478 O O   . ALA A 1 79  ? 11.645  -3.450  -0.799  1.00 25.65 ? 79  ALA L O   1 
ATOM   479 C CB  . ALA A 1 79  ? 14.383  -5.199  0.043   1.00 30.17 ? 79  ALA L CB  1 
ATOM   480 N N   . ASN A 1 80  ? 11.781  -4.127  1.350   1.00 21.20 ? 80  ASN L N   1 
ATOM   481 C CA  . ASN A 1 80  ? 10.820  -3.122  1.802   1.00 18.73 ? 80  ASN L CA  1 
ATOM   482 C C   . ASN A 1 80  ? 11.278  -1.723  1.431   1.00 23.40 ? 80  ASN L C   1 
ATOM   483 O O   . ASN A 1 80  ? 10.465  -0.891  1.014   1.00 20.14 ? 80  ASN L O   1 
ATOM   484 C CB  . ASN A 1 80  ? 10.612  -3.207  3.318   1.00 21.62 ? 80  ASN L CB  1 
ATOM   485 C CG  . ASN A 1 80  ? 9.762   -4.390  3.739   1.00 18.82 ? 80  ASN L CG  1 
ATOM   486 O OD1 . ASN A 1 80  ? 9.158   -5.077  2.910   1.00 17.19 ? 80  ASN L OD1 1 
ATOM   487 N ND2 . ASN A 1 80  ? 9.705   -4.633  5.050   1.00 19.96 ? 80  ASN L ND2 1 
ATOM   488 N N   . GLN A 1 81  ? 12.577  -1.447  1.570   1.00 25.64 ? 81  GLN L N   1 
ATOM   489 C CA  . GLN A 1 81  ? 13.092  -0.125  1.223   1.00 25.03 ? 81  GLN L CA  1 
ATOM   490 C C   . GLN A 1 81  ? 12.868  0.187   -0.253  1.00 22.89 ? 81  GLN L C   1 
ATOM   491 O O   . GLN A 1 81  ? 12.428  1.291   -0.603  1.00 25.91 ? 81  GLN L O   1 
ATOM   492 C CB  . GLN A 1 81  ? 14.578  -0.040  1.577   1.00 27.28 ? 81  GLN L CB  1 
ATOM   493 N N   . GLU A 1 82  ? 13.153  -0.779  -1.131  1.00 27.29 ? 82  GLU L N   1 
ATOM   494 C CA  . GLU A 1 82  ? 12.958  -0.572  -2.563  1.00 27.64 ? 82  GLU L CA  1 
ATOM   495 C C   . GLU A 1 82  ? 11.478  -0.452  -2.910  1.00 24.72 ? 82  GLU L C   1 
ATOM   496 O O   . GLU A 1 82  ? 11.104  0.344   -3.779  1.00 23.33 ? 82  GLU L O   1 
ATOM   497 C CB  . GLU A 1 82  ? 13.604  -1.715  -3.350  1.00 36.31 ? 82  GLU L CB  1 
ATOM   498 C CG  . GLU A 1 82  ? 15.122  -1.620  -3.491  1.00 43.11 ? 82  GLU L CG  1 
ATOM   499 C CD  . GLU A 1 82  ? 15.852  -1.594  -2.158  1.00 49.33 ? 82  GLU L CD  1 
ATOM   500 O OE2 . GLU A 1 82  ? 15.817  -2.613  -1.437  1.00 53.36 ? 82  GLU L OE2 1 
ATOM   501 N N   . ALA A 1 83  ? 10.621  -1.215  -2.229  1.00 20.95 ? 83  ALA L N   1 
ATOM   502 C CA  . ALA A 1 83  ? 9.182   -1.143  -2.494  1.00 16.37 ? 83  ALA L CA  1 
ATOM   503 C C   . ALA A 1 83  ? 8.608   0.198   -2.057  1.00 20.08 ? 83  ALA L C   1 
ATOM   504 O O   . ALA A 1 83  ? 7.755   0.779   -2.749  1.00 19.34 ? 83  ALA L O   1 
ATOM   505 C CB  . ALA A 1 83  ? 8.466   -2.290  -1.784  1.00 18.54 ? 83  ALA L CB  1 
ATOM   506 N N   . MET A 1 84  ? 9.069   0.709   -0.916  1.00 20.34 ? 84  MET L N   1 
ATOM   507 C CA  . MET A 1 84  ? 8.668   2.039   -0.463  1.00 22.65 ? 84  MET L CA  1 
ATOM   508 C C   . MET A 1 84  ? 9.063   3.108   -1.474  1.00 22.28 ? 84  MET L C   1 
ATOM   509 O O   . MET A 1 84  ? 8.274   4.014   -1.782  1.00 22.69 ? 84  MET L O   1 
ATOM   510 C CB  . MET A 1 84  ? 9.313   2.342   0.888   1.00 25.86 ? 84  MET L CB  1 
ATOM   511 C CG  . MET A 1 84  ? 8.656   1.679   2.065   1.00 33.60 ? 84  MET L CG  1 
ATOM   512 S SD  . MET A 1 84  ? 7.044   2.417   2.331   1.00 41.66 ? 84  MET L SD  1 
ATOM   513 C CE  . MET A 1 84  ? 6.849   2.105   4.084   1.00 39.67 ? 84  MET L CE  1 
ATOM   514 N N   . GLU A 1 85  ? 10.299  3.032   -1.978  1.00 21.61 ? 85  GLU L N   1 
ATOM   515 C CA  . GLU A 1 85  ? 10.752  3.989   -2.983  1.00 18.32 ? 85  GLU L CA  1 
ATOM   516 C C   . GLU A 1 85  ? 9.871   3.918   -4.224  1.00 22.35 ? 85  GLU L C   1 
ATOM   517 O O   . GLU A 1 85  ? 9.458   4.948   -4.764  1.00 22.36 ? 85  GLU L O   1 
ATOM   518 C CB  . GLU A 1 85  ? 12.217  3.720   -3.330  1.00 24.47 ? 85  GLU L CB  1 
ATOM   519 C CG  . GLU A 1 85  ? 13.191  4.023   -2.198  1.00 32.06 ? 85  GLU L CG  1 
ATOM   520 N N   . THR A 1 86  ? 9.551   2.701   -4.677  1.00 21.64 ? 86  THR L N   1 
ATOM   521 C CA  . THR A 1 86  ? 8.673   2.516   -5.831  1.00 18.82 ? 86  THR L CA  1 
ATOM   522 C C   . THR A 1 86  ? 7.307   3.144   -5.588  1.00 19.51 ? 86  THR L C   1 
ATOM   523 O O   . THR A 1 86  ? 6.758   3.815   -6.470  1.00 22.96 ? 86  THR L O   1 
ATOM   524 C CB  . THR A 1 86  ? 8.530   1.023   -6.145  1.00 23.01 ? 86  THR L CB  1 
ATOM   525 O OG1 . THR A 1 86  ? 9.821   0.487   -6.471  1.00 27.37 ? 86  THR L OG1 1 
ATOM   526 C CG2 . THR A 1 86  ? 7.595   0.808   -7.328  1.00 21.72 ? 86  THR L CG2 1 
ATOM   527 N N   . LEU A 1 87  ? 6.758   2.955   -4.387  1.00 20.90 ? 87  LEU L N   1 
ATOM   528 C CA  . LEU A 1 87  ? 5.487   3.572   -4.025  1.00 20.50 ? 87  LEU L CA  1 
ATOM   529 C C   . LEU A 1 87  ? 5.556   5.085   -4.141  1.00 21.30 ? 87  LEU L C   1 
ATOM   530 O O   . LEU A 1 87  ? 4.675   5.718   -4.739  1.00 22.83 ? 87  LEU L O   1 
ATOM   531 C CB  . LEU A 1 87  ? 5.111   3.183   -2.595  1.00 25.00 ? 87  LEU L CB  1 
ATOM   532 C CG  . LEU A 1 87  ? 4.085   2.085   -2.374  1.00 31.89 ? 87  LEU L CG  1 
ATOM   533 C CD1 . LEU A 1 87  ? 3.852   1.892   -0.887  1.00 25.50 ? 87  LEU L CD1 1 
ATOM   534 C CD2 . LEU A 1 87  ? 2.805   2.463   -3.063  1.00 31.99 ? 87  LEU L CD2 1 
ATOM   535 N N   . ARG A 1 88  ? 6.579   5.688   -3.531  1.00 21.57 ? 88  ARG L N   1 
ATOM   536 C CA  . ARG A 1 88  ? 6.692   7.139   -3.550  1.00 20.04 ? 88  ARG L CA  1 
ATOM   537 C C   . ARG A 1 88  ? 6.847   7.644   -4.972  1.00 17.90 ? 88  ARG L C   1 
ATOM   538 O O   . ARG A 1 88  ? 6.219   8.636   -5.363  1.00 20.74 ? 88  ARG L O   1 
ATOM   539 C CB  . ARG A 1 88  ? 7.881   7.589   -2.704  1.00 20.30 ? 88  ARG L CB  1 
ATOM   540 C CG  . ARG A 1 88  ? 7.723   7.333   -1.221  1.00 28.43 ? 88  ARG L CG  1 
ATOM   541 C CD  . ARG A 1 88  ? 8.857   7.970   -0.439  1.00 34.12 ? 88  ARG L CD  1 
ATOM   542 N NE  . ARG A 1 88  ? 8.575   9.370   -0.149  1.00 45.88 ? 88  ARG L NE  1 
ATOM   543 C CZ  . ARG A 1 88  ? 7.748   9.784   0.806   1.00 52.19 ? 88  ARG L CZ  1 
ATOM   544 N NH2 . ARG A 1 88  ? 7.552   11.082  0.991   1.00 55.17 ? 88  ARG L NH2 1 
ATOM   545 N N   . ARG A 1 89  ? 7.682   6.971   -5.763  1.00 20.43 ? 89  ARG L N   1 
ATOM   546 C CA  . ARG A 1 89  ? 7.912   7.427   -7.126  1.00 17.28 ? 89  ARG L CA  1 
ATOM   547 C C   . ARG A 1 89  ? 6.632   7.350   -7.947  1.00 17.55 ? 89  ARG L C   1 
ATOM   548 O O   . ARG A 1 89  ? 6.292   8.296   -8.670  1.00 18.78 ? 89  ARG L O   1 
ATOM   549 C CB  . ARG A 1 89  ? 9.027   6.601   -7.766  1.00 20.37 ? 89  ARG L CB  1 
ATOM   550 C CG  . ARG A 1 89  ? 10.372  6.774   -7.091  1.00 18.95 ? 89  ARG L CG  1 
ATOM   551 C CD  . ARG A 1 89  ? 11.340  5.653   -7.440  1.00 19.21 ? 89  ARG L CD  1 
ATOM   552 N NE  . ARG A 1 89  ? 12.699  5.982   -7.025  1.00 26.98 ? 89  ARG L NE  1 
ATOM   553 C CZ  . ARG A 1 89  ? 13.743  5.180   -7.195  1.00 42.45 ? 89  ARG L CZ  1 
ATOM   554 N NH1 . ARG A 1 89  ? 14.945  5.558   -6.788  1.00 45.75 ? 89  ARG L NH1 1 
ATOM   555 N NH2 . ARG A 1 89  ? 13.581  3.995   -7.768  1.00 46.21 ? 89  ARG L NH2 1 
ATOM   556 N N   . SER A 1 90  ? 5.883   6.251   -7.810  1.00 18.67 ? 90  SER L N   1 
ATOM   557 C CA  . SER A 1 90  ? 4.674   6.074   -8.608  1.00 24.94 ? 90  SER L CA  1 
ATOM   558 C C   . SER A 1 90  ? 3.571   7.037   -8.191  1.00 28.48 ? 90  SER L C   1 
ATOM   559 O O   . SER A 1 90  ? 2.711   7.381   -9.010  1.00 32.86 ? 90  SER L O   1 
ATOM   560 C CB  . SER A 1 90  ? 4.185   4.628   -8.504  1.00 30.65 ? 90  SER L CB  1 
ATOM   561 O OG  . SER A 1 90  ? 3.650   4.359   -7.220  1.00 40.53 ? 90  SER L OG  1 
ATOM   562 N N   . MET A 1 91  ? 3.565   7.482   -6.933  1.00 21.98 ? 91  MET L N   1 
ATOM   563 C CA  . MET A 1 91  ? 2.561   8.451   -6.514  1.00 22.04 ? 91  MET L CA  1 
ATOM   564 C C   . MET A 1 91  ? 2.966   9.881   -6.827  1.00 24.66 ? 91  MET L C   1 
ATOM   565 O O   . MET A 1 91  ? 2.118   10.775  -6.763  1.00 26.01 ? 91  MET L O   1 
ATOM   566 C CB  . MET A 1 91  ? 2.283   8.330   -5.016  1.00 22.78 ? 91  MET L CB  1 
ATOM   567 C CG  . MET A 1 91  ? 1.581   7.042   -4.611  1.00 25.89 ? 91  MET L CG  1 
ATOM   568 S SD  . MET A 1 91  ? -0.089  6.966   -5.290  1.00 35.26 ? 91  MET L SD  1 
ATOM   569 C CE  . MET A 1 91  ? -0.680  8.626   -4.942  1.00 36.93 ? 91  MET L CE  1 
ATOM   570 N N   . SER A 1 92  ? 4.232   10.109  -7.173  1.00 21.26 ? 92  SER L N   1 
ATOM   571 C CA  . SER A 1 92  ? 4.731   11.472  -7.334  1.00 18.88 ? 92  SER L CA  1 
ATOM   572 C C   . SER A 1 92  ? 4.185   12.171  -8.573  1.00 22.37 ? 92  SER L C   1 
ATOM   573 O O   . SER A 1 92  ? 4.262   13.403  -8.655  1.00 29.26 ? 92  SER L O   1 
ATOM   574 C CB  . SER A 1 92  ? 6.261   11.454  -7.394  1.00 25.32 ? 92  SER L CB  1 
ATOM   575 O OG  . SER A 1 92  ? 6.702   10.941  -8.643  1.00 24.24 ? 92  SER L OG  1 
ATOM   576 N N   . THR A 1 93  ? 3.643   11.427  -9.533  1.00 20.63 ? 93  THR L N   1 
ATOM   577 C CA  . THR A 1 93  ? 3.107   12.030  -10.742 1.00 24.53 ? 93  THR L CA  1 
ATOM   578 C C   . THR A 1 93  ? 1.598   12.222  -10.679 1.00 24.76 ? 93  THR L C   1 
ATOM   579 O O   . THR A 1 93  ? 1.012   12.718  -11.647 1.00 33.36 ? 93  THR L O   1 
ATOM   580 C CB  . THR A 1 93  ? 3.475   11.183  -11.962 1.00 25.54 ? 93  THR L CB  1 
ATOM   581 O OG1 . THR A 1 93  ? 2.991   9.851   -11.770 1.00 25.15 ? 93  THR L OG1 1 
ATOM   582 C CG2 . THR A 1 93  ? 4.986   11.155  -12.149 1.00 25.06 ? 93  THR L CG2 1 
ATOM   583 N N   . GLU A 1 94  ? 0.970   11.845  -9.565  1.00 30.74 ? 94  GLU L N   1 
ATOM   584 C CA  . GLU A 1 94  ? -0.479  11.921  -9.388  1.00 35.38 ? 94  GLU L CA  1 
ATOM   585 C C   . GLU A 1 94  ? -0.876  13.145  -8.570  1.00 38.65 ? 94  GLU L C   1 
ATOM   586 O O   . GLU A 1 94  ? -0.513  14.272  -8.902  1.00 39.60 ? 94  GLU L O   1 
ATOM   587 C CB  . GLU A 1 94  ? -0.995  10.651  -8.712  1.00 38.48 ? 94  GLU L CB  1 
ATOM   588 N N   . ARG A 1 98  ? -8.020  16.087  -9.894  1.00 47.85 ? 98  ARG L N   1 
ATOM   589 C CA  . ARG A 1 98  ? -8.766  14.899  -10.300 1.00 45.88 ? 98  ARG L CA  1 
ATOM   590 C C   . ARG A 1 98  ? -7.852  13.831  -10.888 1.00 48.74 ? 98  ARG L C   1 
ATOM   591 O O   . ARG A 1 98  ? -6.979  14.121  -11.703 1.00 57.19 ? 98  ARG L O   1 
ATOM   592 C CB  . ARG A 1 98  ? -9.848  15.269  -11.311 1.00 49.53 ? 98  ARG L CB  1 
ATOM   593 C CG  . ARG A 1 98  ? -11.090 15.862  -10.682 1.00 39.83 ? 98  ARG L CG  1 
ATOM   594 C CD  . ARG A 1 98  ? -12.056 14.794  -10.208 1.00 45.77 ? 98  ARG L CD  1 
ATOM   595 N NE  . ARG A 1 98  ? -13.431 15.291  -10.150 1.00 53.86 ? 98  ARG L NE  1 
ATOM   596 C CZ  . ARG A 1 98  ? -14.457 14.591  -9.677  1.00 55.08 ? 98  ARG L CZ  1 
ATOM   597 N N   . GLY A 1 99  ? -8.076  12.592  -10.472 1.00 33.48 ? 99  GLY L N   1 
ATOM   598 C CA  . GLY A 1 99  ? -7.258  11.486  -10.926 1.00 35.26 ? 99  GLY L CA  1 
ATOM   599 C C   . GLY A 1 99  ? -7.784  10.179  -10.379 1.00 30.98 ? 99  GLY L C   1 
ATOM   600 O O   . GLY A 1 99  ? -8.832  10.133  -9.735  1.00 34.22 ? 99  GLY L O   1 
ATOM   601 N N   . MET A 1 100 ? -7.030  9.110   -10.628 1.00 33.44 ? 100 MET L N   1 
ATOM   602 C CA  . MET A 1 100 ? -7.490  7.768   -10.287 1.00 33.62 ? 100 MET L CA  1 
ATOM   603 C C   . MET A 1 100 ? -6.285  6.876   -10.038 1.00 30.87 ? 100 MET L C   1 
ATOM   604 O O   . MET A 1 100 ? -5.410  6.766   -10.900 1.00 32.63 ? 100 MET L O   1 
ATOM   605 C CB  . MET A 1 100 ? -8.353  7.199   -11.412 1.00 35.38 ? 100 MET L CB  1 
ATOM   606 C CG  . MET A 1 100 ? -9.081  5.933   -11.051 1.00 36.37 ? 100 MET L CG  1 
ATOM   607 S SD  . MET A 1 100 ? -10.587 6.300   -10.147 1.00 41.97 ? 100 MET L SD  1 
ATOM   608 C CE  . MET A 1 100 ? -11.475 7.244   -11.380 1.00 40.03 ? 100 MET L CE  1 
ATOM   609 N N   . ILE A 1 101 ? -6.239  6.235   -8.872  1.00 26.01 ? 101 ILE L N   1 
ATOM   610 C CA  . ILE A 1 101 ? -5.163  5.313   -8.527  1.00 22.41 ? 101 ILE L CA  1 
ATOM   611 C C   . ILE A 1 101 ? -5.741  3.904   -8.528  1.00 26.29 ? 101 ILE L C   1 
ATOM   612 O O   . ILE A 1 101 ? -6.673  3.611   -7.772  1.00 26.29 ? 101 ILE L O   1 
ATOM   613 C CB  . ILE A 1 101 ? -4.536  5.653   -7.164  1.00 25.38 ? 101 ILE L CB  1 
ATOM   614 C CG1 . ILE A 1 101 ? -4.070  7.112   -7.128  1.00 34.64 ? 101 ILE L CG1 1 
ATOM   615 C CG2 . ILE A 1 101 ? -3.356  4.740   -6.877  1.00 27.42 ? 101 ILE L CG2 1 
ATOM   616 N N   . GLN A 1 102 ? -5.206  3.033   -9.383  1.00 23.44 ? 102 GLN L N   1 
ATOM   617 C CA  . GLN A 1 102 ? -5.603  1.633   -9.396  1.00 19.87 ? 102 GLN L CA  1 
ATOM   618 C C   . GLN A 1 102 ? -4.686  0.871   -8.449  1.00 19.62 ? 102 GLN L C   1 
ATOM   619 O O   . GLN A 1 102 ? -3.465  0.845   -8.650  1.00 22.33 ? 102 GLN L O   1 
ATOM   620 C CB  . GLN A 1 102 ? -5.527  1.048   -10.805 1.00 28.73 ? 102 GLN L CB  1 
ATOM   621 C CG  . GLN A 1 102 ? -5.893  -0.424  -10.890 1.00 32.55 ? 102 GLN L CG  1 
ATOM   622 C CD  . GLN A 1 102 ? -5.496  -1.036  -12.219 1.00 38.97 ? 102 GLN L CD  1 
ATOM   623 O OE1 . GLN A 1 102 ? -4.309  -1.217  -12.505 1.00 35.10 ? 102 GLN L OE1 1 
ATOM   624 N NE2 . GLN A 1 102 ? -6.487  -1.351  -13.045 1.00 36.68 ? 102 GLN L NE2 1 
ATOM   625 N N   . LEU A 1 103 ? -5.268  0.264   -7.424  1.00 17.57 ? 103 LEU L N   1 
ATOM   626 C CA  . LEU A 1 103 ? -4.514  -0.471  -6.418  1.00 16.06 ? 103 LEU L CA  1 
ATOM   627 C C   . LEU A 1 103 ? -4.769  -1.964  -6.548  1.00 15.09 ? 103 LEU L C   1 
ATOM   628 O O   . LEU A 1 103 ? -5.894  -2.396  -6.809  1.00 15.65 ? 103 LEU L O   1 
ATOM   629 C CB  . LEU A 1 103 ? -4.895  -0.017  -5.012  1.00 16.83 ? 103 LEU L CB  1 
ATOM   630 C CG  . LEU A 1 103 ? -4.516  1.419   -4.674  1.00 19.48 ? 103 LEU L CG  1 
ATOM   631 C CD1 . LEU A 1 103 ? -5.148  1.841   -3.349  1.00 22.26 ? 103 LEU L CD1 1 
ATOM   632 C CD2 . LEU A 1 103 ? -3.002  1.559   -4.640  1.00 21.83 ? 103 LEU L CD2 1 
ATOM   633 N N   . ILE A 1 104 ? -3.713  -2.746  -6.378  1.00 13.91 ? 104 ILE L N   1 
ATOM   634 C CA  . ILE A 1 104 ? -3.829  -4.172  -6.121  1.00 12.43 ? 104 ILE L CA  1 
ATOM   635 C C   . ILE A 1 104 ? -3.334  -4.406  -4.708  1.00 13.29 ? 104 ILE L C   1 
ATOM   636 O O   . ILE A 1 104 ? -2.253  -3.934  -4.339  1.00 15.43 ? 104 ILE L O   1 
ATOM   637 C CB  . ILE A 1 104 ? -3.012  -5.007  -7.121  1.00 15.68 ? 104 ILE L CB  1 
ATOM   638 C CG1 . ILE A 1 104 ? -3.447  -4.701  -8.550  1.00 15.72 ? 104 ILE L CG1 1 
ATOM   639 C CG2 . ILE A 1 104 ? -3.134  -6.490  -6.785  1.00 16.70 ? 104 ILE L CG2 1 
ATOM   640 C CD1 . ILE A 1 104 ? -2.689  -5.496  -9.598  1.00 20.42 ? 104 ILE L CD1 1 
ATOM   641 N N   . VAL A 1 105 ? -4.136  -5.104  -3.914  1.00 12.33 ? 105 VAL L N   1 
ATOM   642 C CA  . VAL A 1 105 ? -3.787  -5.403  -2.532  1.00 11.08 ? 105 VAL L CA  1 
ATOM   643 C C   . VAL A 1 105 ? -3.949  -6.896  -2.299  1.00 14.34 ? 105 VAL L C   1 
ATOM   644 O O   . VAL A 1 105 ? -4.570  -7.610  -3.090  1.00 12.57 ? 105 VAL L O   1 
ATOM   645 C CB  . VAL A 1 105 ? -4.642  -4.615  -1.523  1.00 15.48 ? 105 VAL L CB  1 
ATOM   646 C CG1 . VAL A 1 105 ? -4.499  -3.118  -1.735  1.00 17.68 ? 105 VAL L CG1 1 
ATOM   647 C CG2 . VAL A 1 105 ? -6.120  -5.032  -1.612  1.00 13.73 ? 105 VAL L CG2 1 
ATOM   648 N N   . ALA A 1 106 ? -3.384  -7.362  -1.189  1.00 13.44 ? 106 ALA L N   1 
ATOM   649 C CA  . ALA A 1 106 ? -3.603  -8.724  -0.720  1.00 14.58 ? 106 ALA L CA  1 
ATOM   650 C C   . ALA A 1 106 ? -4.250  -8.632  0.654   1.00 14.05 ? 106 ALA L C   1 
ATOM   651 O O   . ALA A 1 106 ? -3.706  -7.989  1.557   1.00 14.00 ? 106 ALA L O   1 
ATOM   652 C CB  . ALA A 1 106 ? -2.293  -9.514  -0.669  1.00 14.41 ? 106 ALA L CB  1 
ATOM   653 N N   . ARG A 1 107 ? -5.412  -9.250  0.810   1.00 11.56 ? 107 ARG L N   1 
ATOM   654 C CA  . ARG A 1 107 ? -6.235  -9.077  1.997   1.00 12.38 ? 107 ARG L CA  1 
ATOM   655 C C   . ARG A 1 107 ? -6.576  -10.445 2.567   1.00 18.85 ? 107 ARG L C   1 
ATOM   656 O O   . ARG A 1 107 ? -6.928  -11.362 1.820   1.00 19.31 ? 107 ARG L O   1 
ATOM   657 C CB  . ARG A 1 107 ? -7.518  -8.292  1.666   1.00 13.61 ? 107 ARG L CB  1 
ATOM   658 C CG  . ARG A 1 107 ? -8.465  -8.099  2.847   1.00 15.99 ? 107 ARG L CG  1 
ATOM   659 C CD  . ARG A 1 107 ? -9.654  -7.222  2.486   1.00 19.76 ? 107 ARG L CD  1 
ATOM   660 N NE  . ARG A 1 107 ? -9.201  -5.934  1.976   1.00 16.17 ? 107 ARG L NE  1 
ATOM   661 C CZ  . ARG A 1 107 ? -10.001 -5.046  1.394   1.00 15.88 ? 107 ARG L CZ  1 
ATOM   662 N NH1 . ARG A 1 107 ? -11.295 -5.310  1.257   1.00 18.66 ? 107 ARG L NH1 1 
ATOM   663 N NH2 . ARG A 1 107 ? -9.504  -3.899  0.959   1.00 19.03 ? 107 ARG L NH2 1 
ATOM   664 N N   . ARG A 1 108 ? -6.492  -10.571 3.888   1.00 19.62 ? 108 ARG L N   1 
ATOM   665 C CA  . ARG A 1 108 ? -6.613  -11.875 4.547   1.00 27.49 ? 108 ARG L CA  1 
ATOM   666 C C   . ARG A 1 108 ? -7.979  -12.528 4.344   1.00 37.44 ? 108 ARG L C   1 
ATOM   667 O O   . ARG A 1 108 ? -8.969  -11.860 4.045   1.00 35.83 ? 108 ARG L O   1 
ATOM   668 C CB  . ARG A 1 108 ? -6.316  -11.729 6.044   1.00 29.90 ? 108 ARG L CB  1 
ATOM   669 C CG  . ARG A 1 108 ? -5.852  -13.006 6.717   1.00 35.49 ? 108 ARG L CG  1 
ATOM   670 C CD  . ARG A 1 108 ? -5.655  -12.796 8.207   1.00 37.18 ? 108 ARG L CD  1 
ATOM   671 N N   . THR B 2 6   ? 10.340  5.094   8.692   1.00 41.89 ? 86  THR A N   1 
ATOM   672 C CA  . THR B 2 6   ? 9.836   3.738   8.529   1.00 38.48 ? 86  THR A CA  1 
ATOM   673 C C   . THR B 2 6   ? 8.346   3.748   8.198   1.00 28.31 ? 86  THR A C   1 
ATOM   674 O O   . THR B 2 6   ? 7.821   2.764   7.683   1.00 33.45 ? 86  THR A O   1 
ATOM   675 C CB  . THR B 2 6   ? 10.074  2.877   9.790   1.00 42.84 ? 86  THR A CB  1 
ATOM   676 O OG1 . THR B 2 6   ? 9.912   1.492   9.461   1.00 49.91 ? 86  THR A OG1 1 
ATOM   677 C CG2 . THR B 2 6   ? 9.093   3.246   10.898  1.00 36.43 ? 86  THR A CG2 1 
ATOM   678 N N   . ILE B 2 7   ? 7.671   4.857   8.493   1.00 26.71 ? 87  ILE A N   1 
ATOM   679 C CA  . ILE B 2 7   ? 6.270   5.049   8.134   1.00 22.31 ? 87  ILE A CA  1 
ATOM   680 C C   . ILE B 2 7   ? 6.207   6.183   7.131   1.00 23.66 ? 87  ILE A C   1 
ATOM   681 O O   . ILE B 2 7   ? 6.670   7.292   7.416   1.00 28.86 ? 87  ILE A O   1 
ATOM   682 C CB  . ILE B 2 7   ? 5.391   5.349   9.360   1.00 22.76 ? 87  ILE A CB  1 
ATOM   683 C CG1 . ILE B 2 7   ? 5.448   4.178   10.343  1.00 29.96 ? 87  ILE A CG1 1 
ATOM   684 C CG2 . ILE B 2 7   ? 3.950   5.614   8.927   1.00 24.72 ? 87  ILE A CG2 1 
ATOM   685 C CD1 . ILE B 2 7   ? 4.458   4.286   11.480  1.00 32.72 ? 87  ILE A CD1 1 
ATOM   686 N N   . ILE B 2 8   ? 5.645   5.912   5.956   1.00 20.11 ? 88  ILE A N   1 
ATOM   687 C CA  . ILE B 2 8   ? 5.504   6.951   4.950   1.00 20.52 ? 88  ILE A CA  1 
ATOM   688 C C   . ILE B 2 8   ? 4.024   7.173   4.691   1.00 18.77 ? 88  ILE A C   1 
ATOM   689 O O   . ILE B 2 8   ? 3.202   6.251   4.740   1.00 18.54 ? 88  ILE A O   1 
ATOM   690 C CB  . ILE B 2 8   ? 6.252   6.642   3.626   1.00 24.90 ? 88  ILE A CB  1 
ATOM   691 C CG1 . ILE B 2 8   ? 5.558   5.539   2.836   1.00 32.63 ? 88  ILE A CG1 1 
ATOM   692 C CG2 . ILE B 2 8   ? 7.706   6.293   3.888   1.00 25.38 ? 88  ILE A CG2 1 
ATOM   693 N N   . THR B 2 9   ? 3.679   8.421   4.411   1.00 18.80 ? 89  THR A N   1 
ATOM   694 C CA  . THR B 2 9   ? 2.307   8.784   4.105   1.00 21.62 ? 89  THR A CA  1 
ATOM   695 C C   . THR B 2 9   ? 2.199   9.121   2.624   1.00 24.62 ? 89  THR A C   1 
ATOM   696 O O   . THR B 2 9   ? 2.988   9.920   2.106   1.00 31.60 ? 89  THR A O   1 
ATOM   697 C CB  . THR B 2 9   ? 1.854   9.954   4.977   1.00 26.21 ? 89  THR A CB  1 
ATOM   698 O OG1 . THR B 2 9   ? 1.884   9.537   6.349   1.00 30.67 ? 89  THR A OG1 1 
ATOM   699 C CG2 . THR B 2 9   ? 0.441   10.371  4.615   1.00 29.31 ? 89  THR A CG2 1 
ATOM   700 N N   . LEU B 2 10  ? 1.239   8.489   1.953   1.00 23.93 ? 90  LEU A N   1 
ATOM   701 C CA  . LEU B 2 10  ? 1.015   8.674   0.523   1.00 27.70 ? 90  LEU A CA  1 
ATOM   702 C C   . LEU B 2 10  ? -0.253  9.484   0.294   1.00 33.10 ? 90  LEU A C   1 
ATOM   703 O O   . LEU B 2 10  ? -0.442  10.092  -0.760  1.00 37.48 ? 90  LEU A O   1 
ATOM   704 C CB  . LEU B 2 10  ? 0.914   7.320   -0.179  1.00 32.50 ? 90  LEU A CB  1 
ATOM   705 C CG  . LEU B 2 10  ? 2.031   6.305   0.087   1.00 37.70 ? 90  LEU A CG  1 
ATOM   706 C CD1 . LEU B 2 10  ? 1.530   4.892   -0.168  1.00 41.65 ? 90  LEU A CD1 1 
ATOM   707 C CD2 . LEU B 2 10  ? 3.257   6.596   -0.772  1.00 36.76 ? 90  LEU A CD2 1 
ATOM   708 O OXT . LEU B 2 10  ? -1.118  9.543   1.172   1.00 32.16 ? 90  LEU A OXT 1 
HETATM 709 S S   . SO4 C 3 .   ? 0.690   -17.027 9.364   1.00 19.52 ? 201 SO4 L S   1 
HETATM 710 O O1  . SO4 C 3 .   ? 1.238   -16.168 8.319   1.00 22.83 ? 201 SO4 L O1  1 
HETATM 711 O O2  . SO4 C 3 .   ? 1.494   -16.846 10.589  1.00 21.14 ? 201 SO4 L O2  1 
HETATM 712 O O3  . SO4 C 3 .   ? -0.695  -16.656 9.613   1.00 23.10 ? 201 SO4 L O3  1 
HETATM 713 O O4  . SO4 C 3 .   ? 0.711   -18.423 8.911   1.00 24.21 ? 201 SO4 L O4  1 
HETATM 714 S S   . SO4 D 3 .   ? -18.858 -3.976  -4.707  1.00 37.16 ? 202 SO4 L S   1 
HETATM 715 O O1  . SO4 D 3 .   ? -17.857 -4.594  -5.569  1.00 39.30 ? 202 SO4 L O1  1 
HETATM 716 O O2  . SO4 D 3 .   ? -19.228 -2.673  -5.248  1.00 39.58 ? 202 SO4 L O2  1 
HETATM 717 O O3  . SO4 D 3 .   ? -18.313 -3.792  -3.364  1.00 45.05 ? 202 SO4 L O3  1 
HETATM 718 O O4  . SO4 D 3 .   ? -20.047 -4.824  -4.652  1.00 42.66 ? 202 SO4 L O4  1 
HETATM 719 S S   . SO4 E 3 .   ? 9.479   -11.907 14.518  1.00 71.45 ? 203 SO4 L S   1 
HETATM 720 O O1  . SO4 E 3 .   ? 9.781   -10.537 14.114  1.00 71.32 ? 203 SO4 L O1  1 
HETATM 721 O O2  . SO4 E 3 .   ? 10.705  -12.559 14.965  1.00 71.18 ? 203 SO4 L O2  1 
HETATM 722 O O3  . SO4 E 3 .   ? 8.504   -11.882 15.607  1.00 71.09 ? 203 SO4 L O3  1 
HETATM 723 O O4  . SO4 E 3 .   ? 8.928   -12.644 13.384  1.00 71.60 ? 203 SO4 L O4  1 
HETATM 724 O O   . HOH F 4 .   ? -13.670 2.979   -5.437  1.00 22.40 ? 301 HOH L O   1 
HETATM 725 O O   . HOH F 4 .   ? 16.908  -10.717 13.564  1.00 35.00 ? 302 HOH L O   1 
HETATM 726 O O   . HOH F 4 .   ? 17.028  -16.249 13.480  1.00 30.13 ? 303 HOH L O   1 
HETATM 727 O O   . HOH F 4 .   ? -17.418 -7.121  -5.023  1.00 32.81 ? 304 HOH L O   1 
HETATM 728 O O   . HOH F 4 .   ? -11.737 9.183   -3.099  1.00 31.83 ? 305 HOH L O   1 
HETATM 729 O O   . HOH F 4 .   ? 8.761   -5.541  0.110   1.00 27.21 ? 306 HOH L O   1 
HETATM 730 O O   . HOH F 4 .   ? -14.616 0.726   4.453   1.00 36.05 ? 307 HOH L O   1 
HETATM 731 O O   . HOH F 4 .   ? 6.811   -5.753  -1.531  1.00 22.16 ? 308 HOH L O   1 
HETATM 732 O O   . HOH F 4 .   ? -6.876  -5.786  5.461   1.00 17.87 ? 309 HOH L O   1 
HETATM 733 O O   . HOH F 4 .   ? 1.106   -16.596 5.544   1.00 17.94 ? 310 HOH L O   1 
HETATM 734 O O   . HOH F 4 .   ? -12.724 -3.285  -0.618  1.00 15.07 ? 311 HOH L O   1 
HETATM 735 O O   . HOH F 4 .   ? -10.717 3.110   2.726   1.00 30.80 ? 312 HOH L O   1 
HETATM 736 O O   . HOH F 4 .   ? -2.849  -0.598  -14.743 1.00 32.32 ? 313 HOH L O   1 
HETATM 737 O O   . HOH F 4 .   ? -6.397  12.603  0.916   1.00 40.34 ? 314 HOH L O   1 
HETATM 738 O O   . HOH F 4 .   ? 4.221   -5.394  -0.381  1.00 19.23 ? 315 HOH L O   1 
HETATM 739 O O   . HOH F 4 .   ? -17.865 7.081   -1.087  1.00 31.23 ? 316 HOH L O   1 
HETATM 740 O O   . HOH F 4 .   ? -9.667  -0.183  7.607   1.00 25.87 ? 317 HOH L O   1 
HETATM 741 O O   . HOH F 4 .   ? -7.745  8.817   3.517   1.00 20.68 ? 318 HOH L O   1 
HETATM 742 O O   . HOH F 4 .   ? -10.034 3.485   -0.466  1.00 21.78 ? 319 HOH L O   1 
HETATM 743 O O   . HOH F 4 .   ? -5.891  -8.339  5.628   1.00 22.19 ? 320 HOH L O   1 
HETATM 744 O O   . HOH F 4 .   ? -2.419  -1.557  -10.107 1.00 25.24 ? 321 HOH L O   1 
HETATM 745 O O   . HOH F 4 .   ? 14.436  -3.159  3.241   1.00 29.04 ? 322 HOH L O   1 
HETATM 746 O O   . HOH F 4 .   ? -6.976  3.929   10.068  1.00 31.55 ? 323 HOH L O   1 
HETATM 747 O O   . HOH F 4 .   ? -7.449  -13.205 -6.161  0.33 20.16 ? 324 HOH L O   1 
HETATM 748 O O   . HOH F 4 .   ? 15.116  -4.964  -3.445  1.00 36.24 ? 325 HOH L O   1 
HETATM 749 O O   . HOH F 4 .   ? -5.343  -1.397  -15.937 1.00 42.60 ? 326 HOH L O   1 
HETATM 750 O O   . HOH F 4 .   ? -6.886  13.936  -3.163  1.00 41.18 ? 327 HOH L O   1 
HETATM 751 O O   . HOH F 4 .   ? -7.319  -7.503  10.826  1.00 46.85 ? 328 HOH L O   1 
HETATM 752 O O   . HOH F 4 .   ? -6.135  -8.664  9.083   1.00 32.98 ? 329 HOH L O   1 
# 
loop_
_atom_site_anisotrop.id 
_atom_site_anisotrop.type_symbol 
_atom_site_anisotrop.pdbx_label_atom_id 
_atom_site_anisotrop.pdbx_label_alt_id 
_atom_site_anisotrop.pdbx_label_comp_id 
_atom_site_anisotrop.pdbx_label_asym_id 
_atom_site_anisotrop.pdbx_label_seq_id 
_atom_site_anisotrop.pdbx_PDB_ins_code 
_atom_site_anisotrop.U[1][1] 
_atom_site_anisotrop.U[2][2] 
_atom_site_anisotrop.U[3][3] 
_atom_site_anisotrop.U[1][2] 
_atom_site_anisotrop.U[1][3] 
_atom_site_anisotrop.U[2][3] 
_atom_site_anisotrop.pdbx_auth_seq_id 
_atom_site_anisotrop.pdbx_auth_comp_id 
_atom_site_anisotrop.pdbx_auth_asym_id 
_atom_site_anisotrop.pdbx_auth_atom_id 
1   N N   . GLU A 5   ? 0.6128 0.3013 0.2450 0.1110  -0.1456 -0.0051 5   GLU L N   
2   C CA  . GLU A 5   ? 0.7379 0.4127 0.3320 0.1030  -0.1155 -0.0031 5   GLU L CA  
3   C C   . GLU A 5   ? 0.7095 0.4256 0.3502 0.0836  -0.0965 -0.0022 5   GLU L C   
4   O O   . GLU A 5   ? 0.7099 0.4349 0.3484 0.0763  -0.0814 -0.0074 5   GLU L O   
5   C CB  . GLU A 5   ? 0.8313 0.4865 0.3980 0.1147  -0.1369 -0.0184 5   GLU L CB  
6   N N   . PHE A 6   ? 0.5546 0.2946 0.2383 0.0785  -0.0968 0.0040  6   PHE L N   
7   C CA  . PHE A 6   ? 0.4476 0.2377 0.1998 0.0586  -0.0733 0.0021  6   PHE L CA  
8   C C   . PHE A 6   ? 0.4176 0.1984 0.1566 0.0437  -0.0362 0.0139  6   PHE L C   
9   O O   . PHE A 6   ? 0.4064 0.2178 0.1787 0.0279  -0.0157 0.0120  6   PHE L O   
10  C CB  . PHE A 6   ? 0.4278 0.2556 0.2474 0.0631  -0.0871 -0.0001 6   PHE L CB  
11  C CG  . PHE A 6   ? 0.3734 0.2482 0.2522 0.0489  -0.0656 -0.0013 6   PHE L CG  
12  C CD1 . PHE A 6   ? 0.3538 0.2632 0.2772 0.0405  -0.0688 -0.0069 6   PHE L CD1 
13  C CD2 . PHE A 6   ? 0.3936 0.2699 0.2771 0.0456  -0.0449 0.0030  6   PHE L CD2 
14  C CE1 . PHE A 6   ? 0.3300 0.2767 0.2983 0.0308  -0.0483 -0.0045 6   PHE L CE1 
15  C CE2 . PHE A 6   ? 0.3515 0.2638 0.2746 0.0375  -0.0283 0.0014  6   PHE L CE2 
16  C CZ  . PHE A 6   ? 0.3385 0.2872 0.3024 0.0309  -0.0280 -0.0004 6   PHE L CZ  
17  N N   . GLY A 7   ? 0.4528 0.1901 0.1488 0.0482  -0.0304 0.0269  7   GLY L N   
18  C CA  . GLY A 7   ? 0.4577 0.1818 0.1518 0.0301  -0.0002 0.0397  7   GLY L CA  
19  C C   . GLY A 7   ? 0.4113 0.1595 0.1583 0.0198  0.0003  0.0332  7   GLY L C   
20  O O   . GLY A 7   ? 0.4234 0.1912 0.1979 0.0321  -0.0170 0.0233  7   GLY L O   
21  N N   . THR A 8   ? 0.4083 0.1540 0.1694 -0.0014 0.0204  0.0394  8   THR L N   
22  C CA  . THR A 8   ? 0.3743 0.1390 0.1764 -0.0108 0.0174  0.0291  8   THR L CA  
23  C C   . THR A 8   ? 0.3519 0.1667 0.1938 -0.0235 0.0274  0.0229  8   THR L C   
24  O O   . THR A 8   ? 0.4205 0.2430 0.2704 -0.0385 0.0454  0.0317  8   THR L O   
25  C CB  . THR A 8   ? 0.4168 0.1392 0.2139 -0.0266 0.0213  0.0369  8   THR L CB  
26  O OG1 . THR A 8   ? 0.4701 0.1407 0.2286 -0.0102 0.0094  0.0419  8   THR L OG1 
27  C CG2 . THR A 8   ? 0.4283 0.1642 0.2579 -0.0342 0.0114  0.0210  8   THR L CG2 
28  N N   . ARG A 9   ? 0.2835 0.1326 0.1512 -0.0150 0.0185  0.0107  9   ARG L N   
29  C CA  . ARG A 9   ? 0.2588 0.1506 0.1583 -0.0223 0.0255  0.0067  9   ARG L CA  
30  C C   . ARG A 9   ? 0.2895 0.1958 0.2100 -0.0265 0.0216  -0.0010 9   ARG L C   
31  O O   . ARG A 9   ? 0.2841 0.1751 0.1930 -0.0154 0.0124  -0.0078 9   ARG L O   
32  C CB  . ARG A 9   ? 0.2440 0.1612 0.1553 -0.0098 0.0197  0.0032  9   ARG L CB  
33  C CG  . ARG A 9   ? 0.2862 0.1846 0.1699 -0.0039 0.0154  0.0059  9   ARG L CG  
34  C CD  . ARG A 9   ? 0.2831 0.2040 0.1865 0.0014  0.0061  -0.0002 9   ARG L CD  
35  N NE  . ARG A 9   ? 0.3243 0.2160 0.1878 0.0103  -0.0053 -0.0021 9   ARG L NE  
36  C CZ  . ARG A 9   ? 0.3238 0.2166 0.1855 0.0133  -0.0132 -0.0099 9   ARG L CZ  
37  N NH1 . ARG A 9   ? 0.3661 0.2223 0.1768 0.0258  -0.0282 -0.0150 9   ARG L NH1 
38  N NH2 . ARG A 9   ? 0.2904 0.2140 0.1948 0.0059  -0.0079 -0.0131 9   ARG L NH2 
39  N N   . GLU A 10  ? 0.2554 0.1882 0.2017 -0.0385 0.0271  -0.0010 10  GLU L N   
40  C CA  . GLU A 10  ? 0.2111 0.1573 0.1713 -0.0396 0.0173  -0.0093 10  GLU L CA  
41  C C   . GLU A 10  ? 0.2057 0.1846 0.1765 -0.0273 0.0205  -0.0095 10  GLU L C   
42  O O   . GLU A 10  ? 0.2040 0.2001 0.1873 -0.0269 0.0293  -0.0043 10  GLU L O   
43  C CB  . GLU A 10  ? 0.2915 0.2482 0.2833 -0.0602 0.0158  -0.0076 10  GLU L CB  
44  N N   . PHE A 11  ? 0.2119 0.1927 0.1725 -0.0155 0.0135  -0.0151 11  PHE L N   
45  C CA  . PHE A 11  ? 0.1894 0.1968 0.1583 -0.0041 0.0198  -0.0101 11  PHE L CA  
46  C C   . PHE A 11  ? 0.2040 0.2295 0.1902 -0.0113 0.0134  -0.0103 11  PHE L C   
47  O O   . PHE A 11  ? 0.2376 0.2547 0.2194 -0.0159 -0.0032 -0.0186 11  PHE L O   
48  C CB  . PHE A 11  ? 0.2013 0.2002 0.1416 0.0180  0.0219  -0.0114 11  PHE L CB  
49  C CG  . PHE A 11  ? 0.2164 0.2118 0.1564 0.0300  0.0317  -0.0075 11  PHE L CG  
50  C CD1 . PHE A 11  ? 0.2669 0.2900 0.2377 0.0357  0.0453  0.0056  11  PHE L CD1 
51  C CD2 . PHE A 11  ? 0.2732 0.2374 0.1908 0.0345  0.0245  -0.0160 11  PHE L CD2 
52  C CE1 . PHE A 11  ? 0.2857 0.3139 0.2720 0.0468  0.0505  0.0099  11  PHE L CE1 
53  C CE2 . PHE A 11  ? 0.3040 0.2687 0.2275 0.0493  0.0310  -0.0119 11  PHE L CE2 
54  C CZ  . PHE A 11  ? 0.2868 0.2878 0.2487 0.0555  0.0433  0.0009  11  PHE L CZ  
55  N N   . LEU A 12  ? 0.1565 0.2042 0.1654 -0.0114 0.0227  -0.0023 12  LEU L N   
56  C CA  . LEU A 12  ? 0.1439 0.2115 0.1745 -0.0132 0.0181  -0.0005 12  LEU L CA  
57  C C   . LEU A 12  ? 0.1732 0.2489 0.2012 0.0008  0.0236  0.0093  12  LEU L C   
58  O O   . LEU A 12  ? 0.1702 0.2431 0.1980 0.0053  0.0353  0.0169  12  LEU L O   
59  C CB  . LEU A 12  ? 0.1225 0.2026 0.1823 -0.0237 0.0282  0.0013  12  LEU L CB  
60  C CG  . LEU A 12  ? 0.1284 0.2003 0.1936 -0.0383 0.0321  -0.0008 12  LEU L CG  
61  C CD1 . LEU A 12  ? 0.2260 0.3079 0.3076 -0.0406 0.0512  0.0044  12  LEU L CD1 
62  C CD2 . LEU A 12  ? 0.1829 0.2595 0.2674 -0.0491 0.0152  -0.0051 12  LEU L CD2 
63  N N   . THR A 13  ? 0.1419 0.2274 0.1730 0.0076  0.0137  0.0113  13  THR L N   
64  C CA  . THR A 13  ? 0.1394 0.2266 0.1666 0.0211  0.0208  0.0253  13  THR L CA  
65  C C   . THR A 13  ? 0.1278 0.2298 0.1809 0.0237  0.0125  0.0270  13  THR L C   
66  O O   . THR A 13  ? 0.1251 0.2418 0.1965 0.0194  -0.0030 0.0182  13  THR L O   
67  C CB  . THR A 13  ? 0.2088 0.2815 0.1899 0.0400  0.0199  0.0320  13  THR L CB  
68  O OG1 . THR A 13  ? 0.2427 0.3140 0.2215 0.0520  0.0331  0.0524  13  THR L OG1 
69  C CG2 . THR A 13  ? 0.2106 0.2762 0.1646 0.0474  -0.0082 0.0196  13  THR L CG2 
70  N N   . PHE A 14  ? 0.1381 0.2365 0.2005 0.0303  0.0226  0.0393  14  PHE L N   
71  C CA  . PHE A 14  ? 0.1241 0.2313 0.2085 0.0389  0.0163  0.0425  14  PHE L CA  
72  C C   . PHE A 14  ? 0.1405 0.2282 0.2173 0.0496  0.0250  0.0610  14  PHE L C   
73  O O   . PHE A 14  ? 0.1595 0.2335 0.2293 0.0452  0.0389  0.0713  14  PHE L O   
74  C CB  . PHE A 14  ? 0.1322 0.2517 0.2520 0.0317  0.0230  0.0323  14  PHE L CB  
75  C CG  . PHE A 14  ? 0.1308 0.2353 0.2459 0.0206  0.0365  0.0269  14  PHE L CG  
76  C CD1 . PHE A 14  ? 0.2167 0.2989 0.3327 0.0227  0.0418  0.0303  14  PHE L CD1 
77  C CD2 . PHE A 14  ? 0.1709 0.2785 0.2802 0.0084  0.0392  0.0182  14  PHE L CD2 
78  C CE1 . PHE A 14  ? 0.2393 0.3049 0.3491 0.0140  0.0449  0.0223  14  PHE L CE1 
79  C CE2 . PHE A 14  ? 0.2297 0.3197 0.3272 0.0021  0.0466  0.0133  14  PHE L CE2 
80  C CZ  . PHE A 14  ? 0.2619 0.3323 0.3590 0.0056  0.0470  0.0141  14  PHE L CZ  
81  N N   . GLU A 15  ? 0.1590 0.2463 0.2438 0.0640  0.0165  0.0676  15  GLU L N   
82  C CA  . GLU A 15  ? 0.2525 0.3143 0.3301 0.0753  0.0233  0.0888  15  GLU L CA  
83  C C   . GLU A 15  ? 0.2884 0.3399 0.3990 0.0758  0.0257  0.0839  15  GLU L C   
84  O O   . GLU A 15  ? 0.3175 0.3861 0.4483 0.0852  0.0175  0.0726  15  GLU L O   
85  C CB  . GLU A 15  ? 0.2624 0.3193 0.3095 0.0983  0.0082  0.1018  15  GLU L CB  
86  C CG  . GLU A 15  ? 0.4667 0.5210 0.4622 0.1055  0.0029  0.1041  15  GLU L CG  
87  C CD  . GLU A 15  ? 0.6688 0.6968 0.6279 0.1120  0.0286  0.1307  15  GLU L CD  
88  O OE1 . GLU A 15  ? 0.7450 0.7648 0.6508 0.1244  0.0311  0.1340  15  GLU L OE1 
89  O OE2 . GLU A 15  ? 0.6685 0.6822 0.6542 0.1056  0.0473  0.1487  15  GLU L OE2 
90  N N   . VAL A 16  ? 0.2298 0.2526 0.3492 0.0673  0.0360  0.0920  16  VAL L N   
91  C CA  . VAL A 16  ? 0.2774 0.2754 0.4172 0.0696  0.0343  0.0831  16  VAL L CA  
92  C C   . VAL A 16  ? 0.3162 0.2787 0.4568 0.0816  0.0332  0.1056  16  VAL L C   
93  O O   . VAL A 16  ? 0.3129 0.2541 0.4556 0.0716  0.0418  0.1279  16  VAL L O   
94  C CB  . VAL A 16  ? 0.2543 0.2357 0.4046 0.0503  0.0364  0.0710  16  VAL L CB  
95  C CG1 . VAL A 16  ? 0.3230 0.2683 0.4792 0.0577  0.0296  0.0553  16  VAL L CG1 
96  C CG2 . VAL A 16  ? 0.2843 0.2946 0.4257 0.0405  0.0385  0.0541  16  VAL L CG2 
97  N N   . PRO A 17  ? 0.2912 0.2463 0.4350 0.1038  0.0250  0.1038  17  PRO L N   
98  C CA  . PRO A 17  ? 0.3282 0.2405 0.4669 0.1142  0.0221  0.1230  17  PRO L CA  
99  C C   . PRO A 17  ? 0.4305 0.2965 0.5843 0.1017  0.0211  0.1145  17  PRO L C   
100 O O   . PRO A 17  ? 0.4129 0.2729 0.5757 0.1011  0.0181  0.0891  17  PRO L O   
101 C CB  . PRO A 17  ? 0.3455 0.2709 0.4827 0.1413  0.0090  0.1147  17  PRO L CB  
102 C CG  . PRO A 17  ? 0.3312 0.3133 0.4835 0.1437  0.0069  0.0970  17  PRO L CG  
103 C CD  . PRO A 17  ? 0.2738 0.2630 0.4298 0.1196  0.0190  0.0844  17  PRO L CD  
104 N N   . LEU A 18  ? 0.4479 0.2785 0.5995 0.0921  0.0224  0.1345  18  LEU L N   
105 C CA  . LEU A 18  ? 0.5126 0.2922 0.6765 0.0812  0.0136  0.1268  18  LEU L CA  
106 C C   . LEU A 18  ? 0.6199 0.3615 0.7658 0.1054  0.0046  0.1304  18  LEU L C   
107 O O   . LEU A 18  ? 0.6953 0.4263 0.8280 0.1102  0.0080  0.1568  18  LEU L O   
108 C CB  . LEU A 18  ? 0.5810 0.3531 0.7670 0.0518  0.0210  0.1468  18  LEU L CB  
109 N N   . ALA A 24  ? 0.5359 0.5001 0.8760 0.0745  -0.0389 0.1007  24  ALA L N   
110 C CA  . ALA A 24  ? 0.5404 0.5346 0.8538 0.0823  -0.0329 0.1436  24  ALA L CA  
111 C C   . ALA A 24  ? 0.5482 0.5537 0.7855 0.0810  -0.0403 0.1247  24  ALA L C   
112 O O   . ALA A 24  ? 0.5868 0.5731 0.8028 0.0685  -0.0448 0.0854  24  ALA L O   
113 C CB  . ALA A 24  ? 0.4632 0.4597 0.8263 0.0761  -0.0169 0.1727  24  ALA L CB  
114 N N   . GLY A 25  ? 0.5392 0.5813 0.7321 0.0969  -0.0418 0.1495  25  GLY L N   
115 C CA  . GLY A 25  ? 0.4724 0.5252 0.5968 0.0974  -0.0528 0.1231  25  GLY L CA  
116 C C   . GLY A 25  ? 0.4127 0.4606 0.5173 0.0899  -0.0725 0.0859  25  GLY L C   
117 O O   . GLY A 25  ? 0.3584 0.4070 0.4898 0.0902  -0.0778 0.0870  25  GLY L O   
118 N N   . LEU A 26  ? 0.3615 0.4059 0.4304 0.0838  -0.0825 0.0566  26  LEU L N   
119 C CA  . LEU A 26  ? 0.3058 0.3460 0.3796 0.0748  -0.0997 0.0279  26  LEU L CA  
120 C C   . LEU A 26  ? 0.2780 0.2954 0.3865 0.0594  -0.0869 0.0213  26  LEU L C   
121 O O   . LEU A 26  ? 0.3234 0.3458 0.4585 0.0565  -0.0933 0.0164  26  LEU L O   
122 C CB  . LEU A 26  ? 0.3478 0.3872 0.3936 0.0725  -0.1124 0.0017  26  LEU L CB  
123 C CG  . LEU A 26  ? 0.3790 0.4484 0.3898 0.0953  -0.1376 -0.0122 26  LEU L CG  
124 C CD1 . LEU A 26  ? 0.4005 0.4596 0.3966 0.0914  -0.1479 -0.0426 26  LEU L CD1 
125 C CD2 . LEU A 26  ? 0.3835 0.4725 0.4188 0.1038  -0.1666 -0.0246 26  LEU L CD2 
126 N N   . GLY A 27  ? 0.2572 0.2559 0.3696 0.0543  -0.0701 0.0204  27  GLY L N   
127 C CA  . GLY A 27  ? 0.2771 0.2649 0.4066 0.0506  -0.0601 0.0059  27  GLY L CA  
128 C C   . GLY A 27  ? 0.2344 0.2252 0.3479 0.0447  -0.0596 -0.0065 27  GLY L C   
129 O O   . GLY A 27  ? 0.2451 0.2470 0.3777 0.0468  -0.0548 -0.0049 27  GLY L O   
130 N N   . VAL A 28  ? 0.2112 0.1964 0.2974 0.0396  -0.0622 -0.0125 28  VAL L N   
131 C CA  . VAL A 28  ? 0.2328 0.2199 0.3129 0.0342  -0.0626 -0.0200 28  VAL L CA  
132 C C   . VAL A 28  ? 0.2818 0.2599 0.3364 0.0326  -0.0543 -0.0285 28  VAL L C   
133 O O   . VAL A 28  ? 0.3106 0.2822 0.3504 0.0322  -0.0556 -0.0276 28  VAL L O   
134 C CB  . VAL A 28  ? 0.2398 0.2315 0.3212 0.0321  -0.0834 -0.0256 28  VAL L CB  
135 C CG1 . VAL A 28  ? 0.3320 0.3195 0.4211 0.0260  -0.0849 -0.0331 28  VAL L CG1 
136 C CG2 . VAL A 28  ? 0.2801 0.2841 0.3995 0.0339  -0.0974 -0.0216 28  VAL L CG2 
137 N N   . SER A 29  ? 0.2338 0.2183 0.2873 0.0351  -0.0444 -0.0316 29  SER L N   
138 C CA  . SER A 29  ? 0.1938 0.1751 0.2246 0.0353  -0.0400 -0.0408 29  SER L CA  
139 C C   . SER A 29  ? 0.1915 0.1738 0.2214 0.0296  -0.0419 -0.0359 29  SER L C   
140 O O   . SER A 29  ? 0.2196 0.2116 0.2797 0.0293  -0.0408 -0.0235 29  SER L O   
141 C CB  . SER A 29  ? 0.2293 0.2264 0.2547 0.0509  -0.0301 -0.0499 29  SER L CB  
142 O OG  . SER A 29  ? 0.3534 0.3442 0.3900 0.0579  -0.0345 -0.0655 29  SER L OG  
143 N N   . VAL A 30  ? 0.1902 0.1632 0.1986 0.0257  -0.0453 -0.0432 30  VAL L N   
144 C CA  . VAL A 30  ? 0.1910 0.1614 0.2029 0.0224  -0.0499 -0.0440 30  VAL L CA  
145 C C   . VAL A 30  ? 0.2469 0.2188 0.2386 0.0241  -0.0414 -0.0464 30  VAL L C   
146 O O   . VAL A 30  ? 0.2447 0.2171 0.2213 0.0262  -0.0380 -0.0526 30  VAL L O   
147 C CB  . VAL A 30  ? 0.2538 0.2176 0.2570 0.0231  -0.0670 -0.0553 30  VAL L CB  
148 C CG1 . VAL A 30  ? 0.2598 0.2282 0.2842 0.0247  -0.0810 -0.0566 30  VAL L CG1 
149 C CG2 . VAL A 30  ? 0.2827 0.2478 0.2522 0.0281  -0.0625 -0.0547 30  VAL L CG2 
150 N N   . LYS A 31  ? 0.2074 0.1802 0.2121 0.0235  -0.0406 -0.0415 31  LYS L N   
151 C CA  . LYS A 31  ? 0.2131 0.1924 0.2030 0.0274  -0.0323 -0.0397 31  LYS L CA  
152 C C   . LYS A 31  ? 0.2397 0.2088 0.2462 0.0246  -0.0382 -0.0407 31  LYS L C   
153 O O   . LYS A 31  ? 0.2208 0.1834 0.2692 0.0217  -0.0470 -0.0386 31  LYS L O   
154 C CB  . LYS A 31  ? 0.2468 0.2534 0.2417 0.0404  -0.0178 -0.0230 31  LYS L CB  
155 C CG  . LYS A 31  ? 0.3247 0.3470 0.2998 0.0501  -0.0119 -0.0221 31  LYS L CG  
156 C CD  . LYS A 31  ? 0.4176 0.4820 0.3909 0.0742  0.0036  -0.0007 31  LYS L CD  
157 N N   . GLY A 32  ? 0.2382 0.2062 0.2227 0.0266  -0.0358 -0.0463 32  GLY L N   
158 C CA  . GLY A 32  ? 0.2135 0.1731 0.2167 0.0277  -0.0403 -0.0488 32  GLY L CA  
159 C C   . GLY A 32  ? 0.2722 0.2445 0.3125 0.0311  -0.0286 -0.0229 32  GLY L C   
160 O O   . GLY A 32  ? 0.3812 0.3779 0.4054 0.0393  -0.0147 -0.0065 32  GLY L O   
161 N N   . ASN A 33  ? 0.2131 0.1734 0.3101 0.0293  -0.0360 -0.0191 33  ASN L N   
162 C CA  . ASN A 33  ? 0.2441 0.2187 0.3968 0.0342  -0.0221 0.0173  33  ASN L CA  
163 C C   . ASN A 33  ? 0.2562 0.2201 0.4162 0.0374  -0.0249 0.0105  33  ASN L C   
164 O O   . ASN A 33  ? 0.2371 0.1768 0.3905 0.0360  -0.0436 -0.0253 33  ASN L O   
165 C CB  . ASN A 33  ? 0.3113 0.2806 0.5589 0.0287  -0.0279 0.0355  33  ASN L CB  
166 C CG  . ASN A 33  ? 0.4573 0.4561 0.7149 0.0332  -0.0101 0.0691  33  ASN L CG  
167 N ND2 . ASN A 33  ? 0.5332 0.5437 0.7118 0.0378  -0.0051 0.0551  33  ASN L ND2 
168 N N   . ARG A 34  ? 0.2981 0.2612 0.2280 0.0073  -0.0268 0.0445  34  ARG L N   
169 C CA  . ARG A 34  ? 0.3138 0.2828 0.2522 0.0181  -0.0312 0.0509  34  ARG L CA  
170 C C   . ARG A 34  ? 0.3710 0.3321 0.2832 0.0306  -0.0341 0.0630  34  ARG L C   
171 O O   . ARG A 34  ? 0.3995 0.3678 0.2879 0.0362  -0.0384 0.0635  34  ARG L O   
172 C CB  . ARG A 34  ? 0.3256 0.3228 0.2959 0.0186  -0.0449 0.0446  34  ARG L CB  
173 N N   . SER A 35  ? 0.3903 0.3372 0.3050 0.0394  -0.0320 0.0737  35  SER L N   
174 C CA  . SER A 35  ? 0.3510 0.2910 0.2486 0.0536  -0.0358 0.0916  35  SER L CA  
175 C C   . SER A 35  ? 0.3264 0.2904 0.2312 0.0688  -0.0510 0.0878  35  SER L C   
176 O O   . SER A 35  ? 0.3212 0.2914 0.2508 0.0736  -0.0523 0.0828  35  SER L O   
177 C CB  . SER A 35  ? 0.3795 0.2841 0.2852 0.0554  -0.0305 0.1053  35  SER L CB  
178 O OG  . SER A 35  ? 0.4209 0.3198 0.3220 0.0714  -0.0368 0.1232  35  SER L OG  
179 N N   . LYS A 36  ? 0.3500 0.3324 0.2334 0.0800  -0.0634 0.0894  36  LYS L N   
180 C CA  . LYS A 36  ? 0.3819 0.3897 0.2774 0.0949  -0.0837 0.0842  36  LYS L CA  
181 C C   . LYS A 36  ? 0.3602 0.3565 0.2529 0.1114  -0.0829 0.1035  36  LYS L C   
182 O O   . LYS A 36  ? 0.4264 0.4393 0.3449 0.1222  -0.0931 0.1006  36  LYS L O   
183 C CB  . LYS A 36  ? 0.4266 0.4573 0.2982 0.1050  -0.1044 0.0712  36  LYS L CB  
184 C CG  . LYS A 36  ? 0.4531 0.4928 0.3425 0.0893  -0.1138 0.0448  36  LYS L CG  
185 N N   . GLU A 37  ? 0.3876 0.3577 0.2624 0.1089  -0.0699 0.1223  37  GLU L N   
186 C CA  . GLU A 37  ? 0.4355 0.3870 0.3178 0.1190  -0.0708 0.1390  37  GLU L CA  
187 C C   . GLU A 37  ? 0.4040 0.3349 0.3150 0.1220  -0.0692 0.1334  37  GLU L C   
188 O O   . GLU A 37  ? 0.4234 0.3523 0.3481 0.1375  -0.0768 0.1361  37  GLU L O   
189 C CB  . GLU A 37  ? 0.5531 0.4808 0.4222 0.1127  -0.0591 0.1628  37  GLU L CB  
190 N N   . ASN A 38  ? 0.3780 0.2943 0.2961 0.1114  -0.0599 0.1233  38  ASN L N   
191 C CA  . ASN A 38  ? 0.4745 0.3721 0.4110 0.1207  -0.0585 0.1116  38  ASN L CA  
192 C C   . ASN A 38  ? 0.4153 0.3511 0.3669 0.1235  -0.0555 0.0930  38  ASN L C   
193 O O   . ASN A 38  ? 0.4019 0.3333 0.3629 0.1348  -0.0502 0.0809  38  ASN L O   
194 C CB  . ASN A 38  ? 0.4724 0.3278 0.4113 0.1074  -0.0526 0.1092  38  ASN L CB  
195 C CG  . ASN A 38  ? 0.5599 0.3841 0.5122 0.0998  -0.0561 0.1309  38  ASN L CG  
196 O OD1 . ASN A 38  ? 0.5950 0.4020 0.5665 0.1132  -0.0630 0.1364  38  ASN L OD1 
197 N ND2 . ASN A 38  ? 0.6443 0.4597 0.5827 0.0806  -0.0503 0.1419  38  ASN L ND2 
198 N N   . HIS A 39  ? 0.3478 0.3234 0.3068 0.1140  -0.0596 0.0904  39  HIS L N   
199 C CA  . HIS A 39  ? 0.3425 0.3602 0.3346 0.1090  -0.0564 0.0805  39  HIS L CA  
200 C C   . HIS A 39  ? 0.3699 0.3793 0.3634 0.1038  -0.0391 0.0729  39  HIS L C   
201 O O   . HIS A 39  ? 0.3998 0.4335 0.4117 0.1184  -0.0295 0.0717  39  HIS L O   
202 C CB  . HIS A 39  ? 0.3759 0.4303 0.3998 0.1300  -0.0628 0.0846  39  HIS L CB  
203 C CG  . HIS A 39  ? 0.4463 0.5059 0.4632 0.1420  -0.0832 0.0918  39  HIS L CG  
204 N ND1 . HIS A 39  ? 0.5349 0.5685 0.5359 0.1606  -0.0858 0.1000  39  HIS L ND1 
205 C CD2 . HIS A 39  ? 0.4921 0.5777 0.5151 0.1377  -0.1039 0.0891  39  HIS L CD2 
206 C CE1 . HIS A 39  ? 0.5483 0.5940 0.5443 0.1639  -0.1023 0.1050  39  HIS L CE1 
207 N NE2 . HIS A 39  ? 0.5210 0.5987 0.5263 0.1534  -0.1154 0.0967  39  HIS L NE2 
208 N N   . ALA A 40  ? 0.2797 0.2600 0.2520 0.0866  -0.0346 0.0690  40  ALA L N   
209 C CA  . ALA A 40  ? 0.2905 0.2589 0.2572 0.0844  -0.0230 0.0599  40  ALA L CA  
210 C C   . ALA A 40  ? 0.2862 0.2570 0.2517 0.0603  -0.0186 0.0577  40  ALA L C   
211 O O   . ALA A 40  ? 0.2967 0.2532 0.2497 0.0473  -0.0233 0.0599  40  ALA L O   
212 C CB  . ALA A 40  ? 0.3472 0.2665 0.2948 0.0926  -0.0273 0.0541  40  ALA L CB  
213 N N   . ASP A 41  ? 0.2626 0.2547 0.2403 0.0585  -0.0081 0.0559  41  ASP L N   
214 C CA  . ASP A 41  ? 0.2689 0.2553 0.2435 0.0399  -0.0037 0.0532  41  ASP L CA  
215 C C   . ASP A 41  ? 0.2669 0.2169 0.2156 0.0401  -0.0038 0.0436  41  ASP L C   
216 O O   . ASP A 41  ? 0.3370 0.2725 0.2741 0.0583  -0.0053 0.0353  41  ASP L O   
217 C CB  . ASP A 41  ? 0.2066 0.2279 0.2058 0.0403  0.0083  0.0616  41  ASP L CB  
218 C CG  . ASP A 41  ? 0.2612 0.3171 0.3074 0.0300  0.0034  0.0732  41  ASP L CG  
219 O OD1 . ASP A 41  ? 0.2750 0.3643 0.3572 0.0288  0.0146  0.0897  41  ASP L OD1 
220 O OD2 . ASP A 41  ? 0.2889 0.3403 0.3397 0.0242  -0.0133 0.0675  41  ASP L OD2 
221 N N   . LEU A 42  ? 0.2964 0.2328 0.2400 0.0219  -0.0049 0.0425  42  LEU L N   
222 C CA  . LEU A 42  ? 0.3062 0.2124 0.2400 0.0172  -0.0080 0.0367  42  LEU L CA  
223 C C   . LEU A 42  ? 0.3193 0.2295 0.2518 0.0105  -0.0043 0.0300  42  LEU L C   
224 O O   . LEU A 42  ? 0.3395 0.2285 0.2703 0.0077  -0.0107 0.0223  42  LEU L O   
225 C CB  . LEU A 42  ? 0.3227 0.2159 0.2568 0.0053  -0.0096 0.0478  42  LEU L CB  
226 C CG  . LEU A 42  ? 0.3458 0.2361 0.2768 0.0144  -0.0135 0.0600  42  LEU L CG  
227 C CD1 . LEU A 42  ? 0.4076 0.2960 0.3330 0.0075  -0.0097 0.0780  42  LEU L CD1 
228 C CD2 . LEU A 42  ? 0.4470 0.3104 0.3830 0.0281  -0.0214 0.0572  42  LEU L CD2 
229 N N   . GLY A 43  ? 0.2458 0.1818 0.1857 0.0078  0.0033  0.0342  43  GLY L N   
230 C CA  . GLY A 43  ? 0.2208 0.1614 0.1592 0.0044  0.0071  0.0324  43  GLY L CA  
231 C C   . GLY A 43  ? 0.2368 0.1845 0.1900 -0.0121 0.0084  0.0369  43  GLY L C   
232 O O   . GLY A 43  ? 0.2337 0.1840 0.1948 -0.0186 0.0043  0.0377  43  GLY L O   
233 N N   . ILE A 44  ? 0.2184 0.1684 0.1729 -0.0143 0.0113  0.0376  44  ILE L N   
234 C CA  . ILE A 44  ? 0.2219 0.1736 0.1921 -0.0258 0.0103  0.0392  44  ILE L CA  
235 C C   . ILE A 44  ? 0.2641 0.2029 0.2248 -0.0308 0.0077  0.0303  44  ILE L C   
236 O O   . ILE A 44  ? 0.2370 0.1707 0.1896 -0.0272 0.0063  0.0268  44  ILE L O   
237 C CB  . ILE A 44  ? 0.2292 0.1946 0.2154 -0.0233 0.0165  0.0532  44  ILE L CB  
238 C CG1 . ILE A 44  ? 0.2544 0.2445 0.2592 -0.0161 0.0246  0.0710  44  ILE L CG1 
239 C CG2 . ILE A 44  ? 0.2419 0.2007 0.2525 -0.0348 0.0104  0.0528  44  ILE L CG2 
240 C CD1 . ILE A 44  ? 0.2876 0.2826 0.3191 -0.0249 0.0167  0.0703  44  ILE L CD1 
241 N N   . PHE A 45  ? 0.1995 0.1372 0.1628 -0.0360 0.0057  0.0257  45  PHE L N   
242 C CA  . PHE A 45  ? 0.2137 0.1500 0.1724 -0.0378 0.0082  0.0230  45  PHE L CA  
243 C C   . PHE A 45  ? 0.2224 0.1623 0.1869 -0.0361 0.0070  0.0162  45  PHE L C   
244 O O   . PHE A 45  ? 0.2534 0.1909 0.2237 -0.0341 -0.0003 0.0095  45  PHE L O   
245 C CB  . PHE A 45  ? 0.2354 0.1735 0.1843 -0.0362 0.0113  0.0282  45  PHE L CB  
246 C CG  . PHE A 45  ? 0.2364 0.1636 0.1858 -0.0372 0.0097  0.0349  45  PHE L CG  
247 C CD1 . PHE A 45  ? 0.2331 0.1524 0.1963 -0.0426 0.0093  0.0414  45  PHE L CD1 
248 C CD2 . PHE A 45  ? 0.2719 0.1964 0.2157 -0.0316 0.0059  0.0342  45  PHE L CD2 
249 C CE1 . PHE A 45  ? 0.2835 0.1841 0.2522 -0.0417 0.0019  0.0434  45  PHE L CE1 
250 C CE2 . PHE A 45  ? 0.2903 0.2016 0.2336 -0.0274 0.0025  0.0367  45  PHE L CE2 
251 C CZ  . PHE A 45  ? 0.2673 0.1625 0.2216 -0.0320 -0.0013 0.0393  45  PHE L CZ  
252 N N   . VAL A 46  ? 0.2015 0.1467 0.1707 -0.0358 0.0110  0.0162  46  VAL L N   
253 C CA  . VAL A 46  ? 0.2139 0.1630 0.1879 -0.0291 0.0102  0.0080  46  VAL L CA  
254 C C   . VAL A 46  ? 0.2380 0.1975 0.1955 -0.0174 0.0133  0.0012  46  VAL L C   
255 O O   . VAL A 46  ? 0.2469 0.2232 0.1979 -0.0146 0.0251  0.0122  46  VAL L O   
256 C CB  . VAL A 46  ? 0.1937 0.1524 0.1813 -0.0294 0.0136  0.0115  46  VAL L CB  
257 C CG1 . VAL A 46  ? 0.2150 0.1798 0.2077 -0.0174 0.0137  0.0023  46  VAL L CG1 
258 C CG2 . VAL A 46  ? 0.2277 0.1785 0.2205 -0.0331 0.0070  0.0151  46  VAL L CG2 
259 N N   . LYS A 47  ? 0.2330 0.1835 0.1857 -0.0081 0.0012  -0.0158 47  LYS L N   
260 C CA  . LYS A 47  ? 0.2830 0.2437 0.2089 0.0121  -0.0014 -0.0296 47  LYS L CA  
261 C C   . LYS A 47  ? 0.3146 0.2863 0.2337 0.0323  0.0020  -0.0423 47  LYS L C   
262 O O   . LYS A 47  ? 0.3504 0.3489 0.2429 0.0533  0.0146  -0.0411 47  LYS L O   
263 C CB  . LYS A 47  ? 0.2766 0.2202 0.2036 0.0147  -0.0251 -0.0487 47  LYS L CB  
264 N N   . SER A 48  ? 0.2929 0.2479 0.2359 0.0296  -0.0068 -0.0507 48  SER L N   
265 C CA  . SER A 48  ? 0.2975 0.2627 0.2368 0.0522  -0.0041 -0.0639 48  SER L CA  
266 C C   . SER A 48  ? 0.2894 0.2408 0.2622 0.0419  -0.0074 -0.0583 48  SER L C   
267 O O   . SER A 48  ? 0.3100 0.2384 0.3047 0.0231  -0.0166 -0.0496 48  SER L O   
268 C CB  . SER A 48  ? 0.4830 0.4348 0.4015 0.0802  -0.0252 -0.0994 48  SER L CB  
269 O OG  . SER A 48  ? 0.5445 0.4553 0.4936 0.0681  -0.0535 -0.1136 48  SER L OG  
270 N N   . ILE A 49  ? 0.2882 0.2595 0.2645 0.0578  0.0023  -0.0594 49  ILE L N   
271 C CA  . ILE A 49  ? 0.2392 0.2022 0.2442 0.0546  -0.0017 -0.0542 49  ILE L CA  
272 C C   . ILE A 49  ? 0.3064 0.2594 0.3102 0.0844  -0.0125 -0.0803 49  ILE L C   
273 O O   . ILE A 49  ? 0.3765 0.3606 0.3621 0.1113  -0.0006 -0.0901 49  ILE L O   
274 C CB  . ILE A 49  ? 0.2315 0.2291 0.2521 0.0469  0.0151  -0.0326 49  ILE L CB  
275 C CG1 . ILE A 49  ? 0.2570 0.2531 0.2799 0.0206  0.0174  -0.0144 49  ILE L CG1 
276 C CG2 . ILE A 49  ? 0.3041 0.2990 0.3498 0.0522  0.0084  -0.0311 49  ILE L CG2 
277 C CD1 . ILE A 49  ? 0.2426 0.2700 0.2874 0.0119  0.0273  0.0023  49  ILE L CD1 
278 N N   . ILE A 50  ? 0.2949 0.2053 0.3203 0.0823  -0.0352 -0.0903 50  ILE L N   
279 C CA  . ILE A 50  ? 0.3437 0.2304 0.3717 0.1119  -0.0547 -0.1222 50  ILE L CA  
280 C C   . ILE A 50  ? 0.3972 0.3068 0.4326 0.1332  -0.0435 -0.1207 50  ILE L C   
281 O O   . ILE A 50  ? 0.3795 0.2889 0.4418 0.1198  -0.0403 -0.0977 50  ILE L O   
282 C CB  . ILE A 50  ? 0.4971 0.3400 0.5607 0.0931  -0.0801 -0.1186 50  ILE L CB  
283 C CG1 . ILE A 50  ? 0.5159 0.3512 0.5803 0.0730  -0.0897 -0.1172 50  ILE L CG1 
284 C CD1 . ILE A 50  ? 0.4997 0.3111 0.6084 0.0560  -0.1118 -0.1092 50  ILE L CD1 
285 N N   . ASN A 51  ? 0.4278 0.3647 0.4371 0.1656  -0.0366 -0.1403 51  ASN L N   
286 C CA  . ASN A 51  ? 0.4466 0.4162 0.4655 0.1874  -0.0225 -0.1362 51  ASN L CA  
287 C C   . ASN A 51  ? 0.4729 0.4028 0.5235 0.1856  -0.0432 -0.1381 51  ASN L C   
288 O O   . ASN A 51  ? 0.4990 0.3883 0.5513 0.1859  -0.0677 -0.1551 51  ASN L O   
289 C CB  . ASN A 51  ? 0.5016 0.5060 0.4843 0.2192  -0.0130 -0.1515 51  ASN L CB  
290 C CG  . ASN A 51  ? 0.6842 0.7473 0.6788 0.2369  0.0148  -0.1343 51  ASN L CG  
291 O OD1 . ASN A 51  ? 0.7372 0.8449 0.7063 0.2578  0.0332  -0.1308 51  ASN L OD1 
292 N ND2 . ASN A 51  ? 0.7050 0.7715 0.7422 0.2282  0.0163  -0.1194 51  ASN L ND2 
293 N N   . GLY A 52  ? 0.4999 0.4455 0.5798 0.1836  -0.0350 -0.1177 52  GLY L N   
294 C CA  . GLY A 52  ? 0.5085 0.4215 0.6160 0.1829  -0.0511 -0.1113 52  GLY L CA  
295 C C   . GLY A 52  ? 0.4908 0.3638 0.6206 0.1532  -0.0642 -0.0879 52  GLY L C   
296 O O   . GLY A 52  ? 0.6153 0.4620 0.7662 0.1521  -0.0755 -0.0765 52  GLY L O   
297 N N   . GLY A 53  ? 0.3754 0.2468 0.5003 0.1303  -0.0606 -0.0765 53  GLY L N   
298 C CA  . GLY A 53  ? 0.4215 0.2706 0.5641 0.1036  -0.0653 -0.0454 53  GLY L CA  
299 C C   . GLY A 53  ? 0.4111 0.2954 0.5503 0.0950  -0.0523 -0.0179 53  GLY L C   
300 O O   . GLY A 53  ? 0.3366 0.2616 0.4705 0.1040  -0.0421 -0.0222 53  GLY L O   
301 N N   . ALA A 54  ? 0.3732 0.2457 0.5173 0.0787  -0.0536 0.0117  54  ALA L N   
302 C CA  . ALA A 54  ? 0.3438 0.2458 0.4777 0.0773  -0.0483 0.0339  54  ALA L CA  
303 C C   . ALA A 54  ? 0.2994 0.2397 0.4125 0.0668  -0.0382 0.0248  54  ALA L C   
304 O O   . ALA A 54  ? 0.2954 0.2677 0.4127 0.0726  -0.0394 0.0243  54  ALA L O   
305 C CB  . ALA A 54  ? 0.3597 0.2477 0.4928 0.0687  -0.0482 0.0682  54  ALA L CB  
306 N N   . ALA A 55  ? 0.2776 0.2147 0.3759 0.0507  -0.0310 0.0188  55  ALA L N   
307 C CA  . ALA A 55  ? 0.2256 0.1926 0.3119 0.0401  -0.0229 0.0133  55  ALA L CA  
308 C C   . ALA A 55  ? 0.2596 0.2558 0.3591 0.0496  -0.0153 -0.0002 55  ALA L C   
309 O O   . ALA A 55  ? 0.2374 0.2668 0.3498 0.0439  -0.0118 0.0033  55  ALA L O   
310 C CB  . ALA A 55  ? 0.2175 0.1727 0.2864 0.0243  -0.0171 0.0121  55  ALA L CB  
311 N N   . SER A 56  ? 0.2593 0.2459 0.3593 0.0661  -0.0137 -0.0152 56  SER L N   
312 C CA  . SER A 56  ? 0.2291 0.2519 0.3372 0.0847  -0.0019 -0.0253 56  SER L CA  
313 C C   . SER A 56  ? 0.2923 0.3444 0.4309 0.0961  -0.0041 -0.0182 56  SER L C   
314 O O   . SER A 56  ? 0.3222 0.4226 0.4840 0.0967  0.0073  -0.0111 56  SER L O   
315 C CB  . SER A 56  ? 0.3957 0.3978 0.4893 0.1098  -0.0052 -0.0499 56  SER L CB  
316 O OG  . SER A 56  ? 0.4491 0.4944 0.5430 0.1367  0.0102  -0.0586 56  SER L OG  
317 N N   . LYS A 57  ? 0.2578 0.2836 0.4037 0.1056  -0.0194 -0.0165 57  LYS L N   
318 C CA  . LYS A 57  ? 0.2919 0.3452 0.4662 0.1195  -0.0253 -0.0099 57  LYS L CA  
319 C C   . LYS A 57  ? 0.3037 0.3871 0.4909 0.1010  -0.0305 0.0038  57  LYS L C   
320 O O   . LYS A 57  ? 0.3272 0.4534 0.5492 0.1073  -0.0329 0.0067  57  LYS L O   
321 C CB  . LYS A 57  ? 0.3364 0.3507 0.5136 0.1338  -0.0417 -0.0052 57  LYS L CB  
322 N N   . ASP A 58  ? 0.2447 0.3077 0.4082 0.0805  -0.0350 0.0100  58  ASP L N   
323 C CA  . ASP A 58  ? 0.2243 0.3075 0.3951 0.0679  -0.0476 0.0148  58  ASP L CA  
324 C C   . ASP A 58  ? 0.2466 0.3615 0.4442 0.0507  -0.0397 0.0131  58  ASP L C   
325 O O   . ASP A 58  ? 0.3316 0.4770 0.5662 0.0447  -0.0533 0.0143  58  ASP L O   
326 C CB  . ASP A 58  ? 0.2125 0.2647 0.3443 0.0604  -0.0550 0.0208  58  ASP L CB  
327 C CG  . ASP A 58  ? 0.2646 0.3325 0.3952 0.0535  -0.0726 0.0167  58  ASP L CG  
328 O OD1 . ASP A 58  ? 0.2706 0.3336 0.3950 0.0369  -0.0696 0.0115  58  ASP L OD1 
329 O OD2 . ASP A 58  ? 0.2707 0.3540 0.4070 0.0672  -0.0929 0.0163  58  ASP L OD2 
330 N N   . GLY A 59  ? 0.2431 0.2560 0.3193 0.0838  -0.0156 -0.0814 59  GLY L N   
331 C CA  . GLY A 59  ? 0.2077 0.2475 0.2673 0.0766  -0.0048 -0.0913 59  GLY L CA  
332 C C   . GLY A 59  ? 0.2524 0.3002 0.2965 0.0574  -0.0019 -0.0798 59  GLY L C   
333 O O   . GLY A 59  ? 0.2463 0.3103 0.2829 0.0509  0.0099  -0.0815 59  GLY L O   
334 N N   . ARG A 60  ? 0.1847 0.2240 0.2274 0.0494  -0.0101 -0.0672 60  ARG L N   
335 C CA  . ARG A 60  ? 0.1512 0.2011 0.1895 0.0328  -0.0065 -0.0636 60  ARG L CA  
336 C C   . ARG A 60  ? 0.1952 0.2212 0.2157 0.0225  -0.0043 -0.0599 60  ARG L C   
337 O O   . ARG A 60  ? 0.2076 0.2386 0.2312 0.0108  0.0028  -0.0574 60  ARG L O   
338 C CB  . ARG A 60  ? 0.1508 0.2181 0.1952 0.0314  -0.0158 -0.0584 60  ARG L CB  
339 C CG  . ARG A 60  ? 0.1514 0.2574 0.2164 0.0412  -0.0199 -0.0625 60  ARG L CG  
340 C CD  . ARG A 60  ? 0.1536 0.2935 0.2205 0.0390  -0.0299 -0.0636 60  ARG L CD  
341 N NE  . ARG A 60  ? 0.1472 0.3347 0.2359 0.0501  -0.0375 -0.0692 60  ARG L NE  
342 C CZ  . ARG A 60  ? 0.1391 0.3591 0.2566 0.0416  -0.0340 -0.0884 60  ARG L CZ  
343 N NH1 . ARG A 60  ? 0.1356 0.3409 0.2648 0.0221  -0.0205 -0.0993 60  ARG L NH1 
344 N NH2 . ARG A 60  ? 0.1433 0.4122 0.2844 0.0529  -0.0432 -0.0941 60  ARG L NH2 
345 N N   . LEU A 61  ? 0.2006 0.2019 0.2109 0.0267  -0.0104 -0.0603 61  LEU L N   
346 C CA  . LEU A 61  ? 0.1813 0.1680 0.1777 0.0191  -0.0107 -0.0584 61  LEU L CA  
347 C C   . LEU A 61  ? 0.2079 0.2076 0.1904 0.0235  -0.0032 -0.0641 61  LEU L C   
348 O O   . LEU A 61  ? 0.2437 0.2564 0.2252 0.0347  -0.0002 -0.0760 61  LEU L O   
349 C CB  . LEU A 61  ? 0.2171 0.1791 0.2174 0.0204  -0.0209 -0.0598 61  LEU L CB  
350 C CG  . LEU A 61  ? 0.2182 0.1695 0.2121 0.0123  -0.0250 -0.0586 61  LEU L CG  
351 C CD1 . LEU A 61  ? 0.2171 0.1703 0.2107 0.0023  -0.0213 -0.0444 61  LEU L CD1 
352 C CD2 . LEU A 61  ? 0.2458 0.1755 0.2587 0.0129  -0.0342 -0.0648 61  LEU L CD2 
353 N N   . ARG A 62  ? 0.2080 0.2101 0.1807 0.0174  0.0010  -0.0536 62  ARG L N   
354 C CA  . ARG A 62  ? 0.2333 0.2582 0.1892 0.0241  0.0106  -0.0488 62  ARG L CA  
355 C C   . ARG A 62  ? 0.2152 0.2410 0.1517 0.0269  0.0017  -0.0478 62  ARG L C   
356 O O   . ARG A 62  ? 0.2212 0.2300 0.1650 0.0188  -0.0046 -0.0402 62  ARG L O   
357 C CB  . ARG A 62  ? 0.2001 0.2370 0.1718 0.0170  0.0284  -0.0274 62  ARG L CB  
358 C CG  . ARG A 62  ? 0.2450 0.3136 0.2049 0.0260  0.0448  -0.0124 62  ARG L CG  
359 C CD  . ARG A 62  ? 0.3008 0.3733 0.2954 0.0155  0.0651  0.0133  62  ARG L CD  
360 N NE  . ARG A 62  ? 0.3589 0.4650 0.3473 0.0246  0.0862  0.0389  62  ARG L NE  
361 C CZ  . ARG A 62  ? 0.3942 0.5133 0.3655 0.0328  0.0929  0.0681  62  ARG L CZ  
362 N NH1 . ARG A 62  ? 0.4916 0.6502 0.4554 0.0437  0.1150  0.0974  62  ARG L NH1 
363 N NH2 . ARG A 62  ? 0.4139 0.5127 0.3772 0.0320  0.0788  0.0714  62  ARG L NH2 
364 N N   . VAL A 63  ? 0.2414 0.2944 0.1539 0.0402  0.0004  -0.0587 63  VAL L N   
365 C CA  . VAL A 63  ? 0.2413 0.3102 0.1340 0.0453  -0.0102 -0.0591 63  VAL L CA  
366 C C   . VAL A 63  ? 0.2881 0.3597 0.1838 0.0413  -0.0007 -0.0223 63  VAL L C   
367 O O   . VAL A 63  ? 0.2361 0.3138 0.1407 0.0402  0.0186  0.0027  63  VAL L O   
368 C CB  . VAL A 63  ? 0.3060 0.4205 0.1667 0.0637  -0.0115 -0.0778 63  VAL L CB  
369 C CG1 . VAL A 63  ? 0.3148 0.4612 0.1541 0.0712  -0.0218 -0.0705 63  VAL L CG1 
370 C CG2 . VAL A 63  ? 0.3452 0.4456 0.2248 0.0643  -0.0232 -0.1160 63  VAL L CG2 
371 N N   . ASN A 64  ? 0.2346 0.3011 0.1321 0.0392  -0.0135 -0.0188 64  ASN L N   
372 C CA  . ASN A 64  ? 0.2325 0.2973 0.1412 0.0376  -0.0077 0.0136  64  ASN L CA  
373 C C   . ASN A 64  ? 0.2220 0.2482 0.1664 0.0220  0.0002  0.0203  64  ASN L C   
374 O O   . ASN A 64  ? 0.2096 0.2296 0.1734 0.0207  0.0065  0.0423  64  ASN L O   
375 C CB  . ASN A 64  ? 0.2578 0.3542 0.1556 0.0499  0.0104  0.0499  64  ASN L CB  
376 C CG  . ASN A 64  ? 0.3549 0.5059 0.2092 0.0701  0.0028  0.0463  64  ASN L CG  
377 O OD1 . ASN A 64  ? 0.3651 0.5336 0.2047 0.0756  -0.0193 0.0256  64  ASN L OD1 
378 N ND2 . ASN A 64  ? 0.4051 0.5902 0.2409 0.0816  0.0214  0.0644  64  ASN L ND2 
379 N N   . ASP A 65  ? 0.1860 0.1920 0.1412 0.0126  -0.0003 0.0016  65  ASP L N   
380 C CA  . ASP A 65  ? 0.1789 0.1609 0.1607 0.0005  0.0023  0.0005  65  ASP L CA  
381 C C   . ASP A 65  ? 0.2055 0.1796 0.1936 -0.0017 -0.0079 0.0006  65  ASP L C   
382 O O   . ASP A 65  ? 0.2160 0.1952 0.1941 0.0009  -0.0220 -0.0101 65  ASP L O   
383 C CB  . ASP A 65  ? 0.1975 0.1709 0.1817 -0.0042 -0.0014 -0.0179 65  ASP L CB  
384 C CG  . ASP A 65  ? 0.2261 0.2086 0.2190 -0.0052 0.0096  -0.0191 65  ASP L CG  
385 O OD1 . ASP A 65  ? 0.2122 0.2037 0.2164 -0.0058 0.0233  -0.0054 65  ASP L OD1 
386 O OD2 . ASP A 65  ? 0.2252 0.2083 0.2194 -0.0050 0.0051  -0.0314 65  ASP L OD2 
387 N N   . GLN A 66  ? 0.1826 0.1464 0.1949 -0.0069 -0.0004 0.0085  66  GLN L N   
388 C CA  . GLN A 66  ? 0.1582 0.1177 0.1821 -0.0094 -0.0072 0.0064  66  GLN L CA  
389 C C   . GLN A 66  ? 0.1924 0.1445 0.2196 -0.0173 -0.0080 -0.0083 66  GLN L C   
390 O O   . GLN A 66  ? 0.1892 0.1405 0.2222 -0.0210 -0.0002 -0.0151 66  GLN L O   
391 C CB  . GLN A 66  ? 0.2019 0.1572 0.2542 -0.0076 0.0027  0.0200  66  GLN L CB  
392 C CG  . GLN A 66  ? 0.2043 0.1610 0.2712 -0.0085 -0.0030 0.0165  66  GLN L CG  
393 C CD  . GLN A 66  ? 0.2407 0.1906 0.3439 -0.0063 0.0090  0.0219  66  GLN L CD  
394 O OE1 . GLN A 66  ? 0.2646 0.2035 0.3891 -0.0066 0.0219  0.0255  66  GLN L OE1 
395 N NE2 . GLN A 66  ? 0.2520 0.2088 0.3712 -0.0048 0.0059  0.0200  66  GLN L NE2 
396 N N   . LEU A 67  ? 0.1740 0.1262 0.2010 -0.0192 -0.0174 -0.0118 67  LEU L N   
397 C CA  . LEU A 67  ? 0.1906 0.1411 0.2217 -0.0240 -0.0154 -0.0150 67  LEU L CA  
398 C C   . LEU A 67  ? 0.2179 0.1764 0.2640 -0.0263 -0.0066 -0.0138 67  LEU L C   
399 O O   . LEU A 67  ? 0.2239 0.1851 0.2855 -0.0259 -0.0073 -0.0095 67  LEU L O   
400 C CB  . LEU A 67  ? 0.2271 0.1725 0.2652 -0.0262 -0.0247 -0.0150 67  LEU L CB  
401 C CG  . LEU A 67  ? 0.2257 0.1639 0.2547 -0.0224 -0.0327 -0.0246 67  LEU L CG  
402 C CD1 . LEU A 67  ? 0.2564 0.1846 0.3098 -0.0263 -0.0402 -0.0285 67  LEU L CD1 
403 C CD2 . LEU A 67  ? 0.2747 0.2125 0.2909 -0.0185 -0.0267 -0.0246 67  LEU L CD2 
404 N N   . ILE A 68  ? 0.1615 0.1300 0.2041 -0.0268 0.0009  -0.0208 68  ILE L N   
405 C CA  . ILE A 68  ? 0.1772 0.1609 0.2324 -0.0267 0.0106  -0.0292 68  ILE L CA  
406 C C   . ILE A 68  ? 0.1847 0.1907 0.2315 -0.0256 0.0144  -0.0234 68  ILE L C   
407 O O   . ILE A 68  ? 0.2039 0.2241 0.2625 -0.0250 0.0219  -0.0216 68  ILE L O   
408 C CB  . ILE A 68  ? 0.1587 0.1481 0.2214 -0.0271 0.0167  -0.0493 68  ILE L CB  
409 C CG1 . ILE A 68  ? 0.1663 0.1341 0.2466 -0.0279 0.0185  -0.0453 68  ILE L CG1 
410 C CG2 . ILE A 68  ? 0.1974 0.2082 0.2757 -0.0254 0.0263  -0.0692 68  ILE L CG2 
411 C CD1 . ILE A 68  ? 0.1948 0.1523 0.2974 -0.0243 0.0215  -0.0340 68  ILE L CD1 
412 N N   . ALA A 69  ? 0.2084 0.2222 0.2373 -0.0233 0.0113  -0.0168 69  ALA L N   
413 C CA  . ALA A 69  ? 0.1681 0.2088 0.1885 -0.0190 0.0174  -0.0013 69  ALA L CA  
414 C C   . ALA A 69  ? 0.1959 0.2278 0.2102 -0.0156 0.0116  0.0188  69  ALA L C   
415 O O   . ALA A 69  ? 0.2045 0.2235 0.2127 -0.0142 0.0034  0.0107  69  ALA L O   
416 C CB  . ALA A 69  ? 0.1667 0.2510 0.1712 -0.0122 0.0238  -0.0186 69  ALA L CB  
417 N N   . VAL A 70  ? 0.2133 0.2522 0.2367 -0.0140 0.0180  0.0469  70  VAL L N   
418 C CA  . VAL A 70  ? 0.2465 0.2781 0.2749 -0.0080 0.0161  0.0723  70  VAL L CA  
419 C C   . VAL A 70  ? 0.2605 0.3373 0.2755 0.0033  0.0280  0.1013  70  VAL L C   
420 O O   . VAL A 70  ? 0.2911 0.3849 0.3169 0.0014  0.0414  0.1202  70  VAL L O   
421 C CB  . VAL A 70  ? 0.3249 0.3173 0.3929 -0.0165 0.0141  0.0845  70  VAL L CB  
422 C CG1 . VAL A 70  ? 0.3197 0.3002 0.4060 -0.0089 0.0152  0.1122  70  VAL L CG1 
423 C CG2 . VAL A 70  ? 0.3817 0.3447 0.4529 -0.0230 0.0009  0.0543  70  VAL L CG2 
424 N N   . ASN A 71  ? 0.2507 0.3545 0.2426 0.0167  0.0234  0.1067  71  ASN L N   
425 C CA  . ASN A 71  ? 0.3057 0.4678 0.2753 0.0329  0.0323  0.1358  71  ASN L CA  
426 C C   . ASN A 71  ? 0.2700 0.4788 0.2199 0.0332  0.0434  0.1219  71  ASN L C   
427 O O   . ASN A 71  ? 0.3223 0.5689 0.2683 0.0418  0.0576  0.1521  71  ASN L O   
428 C CB  . ASN A 71  ? 0.3863 0.5368 0.3841 0.0386  0.0432  0.1919  71  ASN L CB  
429 C CG  . ASN A 71  ? 0.4559 0.5725 0.4740 0.0450  0.0328  0.2020  71  ASN L CG  
430 O OD1 . ASN A 71  ? 0.4232 0.5524 0.4191 0.0530  0.0196  0.1826  71  ASN L OD1 
431 N ND2 . ASN A 71  ? 0.4946 0.5706 0.5621 0.0402  0.0383  0.2209  71  ASN L ND2 
432 N N   . GLY A 72  ? 0.2854 0.4901 0.2305 0.0250  0.0376  0.0736  72  GLY L N   
433 C CA  . GLY A 72  ? 0.3246 0.5711 0.2581 0.0268  0.0476  0.0498  72  GLY L CA  
434 C C   . GLY A 72  ? 0.3145 0.5394 0.2755 0.0167  0.0601  0.0556  72  GLY L C   
435 O O   . GLY A 72  ? 0.3627 0.6185 0.3211 0.0189  0.0694  0.0314  72  GLY L O   
436 N N   . GLU A 73  ? 0.2690 0.4463 0.2614 0.0066  0.0602  0.0828  73  GLU L N   
437 C CA  . GLU A 73  ? 0.2728 0.4324 0.2989 -0.0041 0.0683  0.0852  73  GLU L CA  
438 C C   . GLU A 73  ? 0.2460 0.3662 0.2851 -0.0132 0.0555  0.0496  73  GLU L C   
439 O O   . GLU A 73  ? 0.2314 0.3118 0.2754 -0.0185 0.0414  0.0458  73  GLU L O   
440 C CB  . GLU A 73  ? 0.2763 0.4088 0.3400 -0.0121 0.0724  0.1247  73  GLU L CB  
441 N N   . SER A 74  ? 0.2443 0.3793 0.2904 -0.0123 0.0620  0.0259  74  SER L N   
442 C CA  . SER A 74  ? 0.1947 0.2980 0.2561 -0.0169 0.0529  -0.0013 74  SER L CA  
443 C C   . SER A 74  ? 0.2261 0.3010 0.3199 -0.0249 0.0474  0.0107  74  SER L C   
444 O O   . SER A 74  ? 0.2058 0.2947 0.3223 -0.0277 0.0556  0.0278  74  SER L O   
445 C CB  . SER A 74  ? 0.3157 0.4447 0.3824 -0.0104 0.0627  -0.0328 74  SER L CB  
446 O OG  . SER A 74  ? 0.3168 0.4134 0.4113 -0.0130 0.0580  -0.0484 74  SER L OG  
447 N N   . LEU A 75  ? 0.1979 0.2402 0.2957 -0.0276 0.0338  0.0016  75  LEU L N   
448 C CA  . LEU A 75  ? 0.1860 0.2123 0.3098 -0.0318 0.0243  0.0066  75  LEU L CA  
449 C C   . LEU A 75  ? 0.2664 0.2944 0.4095 -0.0257 0.0266  -0.0044 75  LEU L C   
450 O O   . LEU A 75  ? 0.2615 0.2861 0.4258 -0.0254 0.0174  0.0013  75  LEU L O   
451 C CB  . LEU A 75  ? 0.2032 0.2031 0.3156 -0.0345 0.0079  0.0065  75  LEU L CB  
452 C CG  . LEU A 75  ? 0.2532 0.2446 0.3550 -0.0379 0.0052  0.0154  75  LEU L CG  
453 C CD1 . LEU A 75  ? 0.3907 0.3602 0.4856 -0.0385 -0.0101 0.0077  75  LEU L CD1 
454 C CD2 . LEU A 75  ? 0.3136 0.3133 0.4443 -0.0443 0.0114  0.0336  75  LEU L CD2 
455 N N   . LEU A 76  ? 0.2491 0.2851 0.3904 -0.0199 0.0378  -0.0214 76  LEU L N   
456 C CA  . LEU A 76  ? 0.2550 0.2856 0.4261 -0.0126 0.0421  -0.0313 76  LEU L CA  
457 C C   . LEU A 76  ? 0.2670 0.3229 0.4685 -0.0079 0.0521  -0.0310 76  LEU L C   
458 O O   . LEU A 76  ? 0.2638 0.3482 0.4604 -0.0098 0.0617  -0.0282 76  LEU L O   
459 C CB  . LEU A 76  ? 0.3043 0.3310 0.4770 -0.0096 0.0506  -0.0569 76  LEU L CB  
460 C CG  . LEU A 76  ? 0.3001 0.3010 0.4588 -0.0138 0.0422  -0.0545 76  LEU L CG  
461 C CD2 . LEU A 76  ? 0.3426 0.3432 0.5157 -0.0141 0.0505  -0.0841 76  LEU L CD2 
462 N N   . GLY A 77  ? 0.2338 0.2829 0.4707 0.0004  0.0515  -0.0296 77  GLY L N   
463 C CA  . GLY A 77  ? 0.1969 0.2721 0.4704 0.0068  0.0603  -0.0292 77  GLY L CA  
464 C C   . GLY A 77  ? 0.2372 0.3295 0.5200 -0.0002 0.0509  -0.0089 77  GLY L C   
465 O O   . GLY A 77  ? 0.2971 0.4199 0.6091 0.0014  0.0612  -0.0073 77  GLY L O   
466 N N   . LYS A 78  ? 0.2362 0.3128 0.5010 -0.0084 0.0322  0.0030  78  LYS L N   
467 C CA  . LYS A 78  ? 0.2263 0.3166 0.5077 -0.0181 0.0203  0.0140  78  LYS L CA  
468 C C   . LYS A 78  ? 0.2012 0.2866 0.4847 -0.0146 -0.0038 0.0177  78  LYS L C   
469 O O   . LYS A 78  ? 0.2100 0.2737 0.4619 -0.0106 -0.0112 0.0176  78  LYS L O   
470 C CB  . LYS A 78  ? 0.2354 0.3170 0.4943 -0.0316 0.0214  0.0186  78  LYS L CB  
471 C CG  . LYS A 78  ? 0.3193 0.4195 0.5714 -0.0330 0.0445  0.0234  78  LYS L CG  
472 C CD  . LYS A 78  ? 0.3055 0.3927 0.5343 -0.0416 0.0439  0.0354  78  LYS L CD  
473 C CE  . LYS A 78  ? 0.3493 0.4658 0.5692 -0.0400 0.0669  0.0500  78  LYS L CE  
474 N NZ  . LYS A 78  ? 0.4367 0.5708 0.6215 -0.0274 0.0776  0.0320  78  LYS L NZ  
475 N N   . ALA A 79  ? 0.2220 0.3350 0.5433 -0.0150 -0.0158 0.0206  79  ALA L N   
476 C CA  . ALA A 79  ? 0.2271 0.3506 0.5463 -0.0115 -0.0426 0.0200  79  ALA L CA  
477 C C   . ALA A 79  ? 0.2383 0.3447 0.5296 -0.0242 -0.0540 0.0096  79  ALA L C   
478 O O   . ALA A 79  ? 0.1994 0.2882 0.4870 -0.0369 -0.0423 0.0079  79  ALA L O   
479 C CB  . ALA A 79  ? 0.2076 0.3691 0.5696 -0.0114 -0.0545 0.0182  79  ALA L CB  
480 N N   . ASN A 80  ? 0.2159 0.2482 0.3413 -0.0681 0.0068  0.0884  80  ASN L N   
481 C CA  . ASN A 80  ? 0.2032 0.2229 0.2856 -0.0737 -0.0105 0.0709  80  ASN L CA  
482 C C   . ASN A 80  ? 0.2653 0.2797 0.3441 -0.0797 -0.0269 0.0749  80  ASN L C   
483 O O   . ASN A 80  ? 0.2384 0.2416 0.2854 -0.0760 -0.0257 0.0587  80  ASN L O   
484 C CB  . ASN A 80  ? 0.2558 0.2572 0.3084 -0.0766 -0.0278 0.0739  80  ASN L CB  
485 C CG  . ASN A 80  ? 0.2200 0.2263 0.2687 -0.0710 -0.0102 0.0691  80  ASN L CG  
486 O OD1 . ASN A 80  ? 0.1912 0.2089 0.2532 -0.0703 0.0071  0.0619  80  ASN L OD1 
487 N ND2 . ASN A 80  ? 0.2501 0.2374 0.2709 -0.0703 -0.0190 0.0760  80  ASN L ND2 
488 N N   . GLN A 81  ? 0.2768 0.3020 0.3953 -0.0899 -0.0446 0.1028  81  GLN L N   
489 C CA  . GLN A 81  ? 0.2723 0.2907 0.3882 -0.0977 -0.0652 0.1102  81  GLN L CA  
490 C C   . GLN A 81  ? 0.2376 0.2686 0.3636 -0.0882 -0.0365 0.1027  81  GLN L C   
491 O O   . GLN A 81  ? 0.2922 0.3037 0.3885 -0.0949 -0.0468 0.0936  81  GLN L O   
492 C CB  . GLN A 81  ? 0.2769 0.3185 0.4410 -0.1018 -0.0900 0.1455  81  GLN L CB  
493 N N   . GLU A 82  ? 0.2784 0.3270 0.4315 -0.0714 -0.0003 0.1077  82  GLU L N   
494 C CA  . GLU A 82  ? 0.2891 0.3300 0.4312 -0.0623 0.0286  0.1038  82  GLU L CA  
495 C C   . GLU A 82  ? 0.2811 0.2961 0.3620 -0.0629 0.0256  0.0674  82  GLU L C   
496 O O   . GLU A 82  ? 0.2753 0.2791 0.3320 -0.0626 0.0261  0.0591  82  GLU L O   
497 C CB  . GLU A 82  ? 0.3971 0.4325 0.5499 -0.0374 0.0712  0.1165  82  GLU L CB  
498 C CG  . GLU A 82  ? 0.4517 0.5205 0.6659 -0.0202 0.0788  0.1530  82  GLU L CG  
499 C CD  . GLU A 82  ? 0.5020 0.6050 0.7672 -0.0314 0.0408  0.1750  82  GLU L CD  
500 O OE2 . GLU A 82  ? 0.5514 0.6540 0.8221 -0.0274 0.0421  0.1754  82  GLU L OE2 
501 N N   . ALA A 83  ? 0.2406 0.2513 0.3041 -0.0645 0.0205  0.0526  83  ALA L N   
502 C CA  . ALA A 83  ? 0.1962 0.1996 0.2262 -0.0672 0.0143  0.0334  83  ALA L CA  
503 C C   . ALA A 83  ? 0.2453 0.2535 0.2639 -0.0659 -0.0014 0.0302  83  ALA L C   
504 O O   . ALA A 83  ? 0.2409 0.2491 0.2448 -0.0639 -0.0037 0.0247  83  ALA L O   
505 C CB  . ALA A 83  ? 0.2222 0.2291 0.2530 -0.0708 0.0139  0.0309  83  ALA L CB  
506 N N   . MET A 84  ? 0.2530 0.2525 0.2671 -0.0663 -0.0143 0.0359  84  MET L N   
507 C CA  . MET A 84  ? 0.3049 0.2766 0.2791 -0.0602 -0.0267 0.0323  84  MET L CA  
508 C C   . MET A 84  ? 0.3035 0.2669 0.2760 -0.0647 -0.0330 0.0337  84  MET L C   
509 O O   . MET A 84  ? 0.3228 0.2722 0.2672 -0.0541 -0.0321 0.0273  84  MET L O   
510 C CB  . MET A 84  ? 0.3699 0.3016 0.3111 -0.0662 -0.0485 0.0386  84  MET L CB  
511 C CG  . MET A 84  ? 0.4813 0.4007 0.3944 -0.0542 -0.0395 0.0364  84  MET L CG  
512 S SD  . MET A 84  ? 0.6068 0.5061 0.4700 -0.0206 -0.0134 0.0312  84  MET L SD  
513 C CE  . MET A 84  ? 0.6248 0.4668 0.4157 -0.0044 -0.0066 0.0356  84  MET L CE  
514 N N   . GLU A 85  ? 0.2794 0.2542 0.2875 -0.0774 -0.0359 0.0488  85  GLU L N   
515 C CA  . GLU A 85  ? 0.2373 0.2083 0.2505 -0.0820 -0.0375 0.0570  85  GLU L CA  
516 C C   . GLU A 85  ? 0.2923 0.2678 0.2890 -0.0705 -0.0179 0.0430  85  GLU L C   
517 O O   . GLU A 85  ? 0.3051 0.2660 0.2787 -0.0681 -0.0238 0.0393  85  GLU L O   
518 C CB  . GLU A 85  ? 0.2864 0.2837 0.3595 -0.0916 -0.0325 0.0892  85  GLU L CB  
519 C CG  . GLU A 85  ? 0.3762 0.3724 0.4695 -0.1065 -0.0671 0.1099  85  GLU L CG  
520 N N   . THR A 86  ? 0.2796 0.2639 0.2785 -0.0662 -0.0002 0.0368  86  THR L N   
521 C CA  . THR A 86  ? 0.2587 0.2300 0.2264 -0.0643 0.0045  0.0264  86  THR L CA  
522 C C   . THR A 86  ? 0.2668 0.2485 0.2262 -0.0622 -0.0122 0.0213  86  THR L C   
523 O O   . THR A 86  ? 0.3185 0.2934 0.2605 -0.0617 -0.0191 0.0217  86  THR L O   
524 C CB  . THR A 86  ? 0.3227 0.2772 0.2744 -0.0661 0.0157  0.0216  86  THR L CB  
525 O OG1 . THR A 86  ? 0.3812 0.3208 0.3381 -0.0561 0.0436  0.0332  86  THR L OG1 
526 C CG2 . THR A 86  ? 0.3349 0.2549 0.2356 -0.0743 0.0051  0.0140  86  THR L CG2 
527 N N   . LEU A 87  ? 0.2742 0.2727 0.2473 -0.0568 -0.0148 0.0224  87  LEU L N   
528 C CA  . LEU A 87  ? 0.2636 0.2769 0.2384 -0.0431 -0.0172 0.0293  87  LEU L CA  
529 C C   . LEU A 87  ? 0.2911 0.2791 0.2391 -0.0301 -0.0196 0.0293  87  LEU L C   
530 O O   . LEU A 87  ? 0.3065 0.3044 0.2565 -0.0204 -0.0214 0.0377  87  LEU L O   
531 C CB  . LEU A 87  ? 0.3160 0.3376 0.2964 -0.0307 -0.0073 0.0346  87  LEU L CB  
532 C CG  . LEU A 87  ? 0.3768 0.4394 0.3955 -0.0340 -0.0035 0.0493  87  LEU L CG  
533 C CD1 . LEU A 87  ? 0.2980 0.3597 0.3112 -0.0150 0.0147  0.0570  87  LEU L CD1 
534 C CD2 . LEU A 87  ? 0.3558 0.4543 0.4055 -0.0302 -0.0092 0.0715  87  LEU L CD2 
535 N N   . ARG A 88  ? 0.3155 0.2663 0.2378 -0.0322 -0.0248 0.0245  88  ARG L N   
536 C CA  . ARG A 88  ? 0.3245 0.2307 0.2062 -0.0242 -0.0331 0.0248  88  ARG L CA  
537 C C   . ARG A 88  ? 0.2916 0.2058 0.1828 -0.0324 -0.0366 0.0271  88  ARG L C   
538 O O   . ARG A 88  ? 0.3398 0.2381 0.2100 -0.0186 -0.0376 0.0300  88  ARG L O   
539 C CB  . ARG A 88  ? 0.3552 0.2105 0.2056 -0.0394 -0.0535 0.0254  88  ARG L CB  
540 C CG  . ARG A 88  ? 0.4854 0.3024 0.2926 -0.0300 -0.0551 0.0222  88  ARG L CG  
541 C CD  . ARG A 88  ? 0.5982 0.3429 0.3551 -0.0534 -0.0920 0.0270  88  ARG L CD  
542 N NE  . ARG A 88  ? 0.8105 0.4596 0.4731 -0.0414 -0.1035 0.0221  88  ARG L NE  
543 C CZ  . ARG A 88  ? 0.9487 0.5188 0.5154 -0.0075 -0.0878 0.0137  88  ARG L CZ  
544 N NH2 . ARG A 88  ? 1.0478 0.5214 0.5271 0.0069  -0.0924 0.0062  88  ARG L NH2 
545 N N   . ARG A 89  ? 0.3092 0.2414 0.2255 -0.0497 -0.0338 0.0291  89  ARG L N   
546 C CA  . ARG A 89  ? 0.2735 0.2002 0.1830 -0.0541 -0.0312 0.0335  89  ARG L CA  
547 C C   . ARG A 89  ? 0.2778 0.2139 0.1751 -0.0476 -0.0343 0.0312  89  ARG L C   
548 O O   . ARG A 89  ? 0.3037 0.2268 0.1829 -0.0431 -0.0407 0.0358  89  ARG L O   
549 C CB  . ARG A 89  ? 0.3046 0.2378 0.2315 -0.0628 -0.0139 0.0416  89  ARG L CB  
550 C CG  . ARG A 89  ? 0.2718 0.2122 0.2362 -0.0731 -0.0161 0.0606  89  ARG L CG  
551 C CD  . ARG A 89  ? 0.2570 0.2171 0.2556 -0.0700 0.0119  0.0770  89  ARG L CD  
552 N NE  . ARG A 89  ? 0.3279 0.3109 0.3864 -0.0820 0.0073  0.1130  89  ARG L NE  
553 C CZ  . ARG A 89  ? 0.4978 0.5093 0.6057 -0.0726 0.0344  0.1394  89  ARG L CZ  
554 N NH1 . ARG A 89  ? 0.5098 0.5535 0.6749 -0.0769 0.0187  0.1654  89  ARG L NH1 
555 N NH2 . ARG A 89  ? 0.5560 0.5565 0.6432 -0.0520 0.0735  0.1341  89  ARG L NH2 
556 N N   . SER A 90  ? 0.2799 0.2387 0.1908 -0.0504 -0.0359 0.0299  90  SER L N   
557 C CA  . SER A 90  ? 0.3558 0.3266 0.2653 -0.0553 -0.0526 0.0388  90  SER L CA  
558 C C   . SER A 90  ? 0.3832 0.3812 0.3178 -0.0353 -0.0568 0.0557  90  SER L C   
559 O O   . SER A 90  ? 0.4325 0.4427 0.3735 -0.0372 -0.0741 0.0725  90  SER L O   
560 C CB  . SER A 90  ? 0.4203 0.4032 0.3410 -0.0711 -0.0614 0.0405  90  SER L CB  
561 O OG  . SER A 90  ? 0.5168 0.5404 0.4829 -0.0610 -0.0546 0.0490  90  SER L OG  
562 N N   . MET A 91  ? 0.2986 0.2972 0.2395 -0.0131 -0.0401 0.0559  91  MET L N   
563 C CA  . MET A 91  ? 0.2938 0.3007 0.2428 0.0193  -0.0300 0.0755  91  MET L CA  
564 C C   . MET A 91  ? 0.3598 0.3150 0.2623 0.0319  -0.0299 0.0699  91  MET L C   
565 O O   . MET A 91  ? 0.3784 0.3306 0.2794 0.0628  -0.0199 0.0885  91  MET L O   
566 C CB  . MET A 91  ? 0.3056 0.3084 0.2516 0.0462  -0.0048 0.0800  91  MET L CB  
567 C CG  . MET A 91  ? 0.3056 0.3685 0.3096 0.0398  -0.0009 0.0971  91  MET L CG  
568 S SD  . MET A 91  ? 0.3683 0.5134 0.4580 0.0456  -0.0095 0.1486  91  MET L SD  
569 C CE  . MET A 91  ? 0.4040 0.5258 0.4731 0.1042  0.0244  0.1696  91  MET L CE  
570 N N   . SER A 92  ? 0.3041 0.1647 0.3391 0.0157  0.0108  0.0335  92  SER L N   
571 C CA  . SER A 92  ? 0.2696 0.1140 0.3337 0.0147  0.0055  0.0449  92  SER L CA  
572 C C   . SER A 92  ? 0.3028 0.1617 0.3856 0.0043  -0.0040 0.0803  92  SER L C   
573 O O   . SER A 92  ? 0.3833 0.2280 0.5003 0.0057  -0.0108 0.0944  92  SER L O   
574 C CB  . SER A 92  ? 0.3578 0.1954 0.4089 0.0048  0.0080  0.0333  92  SER L CB  
575 O OG  . SER A 92  ? 0.3423 0.2061 0.3725 -0.0146 0.0061  0.0474  92  SER L OG  
576 N N   . THR A 93  ? 0.2775 0.1651 0.3414 -0.0061 -0.0059 0.0949  93  THR L N   
577 C CA  . THR A 93  ? 0.3158 0.2215 0.3946 -0.0166 -0.0155 0.1296  93  THR L CA  
578 C C   . THR A 93  ? 0.3114 0.2194 0.4099 -0.0058 -0.0199 0.1418  93  THR L C   
579 O O   . THR A 93  ? 0.4106 0.3354 0.5216 -0.0129 -0.0285 0.1684  93  THR L O   
580 C CB  . THR A 93  ? 0.3272 0.2686 0.3746 -0.0355 -0.0160 0.1388  93  THR L CB  
581 O OG1 . THR A 93  ? 0.3263 0.2815 0.3479 -0.0321 -0.0111 0.1208  93  THR L OG1 
582 C CG2 . THR A 93  ? 0.3257 0.2680 0.3584 -0.0474 -0.0126 0.1297  93  THR L CG2 
583 N N   . GLU A 94  ? 0.3907 0.2865 0.4907 0.0109  -0.0140 0.1201  94  GLU L N   
584 C CA  . GLU A 94  ? 0.4423 0.3420 0.5601 0.0223  -0.0167 0.1275  94  GLU L CA  
585 C C   . GLU A 94  ? 0.4785 0.3604 0.6298 0.0364  -0.0189 0.1184  94  GLU L C   
586 O O   . GLU A 94  ? 0.4853 0.3623 0.6572 0.0318  -0.0256 0.1271  94  GLU L O   
587 C CB  . GLU A 94  ? 0.4866 0.3949 0.5804 0.0297  -0.0078 0.1063  94  GLU L CB  
588 N N   . ARG A 98  ? 0.5364 0.4657 0.8159 0.0588  -0.0533 0.1733  98  ARG L N   
589 C CA  . ARG A 98  ? 0.5124 0.4604 0.7705 0.0570  -0.0501 0.1792  98  ARG L CA  
590 C C   . ARG A 98  ? 0.5568 0.5149 0.7802 0.0456  -0.0464 0.1848  98  ARG L C   
591 O O   . ARG A 98  ? 0.6643 0.6261 0.8825 0.0328  -0.0509 0.1982  98  ARG L O   
592 C CB  . ARG A 98  ? 0.5476 0.5115 0.8227 0.0513  -0.0596 0.2007  98  ARG L CB  
593 C CG  . ARG A 98  ? 0.4169 0.3761 0.7203 0.0642  -0.0615 0.1927  98  ARG L CG  
594 C CD  . ARG A 98  ? 0.4931 0.4631 0.7828 0.0726  -0.0541 0.1826  98  ARG L CD  
595 N NE  . ARG A 98  ? 0.5856 0.5599 0.9012 0.0798  -0.0589 0.1844  98  ARG L NE  
596 C CZ  . ARG A 98  ? 0.5987 0.5832 0.9110 0.0884  -0.0534 0.1757  98  ARG L CZ  
597 N N   . GLY A 99  ? 0.3687 0.3339 0.5696 0.0498  -0.0385 0.1741  99  GLY L N   
598 C CA  . GLY A 99  ? 0.3987 0.3744 0.5668 0.0398  -0.0352 0.1761  99  GLY L CA  
599 C C   . GLY A 99  ? 0.3469 0.3316 0.4985 0.0463  -0.0277 0.1647  99  GLY L C   
600 O O   . GLY A 99  ? 0.3832 0.3686 0.5484 0.0577  -0.0249 0.1574  99  GLY L O   
601 N N   . MET A 100 ? 0.3847 0.3782 0.5077 0.0384  -0.0247 0.1627  100 MET L N   
602 C CA  . MET A 100 ? 0.3882 0.3950 0.4941 0.0410  -0.0189 0.1516  100 MET L CA  
603 C C   . MET A 100 ? 0.3644 0.3695 0.4391 0.0335  -0.0122 0.1319  100 MET L C   
604 O O   . MET A 100 ? 0.3893 0.4029 0.4474 0.0198  -0.0159 0.1364  100 MET L O   
605 C CB  . MET A 100 ? 0.4021 0.4374 0.5047 0.0325  -0.0263 0.1673  100 MET L CB  
606 C CG  . MET A 100 ? 0.4128 0.4619 0.5074 0.0360  -0.0221 0.1569  100 MET L CG  
607 S SD  . MET A 100 ? 0.4752 0.5198 0.5995 0.0531  -0.0186 0.1558  100 MET L SD  
608 C CE  . MET A 100 ? 0.4412 0.4962 0.5837 0.0463  -0.0298 0.1751  100 MET L CE  
609 N N   . ILE A 101 ? 0.3082 0.3047 0.3755 0.0422  -0.0029 0.1104  101 ILE L N   
610 C CA  . ILE A 101 ? 0.2725 0.2662 0.3128 0.0364  0.0025  0.0908  101 ILE L CA  
611 C C   . ILE A 101 ? 0.3190 0.3314 0.3486 0.0340  0.0033  0.0851  101 ILE L C   
612 O O   . ILE A 101 ? 0.3149 0.3292 0.3550 0.0440  0.0074  0.0827  101 ILE L O   
613 C CB  . ILE A 101 ? 0.3179 0.2878 0.3586 0.0475  0.0113  0.0711  101 ILE L CB  
614 C CG1 . ILE A 101 ? 0.4354 0.3862 0.4947 0.0514  0.0090  0.0761  101 ILE L CG1 
615 C CG2 . ILE A 101 ? 0.3539 0.3202 0.3678 0.0406  0.0153  0.0523  101 ILE L CG2 
616 N N   . GLN A 102 ? 0.2835 0.3121 0.2951 0.0206  -0.0013 0.0825  102 GLN L N   
617 C CA  . GLN A 102 ? 0.2350 0.2801 0.2399 0.0175  -0.0024 0.0744  102 GLN L CA  
618 C C   . GLN A 102 ? 0.2409 0.2733 0.2314 0.0181  0.0036  0.0525  102 GLN L C   
619 O O   . GLN A 102 ? 0.2822 0.3088 0.2573 0.0109  0.0033  0.0421  102 GLN L O   
620 C CB  . GLN A 102 ? 0.3408 0.4131 0.3377 0.0037  -0.0118 0.0795  102 GLN L CB  
621 C CG  . GLN A 102 ? 0.3838 0.4738 0.3793 0.0003  -0.0154 0.0690  102 GLN L CG  
622 C CD  . GLN A 102 ? 0.4589 0.5772 0.4446 -0.0132 -0.0248 0.0660  102 GLN L CD  
623 O OE1 . GLN A 102 ? 0.4146 0.5344 0.3845 -0.0214 -0.0253 0.0533  102 GLN L OE1 
624 N NE2 . GLN A 102 ? 0.4182 0.5614 0.4141 -0.0155 -0.0324 0.0764  102 GLN L NE2 
625 N N   . LEU A 103 ? 0.2141 0.2436 0.2100 0.0264  0.0086  0.0467  103 LEU L N   
626 C CA  . LEU A 103 ? 0.2026 0.2209 0.1867 0.0277  0.0136  0.0288  103 LEU L CA  
627 C C   . LEU A 103 ? 0.1851 0.2190 0.1694 0.0213  0.0086  0.0239  103 LEU L C   
628 O O   . LEU A 103 ? 0.1821 0.2321 0.1804 0.0220  0.0054  0.0342  103 LEU L O   
629 C CB  . LEU A 103 ? 0.2143 0.2199 0.2053 0.0421  0.0233  0.0260  103 LEU L CB  
630 C CG  . LEU A 103 ? 0.2525 0.2402 0.2475 0.0502  0.0277  0.0250  103 LEU L CG  
631 C CD1 . LEU A 103 ? 0.2854 0.2689 0.2914 0.0659  0.0364  0.0210  103 LEU L CD1 
632 C CD2 . LEU A 103 ? 0.2934 0.2650 0.2712 0.0448  0.0281  0.0110  103 LEU L CD2 
633 N N   . ILE A 104 ? 0.1761 0.2050 0.1476 0.0151  0.0069  0.0079  104 ILE L N   
634 C CA  . ILE A 104 ? 0.1528 0.1905 0.1289 0.0111  0.0022  0.0007  104 ILE L CA  
635 C C   . ILE A 104 ? 0.1715 0.1922 0.1414 0.0174  0.0091  -0.0082 104 ILE L C   
636 O O   . ILE A 104 ? 0.2090 0.2129 0.1644 0.0183  0.0129  -0.0195 104 ILE L O   
637 C CB  . ILE A 104 ? 0.1920 0.2411 0.1626 -0.0017 -0.0081 -0.0123 104 ILE L CB  
638 C CG1 . ILE A 104 ? 0.1840 0.2551 0.1580 -0.0079 -0.0148 -0.0035 104 ILE L CG1 
639 C CG2 . ILE A 104 ? 0.1989 0.2547 0.1809 -0.0051 -0.0149 -0.0203 104 ILE L CG2 
640 C CD1 . ILE A 104 ? 0.2389 0.3287 0.2083 -0.0200 -0.0250 -0.0186 104 ILE L CD1 
641 N N   . VAL A 105 ? 0.1535 0.1802 0.1346 0.0215  0.0108  -0.0022 105 VAL L N   
642 C CA  . VAL A 105 ? 0.1429 0.1594 0.1185 0.0271  0.0170  -0.0076 105 VAL L CA  
643 C C   . VAL A 105 ? 0.1773 0.2032 0.1642 0.0206  0.0095  -0.0072 105 VAL L C   
644 O O   . VAL A 105 ? 0.1446 0.1856 0.1474 0.0141  0.0007  -0.0020 105 VAL L O   
645 C CB  . VAL A 105 ? 0.1968 0.2147 0.1768 0.0403  0.0284  0.0017  105 VAL L CB  
646 C CG1 . VAL A 105 ? 0.2294 0.2369 0.2052 0.0474  0.0338  0.0007  105 VAL L CG1 
647 C CG2 . VAL A 105 ? 0.1609 0.1994 0.1614 0.0417  0.0277  0.0183  105 VAL L CG2 
648 N N   . ALA A 106 ? 0.1710 0.1883 0.1515 0.0224  0.0120  -0.0128 106 ALA L N   
649 C CA  . ALA A 106 ? 0.1778 0.2031 0.1728 0.0172  0.0050  -0.0083 106 ALA L CA  
650 C C   . ALA A 106 ? 0.1690 0.2003 0.1647 0.0259  0.0153  0.0041  106 ALA L C   
651 O O   . ALA A 106 ? 0.1770 0.1991 0.1557 0.0335  0.0242  -0.0019 106 ALA L O   
652 C CB  . ALA A 106 ? 0.1817 0.1948 0.1711 0.0098  -0.0038 -0.0247 106 ALA L CB  
653 N N   . ARG A 107 ? 0.1244 0.1743 0.1408 0.0250  0.0141  0.0209  107 ARG L N   
654 C CA  . ARG A 107 ? 0.1291 0.1929 0.1482 0.0333  0.0250  0.0349  107 ARG L CA  
655 C C   . ARG A 107 ? 0.2008 0.2772 0.2382 0.0261  0.0184  0.0483  107 ARG L C   
656 O O   . ARG A 107 ? 0.1974 0.2791 0.2572 0.0171  0.0063  0.0531  107 ARG L O   
657 C CB  . ARG A 107 ? 0.1366 0.2147 0.1659 0.0402  0.0320  0.0456  107 ARG L CB  
658 C CG  . ARG A 107 ? 0.1583 0.2566 0.1927 0.0490  0.0438  0.0586  107 ARG L CG  
659 C CD  . ARG A 107 ? 0.1981 0.3090 0.2437 0.0568  0.0502  0.0658  107 ARG L CD  
660 N NE  . ARG A 107 ? 0.1622 0.2565 0.1956 0.0634  0.0530  0.0530  107 ARG L NE  
661 C CZ  . ARG A 107 ? 0.1537 0.2522 0.1974 0.0691  0.0550  0.0569  107 ARG L CZ  
662 N NH1 . ARG A 107 ? 0.1752 0.2942 0.2397 0.0698  0.0554  0.0713  107 ARG L NH1 
663 N NH2 . ARG A 107 ? 0.2018 0.2841 0.2372 0.0741  0.0560  0.0470  107 ARG L NH2 
664 N N   . ARG A 108 ? 0.2108 0.2940 0.2406 0.0301  0.0256  0.0549  108 ARG L N   
665 C CA  . ARG A 108 ? 0.3014 0.3953 0.3478 0.0221  0.0183  0.0696  108 ARG L CA  
666 C C   . ARG A 108 ? 0.4097 0.5261 0.4867 0.0179  0.0155  0.0909  108 ARG L C   
667 O O   . ARG A 108 ? 0.3837 0.5124 0.4653 0.0237  0.0232  0.0963  108 ARG L O   
668 C CB  . ARG A 108 ? 0.3348 0.4370 0.3643 0.0282  0.0283  0.0745  108 ARG L CB  
669 C CG  . ARG A 108 ? 0.4016 0.5057 0.4411 0.0188  0.0181  0.0852  108 ARG L CG  
670 C CD  . ARG A 108 ? 0.4245 0.5430 0.4452 0.0251  0.0288  0.0921  108 ARG L CD  
671 N N   . THR B 6   ? 0.4040 0.5410 0.6467 0.0064  -0.1057 0.0123  86  THR A N   
672 C CA  . THR B 6   ? 0.3758 0.4928 0.5935 0.0273  -0.1021 0.0140  86  THR A CA  
673 C C   . THR B 6   ? 0.2762 0.3522 0.4474 0.0245  -0.0957 0.0074  86  THR A C   
674 O O   . THR B 6   ? 0.3569 0.4110 0.5031 0.0356  -0.0883 0.0078  86  THR A O   
675 C CB  . THR B 6   ? 0.4298 0.5536 0.6443 0.0353  -0.1224 0.0167  86  THR A CB  
676 O OG1 . THR B 6   ? 0.5329 0.6368 0.7267 0.0576  -0.1134 0.0207  86  THR A OG1 
677 C CG2 . THR B 6   ? 0.3688 0.4666 0.5488 0.0224  -0.1384 0.0088  86  THR A CG2 
678 N N   . ILE B 7   ? 0.2640 0.3291 0.4217 0.0093  -0.0979 0.0026  87  ILE A N   
679 C CA  . ILE B 7   ? 0.2291 0.2678 0.3505 0.0079  -0.0904 0.0009  87  ILE A CA  
680 C C   . ILE B 7   ? 0.2452 0.2833 0.3706 0.0030  -0.0729 0.0012  87  ILE A C   
681 O O   . ILE B 7   ? 0.3063 0.3475 0.4429 -0.0082 -0.0720 -0.0004 87  ILE A O   
682 C CB  . ILE B 7   ? 0.2493 0.2715 0.3442 0.0018  -0.1026 -0.0005 87  ILE A CB  
683 C CG1 . ILE B 7   ? 0.3437 0.3629 0.4315 0.0083  -0.1181 -0.0002 87  ILE A CG1 
684 C CG2 . ILE B 7   ? 0.2889 0.2958 0.3543 0.0024  -0.0925 0.0028  87  ILE A CG2 
685 C CD1 . ILE B 7   ? 0.3959 0.3948 0.4528 0.0057  -0.1268 0.0001  87  ILE A CD1 
686 N N   . ILE B 8   ? 0.2076 0.2378 0.3188 0.0100  -0.0592 0.0033  88  ILE A N   
687 C CA  . ILE B 8   ? 0.2144 0.2415 0.3238 0.0089  -0.0413 0.0049  88  ILE A CA  
688 C C   . ILE B 8   ? 0.2075 0.2229 0.2827 0.0104  -0.0381 0.0085  88  ILE A C   
689 O O   . ILE B 8   ? 0.2117 0.2245 0.2681 0.0118  -0.0462 0.0102  88  ILE A O   
690 C CB  . ILE B 8   ? 0.2638 0.2953 0.3868 0.0177  -0.0250 0.0067  88  ILE A CB  
691 C CG1 . ILE B 8   ? 0.3771 0.3927 0.4697 0.0261  -0.0231 0.0072  88  ILE A CG1 
692 C CG2 . ILE B 8   ? 0.2495 0.3027 0.4122 0.0201  -0.0267 0.0082  88  ILE A CG2 
693 N N   . THR B 9   ? 0.2127 0.2222 0.2794 0.0098  -0.0252 0.0117  89  THR A N   
694 C CA  . THR B 9   ? 0.2586 0.2656 0.2971 0.0154  -0.0194 0.0199  89  THR A CA  
695 C C   . THR B 9   ? 0.2985 0.3067 0.3302 0.0227  -0.0026 0.0239  89  THR A C   
696 O O   . THR B 9   ? 0.3860 0.3867 0.4280 0.0236  0.0127  0.0222  89  THR A O   
697 C CB  . THR B 9   ? 0.3267 0.3195 0.3496 0.0154  -0.0143 0.0239  89  THR A CB  
698 O OG1 . THR B 9   ? 0.3852 0.3730 0.4071 0.0095  -0.0310 0.0203  89  THR A OG1 
699 C CG2 . THR B 9   ? 0.3728 0.3707 0.3702 0.0268  -0.0047 0.0375  89  THR A CG2 
700 N N   . LEU B 10  ? 0.2929 0.3102 0.3060 0.0259  -0.0063 0.0295  90  LEU A N   
701 C CA  . LEU B 10  ? 0.3453 0.3631 0.3439 0.0329  0.0060  0.0338  90  LEU A CA  
702 C C   . LEU B 10  ? 0.4159 0.4472 0.3946 0.0408  0.0120  0.0479  90  LEU A C   
703 O O   . LEU B 10  ? 0.4757 0.5071 0.4411 0.0505  0.0262  0.0542  90  LEU A O   
704 C CB  . LEU B 10  ? 0.4118 0.4268 0.3963 0.0283  -0.0041 0.0301  90  LEU A CB  
705 C CG  . LEU B 10  ? 0.4781 0.4785 0.4757 0.0258  -0.0085 0.0199  90  LEU A CG  
706 C CD1 . LEU B 10  ? 0.5415 0.5298 0.5112 0.0184  -0.0214 0.0175  90  LEU A CD1 
707 C CD2 . LEU B 10  ? 0.4654 0.4550 0.4762 0.0350  0.0102  0.0171  90  LEU A CD2 
708 O OXT . LEU B 10  ? 0.4011 0.4447 0.3761 0.0404  0.0044  0.0555  90  LEU A OXT 
# 
loop_
_pdbx_poly_seq_scheme.asym_id 
_pdbx_poly_seq_scheme.entity_id 
_pdbx_poly_seq_scheme.seq_id 
_pdbx_poly_seq_scheme.mon_id 
_pdbx_poly_seq_scheme.ndb_seq_num 
_pdbx_poly_seq_scheme.pdb_seq_num 
_pdbx_poly_seq_scheme.auth_seq_num 
_pdbx_poly_seq_scheme.pdb_mon_id 
_pdbx_poly_seq_scheme.auth_mon_id 
_pdbx_poly_seq_scheme.pdb_strand_id 
_pdbx_poly_seq_scheme.pdb_ins_code 
_pdbx_poly_seq_scheme.hetero 
A 1 1   GLY 1   1   ?   ?   ?   L . n 
A 1 2   PRO 2   2   ?   ?   ?   L . n 
A 1 3   GLY 3   3   ?   ?   ?   L . n 
A 1 4   SER 4   4   ?   ?   ?   L . n 
A 1 5   GLU 5   5   5   GLU GLU L . n 
A 1 6   PHE 6   6   6   PHE PHE L . n 
A 1 7   GLY 7   7   7   GLY GLY L . n 
A 1 8   THR 8   8   8   THR THR L . n 
A 1 9   ARG 9   9   9   ARG ARG L . n 
A 1 10  GLU 10  10  10  GLU GLU L . n 
A 1 11  PHE 11  11  11  PHE PHE L . n 
A 1 12  LEU 12  12  12  LEU LEU L . n 
A 1 13  THR 13  13  13  THR THR L . n 
A 1 14  PHE 14  14  14  PHE PHE L . n 
A 1 15  GLU 15  15  15  GLU GLU L . n 
A 1 16  VAL 16  16  16  VAL VAL L . n 
A 1 17  PRO 17  17  17  PRO PRO L . n 
A 1 18  LEU 18  18  18  LEU LEU L . n 
A 1 19  ASN 19  19  ?   ?   ?   L . n 
A 1 20  ASP 20  20  ?   ?   ?   L . n 
A 1 21  SER 21  21  ?   ?   ?   L . n 
A 1 22  GLY 22  22  ?   ?   ?   L . n 
A 1 23  SER 23  23  ?   ?   ?   L . n 
A 1 24  ALA 24  24  24  ALA ALA L . n 
A 1 25  GLY 25  25  25  GLY GLY L . n 
A 1 26  LEU 26  26  26  LEU LEU L . n 
A 1 27  GLY 27  27  27  GLY GLY L . n 
A 1 28  VAL 28  28  28  VAL VAL L . n 
A 1 29  SER 29  29  29  SER SER L . n 
A 1 30  VAL 30  30  30  VAL VAL L . n 
A 1 31  LYS 31  31  31  LYS LYS L . n 
A 1 32  GLY 32  32  32  GLY GLY L . n 
A 1 33  ASN 33  33  33  ASN ASN L . n 
A 1 34  ARG 34  34  34  ARG ARG L . n 
A 1 35  SER 35  35  35  SER SER L . n 
A 1 36  LYS 36  36  36  LYS LYS L . n 
A 1 37  GLU 37  37  37  GLU GLU L . n 
A 1 38  ASN 38  38  38  ASN ASN L . n 
A 1 39  HIS 39  39  39  HIS HIS L . n 
A 1 40  ALA 40  40  40  ALA ALA L . n 
A 1 41  ASP 41  41  41  ASP ASP L . n 
A 1 42  LEU 42  42  42  LEU LEU L . n 
A 1 43  GLY 43  43  43  GLY GLY L . n 
A 1 44  ILE 44  44  44  ILE ILE L . n 
A 1 45  PHE 45  45  45  PHE PHE L . n 
A 1 46  VAL 46  46  46  VAL VAL L . n 
A 1 47  LYS 47  47  47  LYS LYS L . n 
A 1 48  SER 48  48  48  SER SER L . n 
A 1 49  ILE 49  49  49  ILE ILE L . n 
A 1 50  ILE 50  50  50  ILE ILE L . n 
A 1 51  ASN 51  51  51  ASN ASN L . n 
A 1 52  GLY 52  52  52  GLY GLY L . n 
A 1 53  GLY 53  53  53  GLY GLY L . n 
A 1 54  ALA 54  54  54  ALA ALA L . n 
A 1 55  ALA 55  55  55  ALA ALA L . n 
A 1 56  SER 56  56  56  SER SER L . n 
A 1 57  LYS 57  57  57  LYS LYS L . n 
A 1 58  ASP 58  58  58  ASP ASP L . n 
A 1 59  GLY 59  59  59  GLY GLY L . n 
A 1 60  ARG 60  60  60  ARG ARG L . n 
A 1 61  LEU 61  61  61  LEU LEU L . n 
A 1 62  ARG 62  62  62  ARG ARG L . n 
A 1 63  VAL 63  63  63  VAL VAL L . n 
A 1 64  ASN 64  64  64  ASN ASN L . n 
A 1 65  ASP 65  65  65  ASP ASP L . n 
A 1 66  GLN 66  66  66  GLN GLN L . n 
A 1 67  LEU 67  67  67  LEU LEU L . n 
A 1 68  ILE 68  68  68  ILE ILE L . n 
A 1 69  ALA 69  69  69  ALA ALA L . n 
A 1 70  VAL 70  70  70  VAL VAL L . n 
A 1 71  ASN 71  71  71  ASN ASN L . n 
A 1 72  GLY 72  72  72  GLY GLY L . n 
A 1 73  GLU 73  73  73  GLU GLU L . n 
A 1 74  SER 74  74  74  SER SER L . n 
A 1 75  LEU 75  75  75  LEU LEU L . n 
A 1 76  LEU 76  76  76  LEU LEU L . n 
A 1 77  GLY 77  77  77  GLY GLY L . n 
A 1 78  LYS 78  78  78  LYS LYS L . n 
A 1 79  ALA 79  79  79  ALA ALA L . n 
A 1 80  ASN 80  80  80  ASN ASN L . n 
A 1 81  GLN 81  81  81  GLN GLN L . n 
A 1 82  GLU 82  82  82  GLU GLU L . n 
A 1 83  ALA 83  83  83  ALA ALA L . n 
A 1 84  MET 84  84  84  MET MET L . n 
A 1 85  GLU 85  85  85  GLU GLU L . n 
A 1 86  THR 86  86  86  THR THR L . n 
A 1 87  LEU 87  87  87  LEU LEU L . n 
A 1 88  ARG 88  88  88  ARG ARG L . n 
A 1 89  ARG 89  89  89  ARG ARG L . n 
A 1 90  SER 90  90  90  SER SER L . n 
A 1 91  MET 91  91  91  MET MET L . n 
A 1 92  SER 92  92  92  SER SER L . n 
A 1 93  THR 93  93  93  THR THR L . n 
A 1 94  GLU 94  94  94  GLU GLU L . n 
A 1 95  GLY 95  95  ?   ?   ?   L . n 
A 1 96  ASN 96  96  ?   ?   ?   L . n 
A 1 97  LYS 97  97  ?   ?   ?   L . n 
A 1 98  ARG 98  98  98  ARG ARG L . n 
A 1 99  GLY 99  99  99  GLY GLY L . n 
A 1 100 MET 100 100 100 MET MET L . n 
A 1 101 ILE 101 101 101 ILE ILE L . n 
A 1 102 GLN 102 102 102 GLN GLN L . n 
A 1 103 LEU 103 103 103 LEU LEU L . n 
A 1 104 ILE 104 104 104 ILE ILE L . n 
A 1 105 VAL 105 105 105 VAL VAL L . n 
A 1 106 ALA 106 106 106 ALA ALA L . n 
A 1 107 ARG 107 107 107 ARG ARG L . n 
A 1 108 ARG 108 108 108 ARG ARG L . n 
A 1 109 ILE 109 109 ?   ?   ?   L . n 
A 1 110 SER 110 110 ?   ?   ?   L . n 
B 2 1   LEU 1   81  ?   ?   ?   A . n 
B 2 2   GLU 2   82  ?   ?   ?   A . n 
B 2 3   GLU 3   83  ?   ?   ?   A . n 
B 2 4   ASP 4   84  ?   ?   ?   A . n 
B 2 5   GLY 5   85  ?   ?   ?   A . n 
B 2 6   THR 6   86  86  THR THR A . n 
B 2 7   ILE 7   87  87  ILE ILE A . n 
B 2 8   ILE 8   88  88  ILE ILE A . n 
B 2 9   THR 9   89  89  THR THR A . n 
B 2 10  LEU 10  90  90  LEU LEU A . n 
# 
loop_
_pdbx_nonpoly_scheme.asym_id 
_pdbx_nonpoly_scheme.entity_id 
_pdbx_nonpoly_scheme.mon_id 
_pdbx_nonpoly_scheme.ndb_seq_num 
_pdbx_nonpoly_scheme.pdb_seq_num 
_pdbx_nonpoly_scheme.auth_seq_num 
_pdbx_nonpoly_scheme.pdb_mon_id 
_pdbx_nonpoly_scheme.auth_mon_id 
_pdbx_nonpoly_scheme.pdb_strand_id 
_pdbx_nonpoly_scheme.pdb_ins_code 
C 3 SO4 1  201 1  SO4 SO4 L . 
D 3 SO4 1  202 2  SO4 SO4 L . 
E 3 SO4 1  203 3  SO4 SO4 L . 
F 4 HOH 1  301 11 HOH HOH L . 
F 4 HOH 2  302 24 HOH HOH L . 
F 4 HOH 3  303 29 HOH HOH L . 
F 4 HOH 4  304 23 HOH HOH L . 
F 4 HOH 5  305 18 HOH HOH L . 
F 4 HOH 6  306 13 HOH HOH L . 
F 4 HOH 7  307 20 HOH HOH L . 
F 4 HOH 8  308 10 HOH HOH L . 
F 4 HOH 9  309 1  HOH HOH L . 
F 4 HOH 10 310 5  HOH HOH L . 
F 4 HOH 11 311 2  HOH HOH L . 
F 4 HOH 12 312 16 HOH HOH L . 
F 4 HOH 13 313 19 HOH HOH L . 
F 4 HOH 14 314 26 HOH HOH L . 
F 4 HOH 15 315 3  HOH HOH L . 
F 4 HOH 16 316 9  HOH HOH L . 
F 4 HOH 17 317 7  HOH HOH L . 
F 4 HOH 18 318 4  HOH HOH L . 
F 4 HOH 19 319 6  HOH HOH L . 
F 4 HOH 20 320 8  HOH HOH L . 
F 4 HOH 21 321 14 HOH HOH L . 
F 4 HOH 22 322 12 HOH HOH L . 
F 4 HOH 23 323 17 HOH HOH L . 
F 4 HOH 24 324 15 HOH HOH L . 
F 4 HOH 25 325 22 HOH HOH L . 
F 4 HOH 26 326 27 HOH HOH L . 
F 4 HOH 27 327 28 HOH HOH L . 
F 4 HOH 28 328 31 HOH HOH L . 
F 4 HOH 29 329 30 HOH HOH L . 
# 
_pdbx_struct_assembly.id                   1 
_pdbx_struct_assembly.details              author_and_software_defined_assembly 
_pdbx_struct_assembly.method_details       PISA 
_pdbx_struct_assembly.oligomeric_details   dimeric 
_pdbx_struct_assembly.oligomeric_count     2 
# 
_pdbx_struct_assembly_gen.assembly_id       1 
_pdbx_struct_assembly_gen.oper_expression   1 
_pdbx_struct_assembly_gen.asym_id_list      A,B,C,D,E,F 
# 
loop_
_pdbx_struct_assembly_prop.biol_id 
_pdbx_struct_assembly_prop.type 
_pdbx_struct_assembly_prop.value 
_pdbx_struct_assembly_prop.details 
1 'ABSA (A^2)' 1160 ? 
1 MORE         -33  ? 
1 'SSA (A^2)'  6120 ? 
# 
_pdbx_struct_oper_list.id                   1 
_pdbx_struct_oper_list.type                 'identity operation' 
_pdbx_struct_oper_list.name                 1_555 
_pdbx_struct_oper_list.symmetry_operation   x,y,z 
_pdbx_struct_oper_list.matrix[1][1]         1.0000000000 
_pdbx_struct_oper_list.matrix[1][2]         0.0000000000 
_pdbx_struct_oper_list.matrix[1][3]         0.0000000000 
_pdbx_struct_oper_list.vector[1]            0.0000000000 
_pdbx_struct_oper_list.matrix[2][1]         0.0000000000 
_pdbx_struct_oper_list.matrix[2][2]         1.0000000000 
_pdbx_struct_oper_list.matrix[2][3]         0.0000000000 
_pdbx_struct_oper_list.vector[2]            0.0000000000 
_pdbx_struct_oper_list.matrix[3][1]         0.0000000000 
_pdbx_struct_oper_list.matrix[3][2]         0.0000000000 
_pdbx_struct_oper_list.matrix[3][3]         1.0000000000 
_pdbx_struct_oper_list.vector[3]            0.0000000000 
# 
_pdbx_struct_special_symmetry.id              1 
_pdbx_struct_special_symmetry.PDB_model_num   1 
_pdbx_struct_special_symmetry.auth_asym_id    L 
_pdbx_struct_special_symmetry.auth_comp_id    HOH 
_pdbx_struct_special_symmetry.auth_seq_id     324 
_pdbx_struct_special_symmetry.PDB_ins_code    ? 
_pdbx_struct_special_symmetry.label_asym_id   F 
_pdbx_struct_special_symmetry.label_comp_id   HOH 
_pdbx_struct_special_symmetry.label_seq_id    . 
# 
loop_
_pdbx_audit_revision_history.ordinal 
_pdbx_audit_revision_history.data_content_type 
_pdbx_audit_revision_history.major_revision 
_pdbx_audit_revision_history.minor_revision 
_pdbx_audit_revision_history.revision_date 
1 'Structure model' 1 0 2020-04-22 
2 'Structure model' 1 1 2020-11-04 
3 'Structure model' 1 2 2023-11-22 
# 
_pdbx_audit_revision_details.ordinal             1 
_pdbx_audit_revision_details.revision_ordinal    1 
_pdbx_audit_revision_details.data_content_type   'Structure model' 
_pdbx_audit_revision_details.provider            repository 
_pdbx_audit_revision_details.type                'Initial release' 
_pdbx_audit_revision_details.description         ? 
_pdbx_audit_revision_details.details             ? 
# 
loop_
_pdbx_audit_revision_group.ordinal 
_pdbx_audit_revision_group.revision_ordinal 
_pdbx_audit_revision_group.data_content_type 
_pdbx_audit_revision_group.group 
1 2 'Structure model' 'Database references'    
2 2 'Structure model' 'Refinement description' 
3 2 'Structure model' 'Structure summary'      
4 3 'Structure model' 'Data collection'        
5 3 'Structure model' 'Database references'    
6 3 'Structure model' 'Refinement description' 
# 
loop_
_pdbx_audit_revision_category.ordinal 
_pdbx_audit_revision_category.revision_ordinal 
_pdbx_audit_revision_category.data_content_type 
_pdbx_audit_revision_category.category 
1 2 'Structure model' audit_author                  
2 2 'Structure model' citation                      
3 2 'Structure model' citation_author               
4 2 'Structure model' software                      
5 2 'Structure model' struct                        
6 3 'Structure model' chem_comp_atom                
7 3 'Structure model' chem_comp_bond                
8 3 'Structure model' database_2                    
9 3 'Structure model' pdbx_initial_refinement_model 
# 
loop_
_pdbx_audit_revision_item.ordinal 
_pdbx_audit_revision_item.revision_ordinal 
_pdbx_audit_revision_item.data_content_type 
_pdbx_audit_revision_item.item 
1  2 'Structure model' '_audit_author.name'                  
2  2 'Structure model' '_citation.country'                   
3  2 'Structure model' '_citation.journal_abbrev'            
4  2 'Structure model' '_citation.journal_id_CSD'            
5  2 'Structure model' '_citation.journal_id_ISSN'           
6  2 'Structure model' '_citation.journal_volume'            
7  2 'Structure model' '_citation.page_first'                
8  2 'Structure model' '_citation.page_last'                 
9  2 'Structure model' '_citation.pdbx_database_id_DOI'      
10 2 'Structure model' '_citation.pdbx_database_id_PubMed'   
11 2 'Structure model' '_citation.title'                     
12 2 'Structure model' '_citation.year'                      
13 2 'Structure model' '_software.name'                      
14 2 'Structure model' '_struct.title'                       
15 3 'Structure model' '_database_2.pdbx_DOI'                
16 3 'Structure model' '_database_2.pdbx_database_accession' 
# 
loop_
_pdbx_refine_tls.pdbx_refine_id 
_pdbx_refine_tls.id 
_pdbx_refine_tls.details 
_pdbx_refine_tls.method 
_pdbx_refine_tls.origin_x 
_pdbx_refine_tls.origin_y 
_pdbx_refine_tls.origin_z 
_pdbx_refine_tls.T[1][1] 
_pdbx_refine_tls.T[2][2] 
_pdbx_refine_tls.T[3][3] 
_pdbx_refine_tls.T[1][2] 
_pdbx_refine_tls.T[1][3] 
_pdbx_refine_tls.T[2][3] 
_pdbx_refine_tls.L[1][1] 
_pdbx_refine_tls.L[2][2] 
_pdbx_refine_tls.L[3][3] 
_pdbx_refine_tls.L[1][2] 
_pdbx_refine_tls.L[1][3] 
_pdbx_refine_tls.L[2][3] 
_pdbx_refine_tls.S[1][1] 
_pdbx_refine_tls.S[2][2] 
_pdbx_refine_tls.S[3][3] 
_pdbx_refine_tls.S[1][2] 
_pdbx_refine_tls.S[1][3] 
_pdbx_refine_tls.S[2][3] 
_pdbx_refine_tls.S[2][1] 
_pdbx_refine_tls.S[3][1] 
_pdbx_refine_tls.S[3][2] 
'X-RAY DIFFRACTION' 1 ? refined -6.0159 -5.7878 -2.0151 0.0784 0.1362 0.1260 -0.0133 0.0411  0.0075  4.6505  9.0785  4.9998 -3.0482 1.0898  -1.1428 0.0986  -0.0956 0.0213  0.1576  0.2152  0.0191  0.1106  0.1245  -0.1400 
'X-RAY DIFFRACTION' 2 ? refined 0.4674  4.6580  3.8679  0.2098 0.1900 0.2473 0.0322  -0.0716 -0.0296 12.8325 5.4474  1.7481 -5.9748 1.2566  -1.5247 0.2285  -0.0371 -0.1549 0.4312  0.0163  0.5519  -0.2836 -0.0347 -0.1475 
'X-RAY DIFFRACTION' 3 ? refined 1.0181  -1.5523 5.9604  0.1568 0.0989 0.1129 -0.0328 0.0054  0.0134  8.4240  5.5525  3.9118 -4.3272 2.2299  -1.4486 -0.1798 0.1082  0.0809  -0.4025 0.2176  -0.0288 0.2868  -0.0416 -0.0900 
'X-RAY DIFFRACTION' 4 ? refined -0.8727 -2.9198 -2.1225 0.1245 0.0789 0.1479 -0.0242 -0.0110 -0.0181 10.5377 3.5503  2.9975 -1.8672 -1.0128 0.3313  -0.1124 -0.0527 0.1732  0.1652  0.0189  -0.2398 0.0495  -0.1082 -0.0342 
'X-RAY DIFFRACTION' 5 ? refined 8.2909  3.3622  -3.1867 0.2044 0.1844 0.1802 -0.0594 -0.0194 0.0269  1.9797  12.7807 8.7401 -0.7762 0.7092  -8.2517 -0.2037 -0.0746 0.2570  0.0189  -0.0239 -0.3032 0.1374  -0.4362 -0.1356 
'X-RAY DIFFRACTION' 6 ? refined -4.7284 2.1338  -6.0627 0.1700 0.1645 0.1729 0.0431  0.0197  0.0416  3.6350  0.7352  0.4652 0.0321  1.0615  0.3549  -0.1192 0.3362  -0.1736 0.2907  0.4842  0.3497  -0.0123 -0.2729 -0.2647 
'X-RAY DIFFRACTION' 7 ? refined 4.5295  6.5651  5.1614  0.2060 0.2251 0.2920 0.0100  -0.0469 0.0060  0.9322  3.6137  5.9044 -0.5088 -1.6833 -2.1717 0.2150  -0.0338 -0.1573 0.0414  0.0695  -0.6443 -0.0431 -0.0169 0.1998 
# 
loop_
_pdbx_refine_tls_group.pdbx_refine_id 
_pdbx_refine_tls_group.id 
_pdbx_refine_tls_group.refine_tls_id 
_pdbx_refine_tls_group.beg_auth_asym_id 
_pdbx_refine_tls_group.beg_auth_seq_id 
_pdbx_refine_tls_group.end_auth_asym_id 
_pdbx_refine_tls_group.end_auth_seq_id 
_pdbx_refine_tls_group.selection_details 
_pdbx_refine_tls_group.beg_label_asym_id 
_pdbx_refine_tls_group.beg_label_seq_id 
_pdbx_refine_tls_group.end_label_asym_id 
_pdbx_refine_tls_group.end_label_seq_id 
_pdbx_refine_tls_group.selection 
'X-RAY DIFFRACTION' 1 1 L 5  L 18  '( CHAIN L AND RESID 5:18 )'   ? ? ? ? ? 
'X-RAY DIFFRACTION' 2 2 L 24 L 33  '( CHAIN L AND RESID 24:33 )'  ? ? ? ? ? 
'X-RAY DIFFRACTION' 3 3 L 34 L 58  '( CHAIN L AND RESID 34:58 )'  ? ? ? ? ? 
'X-RAY DIFFRACTION' 4 4 L 59 L 79  '( CHAIN L AND RESID 59:79 )'  ? ? ? ? ? 
'X-RAY DIFFRACTION' 5 5 L 80 L 91  '( CHAIN L AND RESID 80:91 )'  ? ? ? ? ? 
'X-RAY DIFFRACTION' 6 6 L 92 L 108 '( CHAIN L AND RESID 92:108 )' ? ? ? ? ? 
'X-RAY DIFFRACTION' 7 7 A 86 A 90  '( CHAIN A AND RESID 86:90 )'  ? ? ? ? ? 
# 
loop_
_software.citation_id 
_software.classification 
_software.compiler_name 
_software.compiler_version 
_software.contact_author 
_software.contact_author_email 
_software.date 
_software.description 
_software.dependencies 
_software.hardware 
_software.language 
_software.location 
_software.mods 
_software.name 
_software.os 
_software.os_version 
_software.type 
_software.version 
_software.pdbx_ordinal 
? refinement       ? ? ? ? ? ? ? ? ? ? ? PHENIX   ? ? ? '(1.11.1_2575: ???)' 1 
? 'data reduction' ? ? ? ? ? ? ? ? ? ? ? XDS      ? ? ? .                    2 
? 'data scaling'   ? ? ? ? ? ? ? ? ? ? ? autoPROC ? ? ? .                    3 
? phasing          ? ? ? ? ? ? ? ? ? ? ? PHENIX   ? ? ? .                    4 
# 
loop_
_pdbx_unobs_or_zero_occ_atoms.id 
_pdbx_unobs_or_zero_occ_atoms.PDB_model_num 
_pdbx_unobs_or_zero_occ_atoms.polymer_flag 
_pdbx_unobs_or_zero_occ_atoms.occupancy_flag 
_pdbx_unobs_or_zero_occ_atoms.auth_asym_id 
_pdbx_unobs_or_zero_occ_atoms.auth_comp_id 
_pdbx_unobs_or_zero_occ_atoms.auth_seq_id 
_pdbx_unobs_or_zero_occ_atoms.PDB_ins_code 
_pdbx_unobs_or_zero_occ_atoms.auth_atom_id 
_pdbx_unobs_or_zero_occ_atoms.label_alt_id 
_pdbx_unobs_or_zero_occ_atoms.label_asym_id 
_pdbx_unobs_or_zero_occ_atoms.label_comp_id 
_pdbx_unobs_or_zero_occ_atoms.label_seq_id 
_pdbx_unobs_or_zero_occ_atoms.label_atom_id 
1  1 Y 1 L GLU 5   ? CG  ? A GLU 5   CG  
2  1 Y 1 L GLU 5   ? CD  ? A GLU 5   CD  
3  1 Y 1 L GLU 5   ? OE1 ? A GLU 5   OE1 
4  1 Y 1 L GLU 5   ? OE2 ? A GLU 5   OE2 
5  1 Y 1 L GLU 10  ? CG  ? A GLU 10  CG  
6  1 Y 1 L GLU 10  ? CD  ? A GLU 10  CD  
7  1 Y 1 L GLU 10  ? OE1 ? A GLU 10  OE1 
8  1 Y 1 L GLU 10  ? OE2 ? A GLU 10  OE2 
9  1 Y 1 L LEU 18  ? CG  ? A LEU 18  CG  
10 1 Y 1 L LEU 18  ? CD1 ? A LEU 18  CD1 
11 1 Y 1 L LEU 18  ? CD2 ? A LEU 18  CD2 
12 1 Y 1 L LYS 31  ? CE  ? A LYS 31  CE  
13 1 Y 1 L LYS 31  ? NZ  ? A LYS 31  NZ  
14 1 Y 1 L ASN 33  ? OD1 ? A ASN 33  OD1 
15 1 Y 1 L ARG 34  ? CG  ? A ARG 34  CG  
16 1 Y 1 L ARG 34  ? CD  ? A ARG 34  CD  
17 1 Y 1 L ARG 34  ? NE  ? A ARG 34  NE  
18 1 Y 1 L ARG 34  ? CZ  ? A ARG 34  CZ  
19 1 Y 1 L ARG 34  ? NH1 ? A ARG 34  NH1 
20 1 Y 1 L ARG 34  ? NH2 ? A ARG 34  NH2 
21 1 Y 1 L LYS 36  ? CD  ? A LYS 36  CD  
22 1 Y 1 L LYS 36  ? CE  ? A LYS 36  CE  
23 1 Y 1 L LYS 36  ? NZ  ? A LYS 36  NZ  
24 1 Y 1 L GLU 37  ? CG  ? A GLU 37  CG  
25 1 Y 1 L GLU 37  ? CD  ? A GLU 37  CD  
26 1 Y 1 L GLU 37  ? OE1 ? A GLU 37  OE1 
27 1 Y 1 L GLU 37  ? OE2 ? A GLU 37  OE2 
28 1 Y 1 L LYS 47  ? CG  ? A LYS 47  CG  
29 1 Y 1 L LYS 47  ? CD  ? A LYS 47  CD  
30 1 Y 1 L LYS 47  ? CE  ? A LYS 47  CE  
31 1 Y 1 L LYS 47  ? NZ  ? A LYS 47  NZ  
32 1 Y 1 L ILE 50  ? CG2 ? A ILE 50  CG2 
33 1 Y 1 L LYS 57  ? CG  ? A LYS 57  CG  
34 1 Y 1 L LYS 57  ? CD  ? A LYS 57  CD  
35 1 Y 1 L LYS 57  ? CE  ? A LYS 57  CE  
36 1 Y 1 L LYS 57  ? NZ  ? A LYS 57  NZ  
37 1 Y 1 L GLU 73  ? CG  ? A GLU 73  CG  
38 1 Y 1 L GLU 73  ? CD  ? A GLU 73  CD  
39 1 Y 1 L GLU 73  ? OE1 ? A GLU 73  OE1 
40 1 Y 1 L GLU 73  ? OE2 ? A GLU 73  OE2 
41 1 Y 1 L LEU 76  ? CD1 ? A LEU 76  CD1 
42 1 Y 1 L GLN 81  ? CG  ? A GLN 81  CG  
43 1 Y 1 L GLN 81  ? CD  ? A GLN 81  CD  
44 1 Y 1 L GLN 81  ? OE1 ? A GLN 81  OE1 
45 1 Y 1 L GLN 81  ? NE2 ? A GLN 81  NE2 
46 1 Y 1 L GLU 82  ? OE1 ? A GLU 82  OE1 
47 1 Y 1 L GLU 85  ? CD  ? A GLU 85  CD  
48 1 Y 1 L GLU 85  ? OE1 ? A GLU 85  OE1 
49 1 Y 1 L GLU 85  ? OE2 ? A GLU 85  OE2 
50 1 Y 1 L ARG 88  ? NH1 ? A ARG 88  NH1 
51 1 Y 1 L GLU 94  ? CG  ? A GLU 94  CG  
52 1 Y 1 L GLU 94  ? CD  ? A GLU 94  CD  
53 1 Y 1 L GLU 94  ? OE1 ? A GLU 94  OE1 
54 1 Y 1 L GLU 94  ? OE2 ? A GLU 94  OE2 
55 1 Y 1 L ARG 98  ? NH1 ? A ARG 98  NH1 
56 1 Y 1 L ARG 98  ? NH2 ? A ARG 98  NH2 
57 1 Y 1 L ILE 101 ? CD1 ? A ILE 101 CD1 
58 1 Y 1 L ARG 108 ? NE  ? A ARG 108 NE  
59 1 Y 1 L ARG 108 ? CZ  ? A ARG 108 CZ  
60 1 Y 1 L ARG 108 ? NH1 ? A ARG 108 NH1 
61 1 Y 1 L ARG 108 ? NH2 ? A ARG 108 NH2 
62 1 Y 1 A ILE 88  ? CD1 ? B ILE 8   CD1 
# 
loop_
_pdbx_unobs_or_zero_occ_residues.id 
_pdbx_unobs_or_zero_occ_residues.PDB_model_num 
_pdbx_unobs_or_zero_occ_residues.polymer_flag 
_pdbx_unobs_or_zero_occ_residues.occupancy_flag 
_pdbx_unobs_or_zero_occ_residues.auth_asym_id 
_pdbx_unobs_or_zero_occ_residues.auth_comp_id 
_pdbx_unobs_or_zero_occ_residues.auth_seq_id 
_pdbx_unobs_or_zero_occ_residues.PDB_ins_code 
_pdbx_unobs_or_zero_occ_residues.label_asym_id 
_pdbx_unobs_or_zero_occ_residues.label_comp_id 
_pdbx_unobs_or_zero_occ_residues.label_seq_id 
1  1 Y 1 L GLY 1   ? A GLY 1   
2  1 Y 1 L PRO 2   ? A PRO 2   
3  1 Y 1 L GLY 3   ? A GLY 3   
4  1 Y 1 L SER 4   ? A SER 4   
5  1 Y 1 L ASN 19  ? A ASN 19  
6  1 Y 1 L ASP 20  ? A ASP 20  
7  1 Y 1 L SER 21  ? A SER 21  
8  1 Y 1 L GLY 22  ? A GLY 22  
9  1 Y 1 L SER 23  ? A SER 23  
10 1 Y 1 L GLY 95  ? A GLY 95  
11 1 Y 1 L ASN 96  ? A ASN 96  
12 1 Y 1 L LYS 97  ? A LYS 97  
13 1 Y 1 L ILE 109 ? A ILE 109 
14 1 Y 1 L SER 110 ? A SER 110 
15 1 Y 1 A LEU 81  ? B LEU 1   
16 1 Y 1 A GLU 82  ? B GLU 2   
17 1 Y 1 A GLU 83  ? B GLU 3   
18 1 Y 1 A ASP 84  ? B ASP 4   
19 1 Y 1 A GLY 85  ? B GLY 5   
# 
loop_
_chem_comp_atom.comp_id 
_chem_comp_atom.atom_id 
_chem_comp_atom.type_symbol 
_chem_comp_atom.pdbx_aromatic_flag 
_chem_comp_atom.pdbx_stereo_config 
_chem_comp_atom.pdbx_ordinal 
ALA N    N N N 1   
ALA CA   C N S 2   
ALA C    C N N 3   
ALA O    O N N 4   
ALA CB   C N N 5   
ALA OXT  O N N 6   
ALA H    H N N 7   
ALA H2   H N N 8   
ALA HA   H N N 9   
ALA HB1  H N N 10  
ALA HB2  H N N 11  
ALA HB3  H N N 12  
ALA HXT  H N N 13  
ARG N    N N N 14  
ARG CA   C N S 15  
ARG C    C N N 16  
ARG O    O N N 17  
ARG CB   C N N 18  
ARG CG   C N N 19  
ARG CD   C N N 20  
ARG NE   N N N 21  
ARG CZ   C N N 22  
ARG NH1  N N N 23  
ARG NH2  N N N 24  
ARG OXT  O N N 25  
ARG H    H N N 26  
ARG H2   H N N 27  
ARG HA   H N N 28  
ARG HB2  H N N 29  
ARG HB3  H N N 30  
ARG HG2  H N N 31  
ARG HG3  H N N 32  
ARG HD2  H N N 33  
ARG HD3  H N N 34  
ARG HE   H N N 35  
ARG HH11 H N N 36  
ARG HH12 H N N 37  
ARG HH21 H N N 38  
ARG HH22 H N N 39  
ARG HXT  H N N 40  
ASN N    N N N 41  
ASN CA   C N S 42  
ASN C    C N N 43  
ASN O    O N N 44  
ASN CB   C N N 45  
ASN CG   C N N 46  
ASN OD1  O N N 47  
ASN ND2  N N N 48  
ASN OXT  O N N 49  
ASN H    H N N 50  
ASN H2   H N N 51  
ASN HA   H N N 52  
ASN HB2  H N N 53  
ASN HB3  H N N 54  
ASN HD21 H N N 55  
ASN HD22 H N N 56  
ASN HXT  H N N 57  
ASP N    N N N 58  
ASP CA   C N S 59  
ASP C    C N N 60  
ASP O    O N N 61  
ASP CB   C N N 62  
ASP CG   C N N 63  
ASP OD1  O N N 64  
ASP OD2  O N N 65  
ASP OXT  O N N 66  
ASP H    H N N 67  
ASP H2   H N N 68  
ASP HA   H N N 69  
ASP HB2  H N N 70  
ASP HB3  H N N 71  
ASP HD2  H N N 72  
ASP HXT  H N N 73  
GLN N    N N N 74  
GLN CA   C N S 75  
GLN C    C N N 76  
GLN O    O N N 77  
GLN CB   C N N 78  
GLN CG   C N N 79  
GLN CD   C N N 80  
GLN OE1  O N N 81  
GLN NE2  N N N 82  
GLN OXT  O N N 83  
GLN H    H N N 84  
GLN H2   H N N 85  
GLN HA   H N N 86  
GLN HB2  H N N 87  
GLN HB3  H N N 88  
GLN HG2  H N N 89  
GLN HG3  H N N 90  
GLN HE21 H N N 91  
GLN HE22 H N N 92  
GLN HXT  H N N 93  
GLU N    N N N 94  
GLU CA   C N S 95  
GLU C    C N N 96  
GLU O    O N N 97  
GLU CB   C N N 98  
GLU CG   C N N 99  
GLU CD   C N N 100 
GLU OE1  O N N 101 
GLU OE2  O N N 102 
GLU OXT  O N N 103 
GLU H    H N N 104 
GLU H2   H N N 105 
GLU HA   H N N 106 
GLU HB2  H N N 107 
GLU HB3  H N N 108 
GLU HG2  H N N 109 
GLU HG3  H N N 110 
GLU HE2  H N N 111 
GLU HXT  H N N 112 
GLY N    N N N 113 
GLY CA   C N N 114 
GLY C    C N N 115 
GLY O    O N N 116 
GLY OXT  O N N 117 
GLY H    H N N 118 
GLY H2   H N N 119 
GLY HA2  H N N 120 
GLY HA3  H N N 121 
GLY HXT  H N N 122 
HIS N    N N N 123 
HIS CA   C N S 124 
HIS C    C N N 125 
HIS O    O N N 126 
HIS CB   C N N 127 
HIS CG   C Y N 128 
HIS ND1  N Y N 129 
HIS CD2  C Y N 130 
HIS CE1  C Y N 131 
HIS NE2  N Y N 132 
HIS OXT  O N N 133 
HIS H    H N N 134 
HIS H2   H N N 135 
HIS HA   H N N 136 
HIS HB2  H N N 137 
HIS HB3  H N N 138 
HIS HD1  H N N 139 
HIS HD2  H N N 140 
HIS HE1  H N N 141 
HIS HE2  H N N 142 
HIS HXT  H N N 143 
HOH O    O N N 144 
HOH H1   H N N 145 
HOH H2   H N N 146 
ILE N    N N N 147 
ILE CA   C N S 148 
ILE C    C N N 149 
ILE O    O N N 150 
ILE CB   C N S 151 
ILE CG1  C N N 152 
ILE CG2  C N N 153 
ILE CD1  C N N 154 
ILE OXT  O N N 155 
ILE H    H N N 156 
ILE H2   H N N 157 
ILE HA   H N N 158 
ILE HB   H N N 159 
ILE HG12 H N N 160 
ILE HG13 H N N 161 
ILE HG21 H N N 162 
ILE HG22 H N N 163 
ILE HG23 H N N 164 
ILE HD11 H N N 165 
ILE HD12 H N N 166 
ILE HD13 H N N 167 
ILE HXT  H N N 168 
LEU N    N N N 169 
LEU CA   C N S 170 
LEU C    C N N 171 
LEU O    O N N 172 
LEU CB   C N N 173 
LEU CG   C N N 174 
LEU CD1  C N N 175 
LEU CD2  C N N 176 
LEU OXT  O N N 177 
LEU H    H N N 178 
LEU H2   H N N 179 
LEU HA   H N N 180 
LEU HB2  H N N 181 
LEU HB3  H N N 182 
LEU HG   H N N 183 
LEU HD11 H N N 184 
LEU HD12 H N N 185 
LEU HD13 H N N 186 
LEU HD21 H N N 187 
LEU HD22 H N N 188 
LEU HD23 H N N 189 
LEU HXT  H N N 190 
LYS N    N N N 191 
LYS CA   C N S 192 
LYS C    C N N 193 
LYS O    O N N 194 
LYS CB   C N N 195 
LYS CG   C N N 196 
LYS CD   C N N 197 
LYS CE   C N N 198 
LYS NZ   N N N 199 
LYS OXT  O N N 200 
LYS H    H N N 201 
LYS H2   H N N 202 
LYS HA   H N N 203 
LYS HB2  H N N 204 
LYS HB3  H N N 205 
LYS HG2  H N N 206 
LYS HG3  H N N 207 
LYS HD2  H N N 208 
LYS HD3  H N N 209 
LYS HE2  H N N 210 
LYS HE3  H N N 211 
LYS HZ1  H N N 212 
LYS HZ2  H N N 213 
LYS HZ3  H N N 214 
LYS HXT  H N N 215 
MET N    N N N 216 
MET CA   C N S 217 
MET C    C N N 218 
MET O    O N N 219 
MET CB   C N N 220 
MET CG   C N N 221 
MET SD   S N N 222 
MET CE   C N N 223 
MET OXT  O N N 224 
MET H    H N N 225 
MET H2   H N N 226 
MET HA   H N N 227 
MET HB2  H N N 228 
MET HB3  H N N 229 
MET HG2  H N N 230 
MET HG3  H N N 231 
MET HE1  H N N 232 
MET HE2  H N N 233 
MET HE3  H N N 234 
MET HXT  H N N 235 
PHE N    N N N 236 
PHE CA   C N S 237 
PHE C    C N N 238 
PHE O    O N N 239 
PHE CB   C N N 240 
PHE CG   C Y N 241 
PHE CD1  C Y N 242 
PHE CD2  C Y N 243 
PHE CE1  C Y N 244 
PHE CE2  C Y N 245 
PHE CZ   C Y N 246 
PHE OXT  O N N 247 
PHE H    H N N 248 
PHE H2   H N N 249 
PHE HA   H N N 250 
PHE HB2  H N N 251 
PHE HB3  H N N 252 
PHE HD1  H N N 253 
PHE HD2  H N N 254 
PHE HE1  H N N 255 
PHE HE2  H N N 256 
PHE HZ   H N N 257 
PHE HXT  H N N 258 
PRO N    N N N 259 
PRO CA   C N S 260 
PRO C    C N N 261 
PRO O    O N N 262 
PRO CB   C N N 263 
PRO CG   C N N 264 
PRO CD   C N N 265 
PRO OXT  O N N 266 
PRO H    H N N 267 
PRO HA   H N N 268 
PRO HB2  H N N 269 
PRO HB3  H N N 270 
PRO HG2  H N N 271 
PRO HG3  H N N 272 
PRO HD2  H N N 273 
PRO HD3  H N N 274 
PRO HXT  H N N 275 
SER N    N N N 276 
SER CA   C N S 277 
SER C    C N N 278 
SER O    O N N 279 
SER CB   C N N 280 
SER OG   O N N 281 
SER OXT  O N N 282 
SER H    H N N 283 
SER H2   H N N 284 
SER HA   H N N 285 
SER HB2  H N N 286 
SER HB3  H N N 287 
SER HG   H N N 288 
SER HXT  H N N 289 
SO4 S    S N N 290 
SO4 O1   O N N 291 
SO4 O2   O N N 292 
SO4 O3   O N N 293 
SO4 O4   O N N 294 
THR N    N N N 295 
THR CA   C N S 296 
THR C    C N N 297 
THR O    O N N 298 
THR CB   C N R 299 
THR OG1  O N N 300 
THR CG2  C N N 301 
THR OXT  O N N 302 
THR H    H N N 303 
THR H2   H N N 304 
THR HA   H N N 305 
THR HB   H N N 306 
THR HG1  H N N 307 
THR HG21 H N N 308 
THR HG22 H N N 309 
THR HG23 H N N 310 
THR HXT  H N N 311 
VAL N    N N N 312 
VAL CA   C N S 313 
VAL C    C N N 314 
VAL O    O N N 315 
VAL CB   C N N 316 
VAL CG1  C N N 317 
VAL CG2  C N N 318 
VAL OXT  O N N 319 
VAL H    H N N 320 
VAL H2   H N N 321 
VAL HA   H N N 322 
VAL HB   H N N 323 
VAL HG11 H N N 324 
VAL HG12 H N N 325 
VAL HG13 H N N 326 
VAL HG21 H N N 327 
VAL HG22 H N N 328 
VAL HG23 H N N 329 
VAL HXT  H N N 330 
# 
loop_
_chem_comp_bond.comp_id 
_chem_comp_bond.atom_id_1 
_chem_comp_bond.atom_id_2 
_chem_comp_bond.value_order 
_chem_comp_bond.pdbx_aromatic_flag 
_chem_comp_bond.pdbx_stereo_config 
_chem_comp_bond.pdbx_ordinal 
ALA N   CA   sing N N 1   
ALA N   H    sing N N 2   
ALA N   H2   sing N N 3   
ALA CA  C    sing N N 4   
ALA CA  CB   sing N N 5   
ALA CA  HA   sing N N 6   
ALA C   O    doub N N 7   
ALA C   OXT  sing N N 8   
ALA CB  HB1  sing N N 9   
ALA CB  HB2  sing N N 10  
ALA CB  HB3  sing N N 11  
ALA OXT HXT  sing N N 12  
ARG N   CA   sing N N 13  
ARG N   H    sing N N 14  
ARG N   H2   sing N N 15  
ARG CA  C    sing N N 16  
ARG CA  CB   sing N N 17  
ARG CA  HA   sing N N 18  
ARG C   O    doub N N 19  
ARG C   OXT  sing N N 20  
ARG CB  CG   sing N N 21  
ARG CB  HB2  sing N N 22  
ARG CB  HB3  sing N N 23  
ARG CG  CD   sing N N 24  
ARG CG  HG2  sing N N 25  
ARG CG  HG3  sing N N 26  
ARG CD  NE   sing N N 27  
ARG CD  HD2  sing N N 28  
ARG CD  HD3  sing N N 29  
ARG NE  CZ   sing N N 30  
ARG NE  HE   sing N N 31  
ARG CZ  NH1  sing N N 32  
ARG CZ  NH2  doub N N 33  
ARG NH1 HH11 sing N N 34  
ARG NH1 HH12 sing N N 35  
ARG NH2 HH21 sing N N 36  
ARG NH2 HH22 sing N N 37  
ARG OXT HXT  sing N N 38  
ASN N   CA   sing N N 39  
ASN N   H    sing N N 40  
ASN N   H2   sing N N 41  
ASN CA  C    sing N N 42  
ASN CA  CB   sing N N 43  
ASN CA  HA   sing N N 44  
ASN C   O    doub N N 45  
ASN C   OXT  sing N N 46  
ASN CB  CG   sing N N 47  
ASN CB  HB2  sing N N 48  
ASN CB  HB3  sing N N 49  
ASN CG  OD1  doub N N 50  
ASN CG  ND2  sing N N 51  
ASN ND2 HD21 sing N N 52  
ASN ND2 HD22 sing N N 53  
ASN OXT HXT  sing N N 54  
ASP N   CA   sing N N 55  
ASP N   H    sing N N 56  
ASP N   H2   sing N N 57  
ASP CA  C    sing N N 58  
ASP CA  CB   sing N N 59  
ASP CA  HA   sing N N 60  
ASP C   O    doub N N 61  
ASP C   OXT  sing N N 62  
ASP CB  CG   sing N N 63  
ASP CB  HB2  sing N N 64  
ASP CB  HB3  sing N N 65  
ASP CG  OD1  doub N N 66  
ASP CG  OD2  sing N N 67  
ASP OD2 HD2  sing N N 68  
ASP OXT HXT  sing N N 69  
GLN N   CA   sing N N 70  
GLN N   H    sing N N 71  
GLN N   H2   sing N N 72  
GLN CA  C    sing N N 73  
GLN CA  CB   sing N N 74  
GLN CA  HA   sing N N 75  
GLN C   O    doub N N 76  
GLN C   OXT  sing N N 77  
GLN CB  CG   sing N N 78  
GLN CB  HB2  sing N N 79  
GLN CB  HB3  sing N N 80  
GLN CG  CD   sing N N 81  
GLN CG  HG2  sing N N 82  
GLN CG  HG3  sing N N 83  
GLN CD  OE1  doub N N 84  
GLN CD  NE2  sing N N 85  
GLN NE2 HE21 sing N N 86  
GLN NE2 HE22 sing N N 87  
GLN OXT HXT  sing N N 88  
GLU N   CA   sing N N 89  
GLU N   H    sing N N 90  
GLU N   H2   sing N N 91  
GLU CA  C    sing N N 92  
GLU CA  CB   sing N N 93  
GLU CA  HA   sing N N 94  
GLU C   O    doub N N 95  
GLU C   OXT  sing N N 96  
GLU CB  CG   sing N N 97  
GLU CB  HB2  sing N N 98  
GLU CB  HB3  sing N N 99  
GLU CG  CD   sing N N 100 
GLU CG  HG2  sing N N 101 
GLU CG  HG3  sing N N 102 
GLU CD  OE1  doub N N 103 
GLU CD  OE2  sing N N 104 
GLU OE2 HE2  sing N N 105 
GLU OXT HXT  sing N N 106 
GLY N   CA   sing N N 107 
GLY N   H    sing N N 108 
GLY N   H2   sing N N 109 
GLY CA  C    sing N N 110 
GLY CA  HA2  sing N N 111 
GLY CA  HA3  sing N N 112 
GLY C   O    doub N N 113 
GLY C   OXT  sing N N 114 
GLY OXT HXT  sing N N 115 
HIS N   CA   sing N N 116 
HIS N   H    sing N N 117 
HIS N   H2   sing N N 118 
HIS CA  C    sing N N 119 
HIS CA  CB   sing N N 120 
HIS CA  HA   sing N N 121 
HIS C   O    doub N N 122 
HIS C   OXT  sing N N 123 
HIS CB  CG   sing N N 124 
HIS CB  HB2  sing N N 125 
HIS CB  HB3  sing N N 126 
HIS CG  ND1  sing Y N 127 
HIS CG  CD2  doub Y N 128 
HIS ND1 CE1  doub Y N 129 
HIS ND1 HD1  sing N N 130 
HIS CD2 NE2  sing Y N 131 
HIS CD2 HD2  sing N N 132 
HIS CE1 NE2  sing Y N 133 
HIS CE1 HE1  sing N N 134 
HIS NE2 HE2  sing N N 135 
HIS OXT HXT  sing N N 136 
HOH O   H1   sing N N 137 
HOH O   H2   sing N N 138 
ILE N   CA   sing N N 139 
ILE N   H    sing N N 140 
ILE N   H2   sing N N 141 
ILE CA  C    sing N N 142 
ILE CA  CB   sing N N 143 
ILE CA  HA   sing N N 144 
ILE C   O    doub N N 145 
ILE C   OXT  sing N N 146 
ILE CB  CG1  sing N N 147 
ILE CB  CG2  sing N N 148 
ILE CB  HB   sing N N 149 
ILE CG1 CD1  sing N N 150 
ILE CG1 HG12 sing N N 151 
ILE CG1 HG13 sing N N 152 
ILE CG2 HG21 sing N N 153 
ILE CG2 HG22 sing N N 154 
ILE CG2 HG23 sing N N 155 
ILE CD1 HD11 sing N N 156 
ILE CD1 HD12 sing N N 157 
ILE CD1 HD13 sing N N 158 
ILE OXT HXT  sing N N 159 
LEU N   CA   sing N N 160 
LEU N   H    sing N N 161 
LEU N   H2   sing N N 162 
LEU CA  C    sing N N 163 
LEU CA  CB   sing N N 164 
LEU CA  HA   sing N N 165 
LEU C   O    doub N N 166 
LEU C   OXT  sing N N 167 
LEU CB  CG   sing N N 168 
LEU CB  HB2  sing N N 169 
LEU CB  HB3  sing N N 170 
LEU CG  CD1  sing N N 171 
LEU CG  CD2  sing N N 172 
LEU CG  HG   sing N N 173 
LEU CD1 HD11 sing N N 174 
LEU CD1 HD12 sing N N 175 
LEU CD1 HD13 sing N N 176 
LEU CD2 HD21 sing N N 177 
LEU CD2 HD22 sing N N 178 
LEU CD2 HD23 sing N N 179 
LEU OXT HXT  sing N N 180 
LYS N   CA   sing N N 181 
LYS N   H    sing N N 182 
LYS N   H2   sing N N 183 
LYS CA  C    sing N N 184 
LYS CA  CB   sing N N 185 
LYS CA  HA   sing N N 186 
LYS C   O    doub N N 187 
LYS C   OXT  sing N N 188 
LYS CB  CG   sing N N 189 
LYS CB  HB2  sing N N 190 
LYS CB  HB3  sing N N 191 
LYS CG  CD   sing N N 192 
LYS CG  HG2  sing N N 193 
LYS CG  HG3  sing N N 194 
LYS CD  CE   sing N N 195 
LYS CD  HD2  sing N N 196 
LYS CD  HD3  sing N N 197 
LYS CE  NZ   sing N N 198 
LYS CE  HE2  sing N N 199 
LYS CE  HE3  sing N N 200 
LYS NZ  HZ1  sing N N 201 
LYS NZ  HZ2  sing N N 202 
LYS NZ  HZ3  sing N N 203 
LYS OXT HXT  sing N N 204 
MET N   CA   sing N N 205 
MET N   H    sing N N 206 
MET N   H2   sing N N 207 
MET CA  C    sing N N 208 
MET CA  CB   sing N N 209 
MET CA  HA   sing N N 210 
MET C   O    doub N N 211 
MET C   OXT  sing N N 212 
MET CB  CG   sing N N 213 
MET CB  HB2  sing N N 214 
MET CB  HB3  sing N N 215 
MET CG  SD   sing N N 216 
MET CG  HG2  sing N N 217 
MET CG  HG3  sing N N 218 
MET SD  CE   sing N N 219 
MET CE  HE1  sing N N 220 
MET CE  HE2  sing N N 221 
MET CE  HE3  sing N N 222 
MET OXT HXT  sing N N 223 
PHE N   CA   sing N N 224 
PHE N   H    sing N N 225 
PHE N   H2   sing N N 226 
PHE CA  C    sing N N 227 
PHE CA  CB   sing N N 228 
PHE CA  HA   sing N N 229 
PHE C   O    doub N N 230 
PHE C   OXT  sing N N 231 
PHE CB  CG   sing N N 232 
PHE CB  HB2  sing N N 233 
PHE CB  HB3  sing N N 234 
PHE CG  CD1  doub Y N 235 
PHE CG  CD2  sing Y N 236 
PHE CD1 CE1  sing Y N 237 
PHE CD1 HD1  sing N N 238 
PHE CD2 CE2  doub Y N 239 
PHE CD2 HD2  sing N N 240 
PHE CE1 CZ   doub Y N 241 
PHE CE1 HE1  sing N N 242 
PHE CE2 CZ   sing Y N 243 
PHE CE2 HE2  sing N N 244 
PHE CZ  HZ   sing N N 245 
PHE OXT HXT  sing N N 246 
PRO N   CA   sing N N 247 
PRO N   CD   sing N N 248 
PRO N   H    sing N N 249 
PRO CA  C    sing N N 250 
PRO CA  CB   sing N N 251 
PRO CA  HA   sing N N 252 
PRO C   O    doub N N 253 
PRO C   OXT  sing N N 254 
PRO CB  CG   sing N N 255 
PRO CB  HB2  sing N N 256 
PRO CB  HB3  sing N N 257 
PRO CG  CD   sing N N 258 
PRO CG  HG2  sing N N 259 
PRO CG  HG3  sing N N 260 
PRO CD  HD2  sing N N 261 
PRO CD  HD3  sing N N 262 
PRO OXT HXT  sing N N 263 
SER N   CA   sing N N 264 
SER N   H    sing N N 265 
SER N   H2   sing N N 266 
SER CA  C    sing N N 267 
SER CA  CB   sing N N 268 
SER CA  HA   sing N N 269 
SER C   O    doub N N 270 
SER C   OXT  sing N N 271 
SER CB  OG   sing N N 272 
SER CB  HB2  sing N N 273 
SER CB  HB3  sing N N 274 
SER OG  HG   sing N N 275 
SER OXT HXT  sing N N 276 
SO4 S   O1   doub N N 277 
SO4 S   O2   doub N N 278 
SO4 S   O3   sing N N 279 
SO4 S   O4   sing N N 280 
THR N   CA   sing N N 281 
THR N   H    sing N N 282 
THR N   H2   sing N N 283 
THR CA  C    sing N N 284 
THR CA  CB   sing N N 285 
THR CA  HA   sing N N 286 
THR C   O    doub N N 287 
THR C   OXT  sing N N 288 
THR CB  OG1  sing N N 289 
THR CB  CG2  sing N N 290 
THR CB  HB   sing N N 291 
THR OG1 HG1  sing N N 292 
THR CG2 HG21 sing N N 293 
THR CG2 HG22 sing N N 294 
THR CG2 HG23 sing N N 295 
THR OXT HXT  sing N N 296 
VAL N   CA   sing N N 297 
VAL N   H    sing N N 298 
VAL N   H2   sing N N 299 
VAL CA  C    sing N N 300 
VAL CA  CB   sing N N 301 
VAL CA  HA   sing N N 302 
VAL C   O    doub N N 303 
VAL C   OXT  sing N N 304 
VAL CB  CG1  sing N N 305 
VAL CB  CG2  sing N N 306 
VAL CB  HB   sing N N 307 
VAL CG1 HG11 sing N N 308 
VAL CG1 HG12 sing N N 309 
VAL CG1 HG13 sing N N 310 
VAL CG2 HG21 sing N N 311 
VAL CG2 HG22 sing N N 312 
VAL CG2 HG23 sing N N 313 
VAL OXT HXT  sing N N 314 
# 
loop_
_pdbx_audit_support.funding_organization 
_pdbx_audit_support.country 
_pdbx_audit_support.grant_number 
_pdbx_audit_support.ordinal 
'National Natural Science Foundation of China' China 31871394     1 
'National Natural Science Foundation of China' China 31670730     2 
'National Natural Science Foundation of China' China 31422015     3 
'Ministry of Science and Technology (China)'   China 2014CB910201 4 
# 
loop_
_pdbx_entity_nonpoly.entity_id 
_pdbx_entity_nonpoly.name 
_pdbx_entity_nonpoly.comp_id 
3 'SULFATE ION' SO4 
4 water         HOH 
# 
_pdbx_initial_refinement_model.id               1 
_pdbx_initial_refinement_model.entity_id_list   ? 
_pdbx_initial_refinement_model.type             'experimental model' 
_pdbx_initial_refinement_model.source_name      PDB 
_pdbx_initial_refinement_model.accession_code   2K1Z 
_pdbx_initial_refinement_model.details          ? 
# 
_pdbx_struct_assembly_auth_evidence.id                     1 
_pdbx_struct_assembly_auth_evidence.assembly_id            1 
_pdbx_struct_assembly_auth_evidence.experimental_support   immunoprecipitation 
_pdbx_struct_assembly_auth_evidence.details                ? 
# 
